data_8K9H
#
_entry.id   8K9H
#
_cell.length_a   166.518
_cell.length_b   166.518
_cell.length_c   191.377
_cell.angle_alpha   90.00
_cell.angle_beta   90.00
_cell.angle_gamma   120.00
#
_symmetry.space_group_name_H-M   'P 65'
#
loop_
_entity.id
_entity.type
_entity.pdbx_description
1 polymer 'Butyrate-acetoacetate CoA-transferase subunit B'
2 polymer 'Acetoacetate:butyrate/acetate coenzyme A transferase'
3 non-polymer 'SULFATE ION'
4 water water
#
loop_
_entity_poly.entity_id
_entity_poly.type
_entity_poly.pdbx_seq_one_letter_code
_entity_poly.pdbx_strand_id
1 'polypeptide(L)'
;MGMEMDKNLVREVIAKRVAQEFHDGYVVNLGIGLPTLVANYVGDMDVIFQSENGCIGVGPAPEKGKEDPYLVNAGAGFIT
AAKGAMFFDSAYSFGIIRGGHVDATVLGALEVDEKGNLANWMIPGKKVPGMGGAMDLVVGAKKVIVAMEHTSNGAIKILK
ECKLPLTAVGVVDLIITEKAVFEVTDKGLVLKEITPYSSLEDIKATTAADFIIADDLKK
;
A,C,E,G
2 'polypeptide(L)'
;MGHHHHHHMKQKIVSMEEAISHVKDGMTVHIGGFIACGTPESIITALIEKGVKDLTIVANDTGLIDKGIGRLVVNNQVKK
VIASHIGTNPETGRRMQSGEMEVELVPQGTLAERVRAAGYGLGGILTPTGLGTIVQEGKQIINVDGKDYLLEKPIKADVA
LIFGTKVDELGNVICEKTTKNFNPLMATAADVVIVEALEIVPAGSLSPEHLDISRIFIDYIVKSK
;
B,D,F,H
#
# COMPACT_ATOMS: atom_id res chain seq x y z
N MET A 3 -6.61 -34.79 -40.07
CA MET A 3 -5.26 -34.63 -40.60
C MET A 3 -4.89 -33.13 -40.65
N GLU A 4 -3.93 -32.72 -39.81
CA GLU A 4 -3.60 -31.31 -39.65
C GLU A 4 -3.39 -30.62 -40.98
N MET A 5 -4.01 -29.45 -41.15
CA MET A 5 -3.95 -28.69 -42.39
C MET A 5 -2.51 -28.25 -42.69
N ASP A 6 -2.34 -27.70 -43.89
CA ASP A 6 -1.06 -27.13 -44.30
C ASP A 6 -0.82 -25.81 -43.58
N LYS A 7 0.28 -25.73 -42.82
CA LYS A 7 0.55 -24.56 -41.97
C LYS A 7 0.47 -23.25 -42.76
N ASN A 8 1.15 -23.16 -43.91
CA ASN A 8 1.15 -21.89 -44.61
C ASN A 8 -0.25 -21.51 -45.08
N LEU A 9 -1.16 -22.48 -45.18
CA LEU A 9 -2.55 -22.17 -45.58
C LEU A 9 -3.42 -21.75 -44.39
N VAL A 10 -3.25 -22.41 -43.24
CA VAL A 10 -3.91 -21.98 -42.00
C VAL A 10 -3.60 -20.53 -41.72
N ARG A 11 -2.31 -20.18 -41.67
CA ARG A 11 -1.91 -18.80 -41.43
C ARG A 11 -2.57 -17.82 -42.38
N GLU A 12 -2.84 -18.22 -43.63
CA GLU A 12 -3.40 -17.30 -44.61
C GLU A 12 -4.91 -17.14 -44.48
N VAL A 13 -5.62 -18.23 -44.17
CA VAL A 13 -7.05 -18.14 -43.86
C VAL A 13 -7.28 -17.13 -42.76
N ILE A 14 -6.50 -17.23 -41.68
CA ILE A 14 -6.62 -16.33 -40.54
C ILE A 14 -6.22 -14.91 -40.94
N ALA A 15 -5.01 -14.72 -41.44
CA ALA A 15 -4.52 -13.39 -41.74
C ALA A 15 -5.48 -12.62 -42.65
N LYS A 16 -6.06 -13.29 -43.66
CA LYS A 16 -6.97 -12.62 -44.59
C LYS A 16 -8.29 -12.25 -43.91
N ARG A 17 -8.73 -13.04 -42.92
CA ARG A 17 -9.96 -12.71 -42.21
C ARG A 17 -9.76 -11.63 -41.15
N VAL A 18 -8.59 -11.57 -40.51
CA VAL A 18 -8.30 -10.47 -39.59
C VAL A 18 -8.38 -9.15 -40.32
N ALA A 19 -7.89 -9.10 -41.56
CA ALA A 19 -7.78 -7.83 -42.25
C ALA A 19 -9.14 -7.19 -42.53
N GLN A 20 -10.23 -7.96 -42.49
CA GLN A 20 -11.55 -7.36 -42.67
C GLN A 20 -12.00 -6.60 -41.44
N GLU A 21 -11.38 -6.84 -40.29
CA GLU A 21 -11.76 -6.16 -39.06
C GLU A 21 -11.28 -4.72 -38.99
N PHE A 22 -10.51 -4.26 -39.97
CA PHE A 22 -9.95 -2.92 -39.98
C PHE A 22 -10.86 -1.98 -40.76
N HIS A 23 -10.59 -0.68 -40.63
CA HIS A 23 -11.29 0.36 -41.37
C HIS A 23 -10.31 1.47 -41.68
N ASP A 24 -10.68 2.37 -42.58
CA ASP A 24 -9.74 3.43 -42.95
C ASP A 24 -9.40 4.26 -41.72
N GLY A 25 -8.10 4.54 -41.55
CA GLY A 25 -7.62 5.32 -40.43
C GLY A 25 -7.37 4.55 -39.16
N TYR A 26 -7.65 3.24 -39.13
CA TYR A 26 -7.36 2.43 -37.95
C TYR A 26 -5.87 2.45 -37.61
N VAL A 27 -5.57 2.59 -36.34
CA VAL A 27 -4.21 2.38 -35.86
C VAL A 27 -4.12 0.93 -35.40
N VAL A 28 -3.15 0.19 -35.91
CA VAL A 28 -3.07 -1.24 -35.67
C VAL A 28 -1.69 -1.63 -35.18
N ASN A 29 -1.65 -2.47 -34.14
CA ASN A 29 -0.42 -3.14 -33.71
C ASN A 29 -0.54 -4.63 -34.01
N LEU A 30 0.43 -5.16 -34.75
CA LEU A 30 0.48 -6.58 -35.12
C LEU A 30 1.60 -7.27 -34.34
N GLY A 31 1.26 -8.32 -33.59
CA GLY A 31 2.27 -9.05 -32.87
C GLY A 31 3.13 -9.90 -33.78
N ILE A 32 4.36 -10.19 -33.31
CA ILE A 32 5.28 -11.04 -34.09
C ILE A 32 4.69 -12.43 -34.27
N GLY A 33 4.82 -12.98 -35.47
CA GLY A 33 4.32 -14.31 -35.79
C GLY A 33 3.24 -14.26 -36.86
N LEU A 34 2.24 -15.16 -36.73
CA LEU A 34 1.09 -15.14 -37.63
C LEU A 34 0.47 -13.76 -37.82
N PRO A 35 0.36 -12.89 -36.81
CA PRO A 35 -0.26 -11.58 -37.04
C PRO A 35 0.49 -10.71 -38.02
N THR A 36 1.78 -10.92 -38.24
CA THR A 36 2.49 -10.06 -39.17
C THR A 36 2.01 -10.25 -40.61
N LEU A 37 1.49 -11.44 -40.94
CA LEU A 37 1.07 -11.70 -42.30
C LEU A 37 -0.10 -10.80 -42.68
N VAL A 38 -0.93 -10.43 -41.71
CA VAL A 38 -2.11 -9.58 -41.86
C VAL A 38 -1.83 -8.32 -42.69
N ALA A 39 -0.57 -7.93 -42.79
CA ALA A 39 -0.23 -6.73 -43.56
C ALA A 39 -0.21 -6.97 -45.07
N ASN A 40 0.02 -8.22 -45.53
CA ASN A 40 -0.08 -8.53 -46.96
C ASN A 40 -1.50 -8.49 -47.49
N TYR A 41 -2.50 -8.34 -46.61
CA TYR A 41 -3.88 -8.47 -47.00
C TYR A 41 -4.70 -7.23 -46.69
N VAL A 42 -4.08 -6.17 -46.15
CA VAL A 42 -4.83 -4.94 -45.89
C VAL A 42 -4.99 -4.09 -47.13
N GLY A 43 -4.13 -4.27 -48.13
CA GLY A 43 -4.26 -3.51 -49.36
C GLY A 43 -4.26 -2.03 -49.11
N ASP A 44 -5.19 -1.33 -49.78
CA ASP A 44 -5.31 0.13 -49.73
C ASP A 44 -6.37 0.54 -48.70
N MET A 45 -6.28 -0.02 -47.49
CA MET A 45 -7.29 0.21 -46.47
C MET A 45 -6.99 1.41 -45.59
N ASP A 46 -5.85 2.07 -45.80
CA ASP A 46 -5.48 3.30 -45.08
C ASP A 46 -5.15 3.04 -43.62
N VAL A 47 -4.69 1.83 -43.33
CA VAL A 47 -4.32 1.43 -41.97
C VAL A 47 -2.98 2.04 -41.60
N ILE A 48 -2.83 2.44 -40.33
CA ILE A 48 -1.59 3.00 -39.79
C ILE A 48 -1.03 2.04 -38.74
N PHE A 49 0.15 1.50 -39.01
CA PHE A 49 0.72 0.47 -38.15
C PHE A 49 1.65 1.06 -37.09
N GLN A 50 1.54 0.53 -35.89
CA GLN A 50 2.33 0.99 -34.76
C GLN A 50 3.22 -0.15 -34.31
N SER A 51 4.50 0.11 -34.12
CA SER A 51 5.38 -0.84 -33.47
C SER A 51 5.85 -0.28 -32.13
N GLU A 52 5.69 -1.11 -31.08
CA GLU A 52 6.02 -0.84 -29.69
C GLU A 52 7.32 -0.07 -29.50
N ASN A 53 8.35 -0.36 -30.31
CA ASN A 53 9.67 0.24 -30.11
C ASN A 53 9.75 1.68 -30.59
N GLY A 54 8.69 2.21 -31.19
CA GLY A 54 8.59 3.64 -31.25
C GLY A 54 8.22 4.25 -32.58
N CYS A 55 7.65 3.48 -33.49
CA CYS A 55 7.20 4.04 -34.76
C CYS A 55 5.69 4.05 -34.81
N ILE A 56 5.12 5.18 -35.21
CA ILE A 56 3.73 5.24 -35.70
C ILE A 56 3.79 5.52 -37.20
N GLY A 57 3.05 4.74 -37.98
CA GLY A 57 3.19 4.75 -39.42
C GLY A 57 4.32 3.89 -39.96
N VAL A 58 4.32 2.62 -39.57
CA VAL A 58 5.34 1.67 -40.01
C VAL A 58 5.15 1.35 -41.49
N GLY A 59 6.21 1.50 -42.28
CA GLY A 59 6.18 1.16 -43.68
C GLY A 59 6.74 -0.21 -43.95
N PRO A 60 6.69 -0.65 -45.21
CA PRO A 60 7.17 -2.00 -45.54
C PRO A 60 8.69 -2.05 -45.52
N ALA A 61 9.20 -3.28 -45.55
CA ALA A 61 10.63 -3.50 -45.41
C ALA A 61 11.39 -2.81 -46.55
N PRO A 62 12.62 -2.35 -46.30
CA PRO A 62 13.40 -1.75 -47.38
C PRO A 62 14.01 -2.82 -48.27
N GLU A 63 14.40 -2.39 -49.46
CA GLU A 63 15.05 -3.27 -50.44
C GLU A 63 16.56 -3.22 -50.25
N LYS A 64 17.20 -4.40 -50.17
CA LYS A 64 18.67 -4.53 -50.03
C LYS A 64 19.28 -3.62 -48.94
N GLU A 67 18.32 -0.58 -46.32
CA GLU A 67 18.25 -1.49 -45.17
C GLU A 67 18.97 -0.85 -43.97
N ASP A 68 18.21 -0.02 -43.23
CA ASP A 68 18.73 0.78 -42.12
C ASP A 68 18.63 0.00 -40.82
N PRO A 69 19.72 -0.22 -40.10
CA PRO A 69 19.63 -0.93 -38.82
C PRO A 69 19.22 -0.06 -37.64
N TYR A 70 19.10 1.25 -37.82
CA TYR A 70 18.60 2.17 -36.81
C TYR A 70 17.11 2.41 -36.92
N LEU A 71 16.42 1.66 -37.77
CA LEU A 71 14.98 1.80 -37.98
C LEU A 71 14.42 0.40 -38.19
N VAL A 72 13.90 -0.21 -37.12
CA VAL A 72 13.36 -1.57 -37.15
C VAL A 72 12.01 -1.59 -36.43
N ASN A 73 11.45 -2.78 -36.29
CA ASN A 73 10.16 -2.98 -35.67
C ASN A 73 10.33 -3.72 -34.34
N ALA A 74 9.19 -4.11 -33.74
CA ALA A 74 9.20 -4.72 -32.43
C ALA A 74 9.86 -6.09 -32.42
N GLY A 75 10.23 -6.59 -33.58
CA GLY A 75 10.90 -7.88 -33.66
C GLY A 75 12.20 -7.77 -34.44
N ALA A 76 12.84 -6.60 -34.38
CA ALA A 76 14.20 -6.36 -34.85
C ALA A 76 14.36 -6.35 -36.37
N GLY A 77 13.31 -6.59 -37.15
CA GLY A 77 13.45 -6.61 -38.61
C GLY A 77 13.43 -5.21 -39.22
N PHE A 78 14.11 -5.07 -40.37
CA PHE A 78 14.22 -3.77 -41.02
C PHE A 78 12.88 -3.29 -41.57
N ILE A 79 12.58 -2.02 -41.31
CA ILE A 79 11.36 -1.37 -41.77
C ILE A 79 11.74 -0.01 -42.39
N THR A 80 10.70 0.70 -42.84
CA THR A 80 10.84 2.06 -43.37
C THR A 80 9.71 2.89 -42.80
N ALA A 81 9.87 4.21 -42.91
CA ALA A 81 8.87 5.16 -42.42
C ALA A 81 7.91 5.56 -43.55
N ALA A 82 6.62 5.33 -43.34
CA ALA A 82 5.60 5.74 -44.29
C ALA A 82 5.50 7.28 -44.35
N LYS A 83 4.54 7.77 -45.12
CA LYS A 83 4.31 9.21 -45.22
C LYS A 83 3.52 9.68 -44.00
N GLY A 84 4.06 10.67 -43.29
CA GLY A 84 3.38 11.19 -42.11
C GLY A 84 3.66 10.44 -40.83
N ALA A 85 4.75 9.67 -40.79
CA ALA A 85 5.10 8.89 -39.61
C ALA A 85 5.75 9.78 -38.55
N MET A 86 5.69 9.35 -37.30
CA MET A 86 6.47 10.00 -36.25
C MET A 86 7.31 8.95 -35.56
N PHE A 87 8.43 9.41 -35.01
CA PHE A 87 9.34 8.59 -34.21
C PHE A 87 9.36 9.12 -32.78
N PHE A 88 9.33 8.20 -31.81
CA PHE A 88 9.18 8.61 -30.41
C PHE A 88 9.77 7.56 -29.47
N ASP A 89 9.95 7.97 -28.20
CA ASP A 89 10.54 7.13 -27.16
C ASP A 89 9.51 6.14 -26.62
N SER A 90 10.01 5.23 -25.78
CA SER A 90 9.19 4.12 -25.33
C SER A 90 7.98 4.57 -24.51
N ALA A 91 8.09 5.66 -23.76
CA ALA A 91 6.96 6.10 -22.95
C ALA A 91 5.83 6.65 -23.83
N TYR A 92 6.17 7.51 -24.80
CA TYR A 92 5.17 7.96 -25.76
C TYR A 92 4.53 6.78 -26.48
N SER A 93 5.34 5.79 -26.85
CA SER A 93 4.83 4.62 -27.55
C SER A 93 3.76 3.91 -26.73
N PHE A 94 3.95 3.86 -25.43
CA PHE A 94 3.00 3.12 -24.63
C PHE A 94 1.90 4.01 -24.06
N GLY A 95 2.07 5.33 -24.15
CA GLY A 95 0.93 6.20 -24.05
C GLY A 95 -0.06 5.96 -25.17
N ILE A 96 0.44 5.82 -26.39
CA ILE A 96 -0.41 5.44 -27.51
C ILE A 96 -1.09 4.11 -27.25
N ILE A 97 -0.35 3.15 -26.71
CA ILE A 97 -0.89 1.80 -26.54
C ILE A 97 -1.78 1.72 -25.32
N ARG A 98 -1.29 2.19 -24.17
CA ARG A 98 -2.04 2.01 -22.93
C ARG A 98 -3.24 2.94 -22.88
N GLY A 99 -3.18 4.08 -23.58
CA GLY A 99 -4.23 5.06 -23.52
C GLY A 99 -5.38 4.91 -24.50
N GLY A 100 -5.46 3.80 -25.23
CA GLY A 100 -6.63 3.55 -26.06
C GLY A 100 -6.56 4.12 -27.45
N HIS A 101 -5.39 4.47 -27.94
CA HIS A 101 -5.25 5.05 -29.26
C HIS A 101 -4.93 4.02 -30.33
N VAL A 102 -4.80 2.76 -29.95
CA VAL A 102 -4.65 1.67 -30.90
C VAL A 102 -6.04 1.09 -31.09
N ASP A 103 -6.51 1.06 -32.33
CA ASP A 103 -7.90 0.67 -32.58
C ASP A 103 -8.06 -0.83 -32.55
N ALA A 104 -7.08 -1.56 -33.07
CA ALA A 104 -7.06 -3.00 -32.95
C ALA A 104 -5.62 -3.46 -32.77
N THR A 105 -5.45 -4.48 -31.95
CA THR A 105 -4.19 -5.18 -31.84
C THR A 105 -4.43 -6.65 -32.13
N VAL A 106 -3.50 -7.27 -32.85
CA VAL A 106 -3.61 -8.65 -33.30
C VAL A 106 -2.50 -9.46 -32.64
N LEU A 107 -2.89 -10.59 -32.04
CA LEU A 107 -2.03 -11.34 -31.15
C LEU A 107 -2.32 -12.82 -31.31
N GLY A 108 -1.32 -13.65 -31.04
CA GLY A 108 -1.55 -15.07 -30.86
C GLY A 108 -1.90 -15.41 -29.42
N ALA A 109 -2.26 -16.66 -29.18
CA ALA A 109 -2.54 -17.10 -27.81
C ALA A 109 -2.16 -18.56 -27.63
N LEU A 110 -1.72 -18.88 -26.41
CA LEU A 110 -1.63 -20.27 -26.02
C LEU A 110 -2.98 -20.79 -25.57
N GLU A 111 -3.66 -20.02 -24.70
CA GLU A 111 -5.03 -20.30 -24.30
C GLU A 111 -5.84 -19.02 -24.34
N VAL A 112 -7.15 -19.16 -24.57
CA VAL A 112 -8.13 -18.09 -24.41
C VAL A 112 -9.36 -18.74 -23.83
N ASP A 113 -10.15 -17.96 -23.10
CA ASP A 113 -11.29 -18.57 -22.42
C ASP A 113 -12.55 -17.73 -22.60
N GLU A 114 -13.67 -18.31 -22.19
CA GLU A 114 -14.96 -17.67 -22.41
C GLU A 114 -15.09 -16.36 -21.65
N LYS A 115 -14.20 -16.06 -20.71
CA LYS A 115 -14.28 -14.76 -20.05
C LYS A 115 -13.47 -13.68 -20.75
N GLY A 116 -12.74 -14.02 -21.81
CA GLY A 116 -11.87 -13.05 -22.46
C GLY A 116 -10.48 -12.97 -21.88
N ASN A 117 -10.13 -13.86 -20.96
CA ASN A 117 -8.78 -13.97 -20.43
C ASN A 117 -7.84 -14.52 -21.48
N LEU A 118 -6.56 -14.28 -21.28
CA LEU A 118 -5.59 -14.55 -22.31
C LEU A 118 -4.36 -15.11 -21.64
N ALA A 119 -3.82 -16.20 -22.18
CA ALA A 119 -2.50 -16.69 -21.79
C ALA A 119 -1.65 -16.77 -23.04
N ASN A 120 -0.52 -16.04 -23.06
CA ASN A 120 0.26 -16.06 -24.30
C ASN A 120 1.70 -15.61 -24.13
N TRP A 121 2.24 -15.59 -22.93
CA TRP A 121 3.58 -15.07 -22.74
C TRP A 121 4.49 -16.05 -22.02
N MET A 122 3.96 -17.12 -21.43
CA MET A 122 4.71 -17.95 -20.52
C MET A 122 4.11 -19.36 -20.46
N ILE A 123 4.96 -20.38 -20.61
CA ILE A 123 4.60 -21.76 -20.27
C ILE A 123 5.54 -22.21 -19.16
N PRO A 124 5.03 -22.48 -17.95
CA PRO A 124 5.91 -22.71 -16.79
C PRO A 124 6.93 -23.82 -17.02
N GLY A 125 8.21 -23.47 -16.88
CA GLY A 125 9.30 -24.37 -17.14
C GLY A 125 9.72 -24.52 -18.58
N LYS A 126 8.85 -24.23 -19.55
CA LYS A 126 9.05 -24.58 -20.96
C LYS A 126 9.54 -23.41 -21.82
N LYS A 127 8.85 -22.27 -21.80
CA LYS A 127 9.30 -21.07 -22.52
C LYS A 127 8.88 -19.84 -21.74
N VAL A 128 9.84 -18.99 -21.38
CA VAL A 128 9.62 -17.76 -20.61
C VAL A 128 10.34 -16.60 -21.29
N PRO A 129 9.78 -16.04 -22.35
CA PRO A 129 10.45 -14.89 -23.02
C PRO A 129 10.20 -13.55 -22.36
N GLY A 130 9.17 -13.43 -21.54
CA GLY A 130 8.73 -12.14 -21.09
C GLY A 130 7.46 -11.73 -21.77
N MET A 131 6.85 -10.67 -21.26
CA MET A 131 5.59 -10.22 -21.78
C MET A 131 5.76 -9.16 -22.87
N GLY A 132 6.97 -8.62 -23.02
CA GLY A 132 7.19 -7.55 -23.98
C GLY A 132 6.16 -6.46 -23.78
N GLY A 133 5.59 -5.99 -24.89
CA GLY A 133 4.51 -5.04 -24.82
C GLY A 133 3.12 -5.64 -24.81
N ALA A 134 3.00 -6.97 -24.72
CA ALA A 134 1.70 -7.60 -24.95
C ALA A 134 0.69 -7.27 -23.86
N MET A 135 1.08 -7.29 -22.59
CA MET A 135 0.15 -6.93 -21.52
C MET A 135 -0.42 -5.54 -21.75
N ASP A 136 0.45 -4.60 -22.10
CA ASP A 136 -0.02 -3.24 -22.37
C ASP A 136 -0.90 -3.20 -23.60
N LEU A 137 -0.60 -4.02 -24.61
CA LEU A 137 -1.38 -3.99 -25.84
C LEU A 137 -2.79 -4.52 -25.62
N VAL A 138 -2.94 -5.67 -24.95
CA VAL A 138 -4.30 -6.20 -24.85
C VAL A 138 -5.13 -5.46 -23.84
N VAL A 139 -4.50 -4.72 -22.94
CA VAL A 139 -5.30 -4.01 -21.96
C VAL A 139 -5.77 -2.70 -22.53
N GLY A 140 -5.00 -2.10 -23.43
CA GLY A 140 -5.30 -0.75 -23.87
C GLY A 140 -5.94 -0.67 -25.23
N ALA A 141 -5.67 -1.67 -26.07
CA ALA A 141 -6.23 -1.69 -27.42
C ALA A 141 -7.73 -1.62 -27.38
N LYS A 142 -8.30 -0.84 -28.30
CA LYS A 142 -9.74 -0.67 -28.32
C LYS A 142 -10.41 -1.99 -28.67
N LYS A 143 -9.95 -2.66 -29.72
CA LYS A 143 -10.41 -3.99 -30.10
C LYS A 143 -9.22 -4.94 -30.04
N VAL A 144 -9.39 -6.09 -29.36
CA VAL A 144 -8.31 -7.05 -29.16
C VAL A 144 -8.63 -8.35 -29.91
N ILE A 145 -7.88 -8.63 -30.98
CA ILE A 145 -8.11 -9.79 -31.84
C ILE A 145 -7.03 -10.85 -31.59
N VAL A 146 -7.45 -12.03 -31.17
CA VAL A 146 -6.55 -13.17 -31.08
C VAL A 146 -6.64 -13.95 -32.39
N ALA A 147 -5.49 -14.08 -33.07
CA ALA A 147 -5.39 -14.73 -34.36
C ALA A 147 -4.50 -15.98 -34.19
N MET A 148 -5.12 -17.16 -34.12
CA MET A 148 -4.37 -18.35 -33.73
C MET A 148 -4.89 -19.61 -34.44
N GLU A 149 -4.00 -20.58 -34.64
CA GLU A 149 -4.42 -21.93 -34.98
C GLU A 149 -5.41 -22.41 -33.95
N HIS A 150 -6.43 -23.15 -34.40
CA HIS A 150 -7.48 -23.54 -33.45
C HIS A 150 -6.96 -24.52 -32.41
N THR A 151 -5.92 -25.28 -32.74
CA THR A 151 -5.35 -26.25 -31.81
C THR A 151 -3.84 -26.23 -31.96
N SER A 152 -3.15 -26.58 -30.89
CA SER A 152 -1.70 -26.73 -30.88
C SER A 152 -1.40 -28.23 -30.80
N ASN A 153 -0.89 -28.79 -31.90
CA ASN A 153 -0.60 -30.22 -32.03
C ASN A 153 -1.73 -31.05 -31.43
N GLY A 154 -2.96 -30.66 -31.75
CA GLY A 154 -4.14 -31.38 -31.34
C GLY A 154 -4.75 -30.95 -30.02
N ALA A 155 -4.00 -30.31 -29.13
CA ALA A 155 -4.55 -29.87 -27.85
C ALA A 155 -5.51 -28.69 -28.02
N ILE A 156 -6.54 -28.66 -27.19
CA ILE A 156 -7.55 -27.60 -27.26
C ILE A 156 -7.01 -26.34 -26.60
N LYS A 157 -7.13 -25.21 -27.30
CA LYS A 157 -6.67 -23.93 -26.78
C LYS A 157 -7.79 -23.04 -26.25
N ILE A 158 -9.02 -23.19 -26.74
CA ILE A 158 -10.16 -22.36 -26.33
C ILE A 158 -10.90 -23.07 -25.19
N LEU A 159 -10.74 -22.58 -23.96
CA LEU A 159 -11.20 -23.28 -22.77
C LEU A 159 -12.27 -22.47 -22.03
N LYS A 160 -12.88 -23.10 -21.01
CA LYS A 160 -13.83 -22.36 -20.18
C LYS A 160 -13.10 -21.36 -19.29
N GLU A 161 -12.06 -21.82 -18.58
CA GLU A 161 -11.12 -20.98 -17.84
C GLU A 161 -9.71 -21.34 -18.31
N CYS A 162 -8.87 -20.32 -18.60
CA CYS A 162 -7.46 -20.56 -18.89
C CYS A 162 -6.77 -21.27 -17.74
N LYS A 163 -5.76 -22.04 -18.07
CA LYS A 163 -4.98 -22.75 -17.08
C LYS A 163 -3.55 -22.28 -17.01
N LEU A 164 -3.04 -21.73 -18.10
CA LEU A 164 -1.70 -21.17 -18.16
C LEU A 164 -1.67 -19.80 -17.48
N PRO A 165 -0.47 -19.28 -17.25
CA PRO A 165 -0.35 -17.92 -16.69
C PRO A 165 -0.99 -16.88 -17.59
N LEU A 166 -1.79 -16.02 -16.97
CA LEU A 166 -2.51 -15.02 -17.75
C LEU A 166 -1.57 -13.97 -18.32
N THR A 167 -1.93 -13.50 -19.51
CA THR A 167 -1.41 -12.22 -20.00
C THR A 167 -2.25 -11.08 -19.46
N ALA A 168 -3.56 -11.17 -19.60
CA ALA A 168 -4.45 -10.15 -19.08
C ALA A 168 -5.81 -10.78 -18.79
N VAL A 169 -6.66 -10.01 -18.13
CA VAL A 169 -7.97 -10.49 -17.72
C VAL A 169 -9.04 -9.76 -18.54
N GLY A 170 -10.03 -10.51 -19.01
CA GLY A 170 -11.13 -9.98 -19.78
C GLY A 170 -10.83 -8.95 -20.85
N VAL A 171 -9.95 -9.27 -21.82
CA VAL A 171 -9.52 -8.29 -22.81
C VAL A 171 -9.82 -8.75 -24.22
N VAL A 172 -9.89 -10.06 -24.41
CA VAL A 172 -10.05 -10.59 -25.77
C VAL A 172 -11.44 -10.25 -26.28
N ASP A 173 -11.50 -9.60 -27.43
CA ASP A 173 -12.78 -9.28 -28.06
C ASP A 173 -13.14 -10.28 -29.15
N LEU A 174 -12.15 -10.73 -29.90
CA LEU A 174 -12.38 -11.57 -31.08
C LEU A 174 -11.35 -12.69 -31.10
N ILE A 175 -11.82 -13.92 -31.33
CA ILE A 175 -10.95 -15.06 -31.60
C ILE A 175 -11.17 -15.48 -33.05
N ILE A 176 -10.09 -15.50 -33.83
CA ILE A 176 -10.14 -15.85 -35.25
C ILE A 176 -9.20 -17.04 -35.47
N THR A 177 -9.76 -18.15 -35.92
CA THR A 177 -8.98 -19.32 -36.28
C THR A 177 -9.28 -19.70 -37.71
N GLU A 178 -8.65 -20.79 -38.15
CA GLU A 178 -8.97 -21.38 -39.46
C GLU A 178 -10.30 -22.11 -39.43
N LYS A 179 -10.81 -22.45 -38.26
CA LYS A 179 -12.11 -23.09 -38.15
C LYS A 179 -13.24 -22.07 -38.02
N ALA A 180 -13.06 -21.06 -37.16
CA ALA A 180 -14.18 -20.30 -36.65
C ALA A 180 -13.79 -18.86 -36.40
N VAL A 181 -14.80 -18.05 -36.13
CA VAL A 181 -14.65 -16.71 -35.57
C VAL A 181 -15.60 -16.62 -34.39
N PHE A 182 -15.05 -16.42 -33.19
CA PHE A 182 -15.85 -16.23 -31.99
C PHE A 182 -15.83 -14.76 -31.59
N GLU A 183 -16.95 -14.29 -31.04
CA GLU A 183 -16.97 -13.01 -30.34
C GLU A 183 -17.04 -13.29 -28.85
N VAL A 184 -16.25 -12.54 -28.08
CA VAL A 184 -16.33 -12.60 -26.62
C VAL A 184 -17.24 -11.47 -26.16
N THR A 185 -18.33 -11.85 -25.50
CA THR A 185 -19.32 -10.93 -24.93
C THR A 185 -19.46 -11.23 -23.45
N ASP A 186 -20.34 -10.46 -22.81
CA ASP A 186 -20.54 -10.56 -21.36
C ASP A 186 -21.07 -11.93 -20.96
N LYS A 187 -21.89 -12.58 -21.80
CA LYS A 187 -22.50 -13.86 -21.46
C LYS A 187 -21.63 -15.06 -21.83
N GLY A 188 -20.69 -14.90 -22.74
CA GLY A 188 -19.76 -15.97 -23.05
C GLY A 188 -19.22 -15.82 -24.47
N LEU A 189 -18.83 -16.95 -25.05
CA LEU A 189 -18.45 -16.95 -26.46
C LEU A 189 -19.67 -17.10 -27.36
N VAL A 190 -19.60 -16.45 -28.51
CA VAL A 190 -20.66 -16.46 -29.51
C VAL A 190 -20.01 -16.79 -30.86
N LEU A 191 -20.38 -17.94 -31.41
CA LEU A 191 -19.85 -18.36 -32.71
C LEU A 191 -20.43 -17.44 -33.77
N LYS A 192 -19.61 -16.57 -34.35
CA LYS A 192 -20.08 -15.66 -35.38
C LYS A 192 -19.87 -16.18 -36.81
N GLU A 193 -18.90 -17.08 -37.05
CA GLU A 193 -18.58 -17.57 -38.39
C GLU A 193 -18.06 -19.01 -38.34
N ILE A 194 -18.30 -19.75 -39.41
CA ILE A 194 -17.75 -21.08 -39.62
C ILE A 194 -17.11 -21.11 -41.00
N THR A 195 -15.83 -21.49 -41.06
CA THR A 195 -15.11 -21.41 -42.32
C THR A 195 -15.36 -22.64 -43.19
N PRO A 196 -15.07 -22.54 -44.48
CA PRO A 196 -15.14 -23.73 -45.35
C PRO A 196 -14.30 -24.89 -44.86
N TYR A 197 -13.33 -24.67 -43.97
CA TYR A 197 -12.43 -25.73 -43.56
C TYR A 197 -12.91 -26.49 -42.33
N SER A 198 -14.04 -26.10 -41.75
CA SER A 198 -14.55 -26.78 -40.58
C SER A 198 -16.07 -26.79 -40.61
N SER A 199 -16.65 -27.36 -39.57
CA SER A 199 -18.08 -27.55 -39.41
C SER A 199 -18.47 -27.20 -37.99
N LEU A 200 -19.77 -27.06 -37.75
CA LEU A 200 -20.23 -26.82 -36.38
C LEU A 200 -19.83 -27.98 -35.47
N GLU A 201 -20.03 -29.23 -35.93
CA GLU A 201 -19.67 -30.38 -35.10
C GLU A 201 -18.17 -30.45 -34.90
N ASP A 202 -17.39 -29.99 -35.89
CA ASP A 202 -15.94 -29.94 -35.74
C ASP A 202 -15.54 -28.91 -34.69
N ILE A 203 -16.01 -27.67 -34.86
CA ILE A 203 -15.75 -26.64 -33.85
C ILE A 203 -16.16 -27.16 -32.48
N LYS A 204 -17.35 -27.75 -32.38
CA LYS A 204 -17.84 -28.16 -31.07
C LYS A 204 -16.90 -29.16 -30.42
N ALA A 205 -16.21 -29.97 -31.22
CA ALA A 205 -15.35 -31.01 -30.66
C ALA A 205 -13.91 -30.57 -30.48
N THR A 206 -13.52 -29.41 -31.05
CA THR A 206 -12.20 -28.85 -30.84
C THR A 206 -12.25 -27.57 -30.01
N THR A 207 -13.38 -27.32 -29.34
CA THR A 207 -13.55 -26.17 -28.46
C THR A 207 -14.07 -26.68 -27.13
N ALA A 208 -13.34 -26.42 -26.06
CA ALA A 208 -13.78 -26.85 -24.73
C ALA A 208 -14.81 -25.90 -24.13
N ALA A 209 -14.74 -24.62 -24.43
CA ALA A 209 -15.71 -23.69 -23.85
C ALA A 209 -17.11 -23.92 -24.42
N ASP A 210 -18.11 -23.66 -23.58
CA ASP A 210 -19.46 -23.55 -24.12
C ASP A 210 -19.57 -22.24 -24.89
N PHE A 211 -20.48 -22.21 -25.88
CA PHE A 211 -20.74 -20.98 -26.62
C PHE A 211 -22.15 -20.99 -27.17
N ILE A 212 -22.62 -19.84 -27.65
CA ILE A 212 -23.90 -19.77 -28.33
C ILE A 212 -23.65 -19.39 -29.79
N ILE A 213 -24.72 -19.34 -30.60
CA ILE A 213 -24.61 -19.18 -32.05
C ILE A 213 -25.27 -17.86 -32.47
N ALA A 214 -24.66 -17.18 -33.42
CA ALA A 214 -25.18 -15.88 -33.86
C ALA A 214 -26.39 -16.04 -34.78
N ASP A 216 -27.71 -14.35 -36.94
CA ASP A 216 -26.63 -13.65 -37.64
C ASP A 216 -25.47 -14.53 -38.16
N LEU A 217 -25.38 -15.79 -37.70
CA LEU A 217 -24.19 -16.64 -37.93
C LEU A 217 -23.89 -16.81 -39.41
N LYS A 218 -22.69 -16.43 -39.83
CA LYS A 218 -22.24 -16.61 -41.21
C LYS A 218 -21.55 -17.98 -41.33
N LYS A 219 -22.19 -18.91 -42.04
CA LYS A 219 -21.64 -20.25 -42.29
C LYS A 219 -21.50 -20.54 -43.79
N GLN B 11 34.66 19.64 -22.75
CA GLN B 11 34.73 19.55 -21.29
C GLN B 11 34.01 18.31 -20.81
N LYS B 12 32.83 18.03 -21.39
CA LYS B 12 32.07 16.81 -21.12
C LYS B 12 32.53 15.64 -21.98
N ILE B 13 33.33 15.89 -23.02
CA ILE B 13 33.86 14.84 -23.88
C ILE B 13 35.09 14.21 -23.23
N VAL B 14 35.06 12.89 -23.05
CA VAL B 14 36.12 12.19 -22.32
C VAL B 14 36.48 10.89 -23.03
N SER B 15 37.52 10.24 -22.52
CA SER B 15 37.94 8.96 -23.07
C SER B 15 37.02 7.85 -22.57
N MET B 16 37.04 6.73 -23.28
CA MET B 16 36.23 5.60 -22.83
C MET B 16 36.69 5.11 -21.47
N GLU B 17 37.99 5.18 -21.21
CA GLU B 17 38.52 4.69 -19.94
C GLU B 17 38.12 5.61 -18.79
N GLU B 18 38.08 6.92 -19.04
CA GLU B 18 37.60 7.85 -18.02
C GLU B 18 36.13 7.60 -17.69
N ALA B 19 35.33 7.26 -18.72
CA ALA B 19 33.90 7.08 -18.54
C ALA B 19 33.60 5.84 -17.72
N ILE B 20 34.11 4.68 -18.15
CA ILE B 20 33.82 3.42 -17.47
C ILE B 20 34.41 3.35 -16.08
N SER B 21 35.22 4.34 -15.69
CA SER B 21 35.67 4.45 -14.31
C SER B 21 34.50 4.69 -13.35
N HIS B 22 33.36 5.19 -13.85
CA HIS B 22 32.18 5.45 -13.04
C HIS B 22 31.22 4.26 -12.94
N VAL B 23 31.38 3.25 -13.81
CA VAL B 23 30.58 2.04 -13.72
C VAL B 23 31.34 1.07 -12.80
N LYS B 24 30.96 1.05 -11.54
CA LYS B 24 31.63 0.24 -10.54
C LYS B 24 30.73 -0.93 -10.12
N ASP B 25 31.37 -1.95 -9.55
CA ASP B 25 30.68 -3.21 -9.24
C ASP B 25 29.47 -3.00 -8.34
N GLY B 26 28.46 -3.84 -8.53
CA GLY B 26 27.24 -3.78 -7.75
C GLY B 26 26.24 -2.71 -8.16
N MET B 27 26.63 -1.77 -9.01
CA MET B 27 25.75 -0.67 -9.40
C MET B 27 24.53 -1.18 -10.19
N THR B 28 23.42 -0.44 -10.04
CA THR B 28 22.30 -0.57 -10.96
C THR B 28 22.54 0.36 -12.16
N VAL B 29 22.37 -0.20 -13.36
CA VAL B 29 22.75 0.48 -14.60
C VAL B 29 21.56 0.47 -15.56
N HIS B 30 21.14 1.65 -15.99
CA HIS B 30 20.21 1.76 -17.10
C HIS B 30 21.01 1.59 -18.38
N ILE B 31 20.50 0.79 -19.32
CA ILE B 31 21.14 0.69 -20.62
C ILE B 31 20.07 0.84 -21.70
N GLY B 32 20.15 1.92 -22.46
CA GLY B 32 19.27 2.10 -23.60
C GLY B 32 19.44 1.01 -24.64
N GLY B 33 18.45 0.89 -25.52
CA GLY B 33 18.47 -0.14 -26.54
C GLY B 33 17.27 -1.07 -26.60
N PHE B 34 16.68 -1.19 -27.80
CA PHE B 34 15.61 -2.12 -28.08
C PHE B 34 16.18 -3.20 -29.01
N ILE B 35 16.37 -4.39 -28.46
CA ILE B 35 17.09 -5.48 -29.11
C ILE B 35 18.34 -4.92 -29.79
N ALA B 36 19.16 -4.24 -29.00
CA ALA B 36 20.43 -3.61 -29.36
C ALA B 36 20.29 -2.44 -30.33
N CYS B 37 19.08 -2.11 -30.79
CA CYS B 37 18.88 -0.91 -31.61
C CYS B 37 18.87 0.30 -30.69
N GLY B 38 19.98 1.03 -30.66
CA GLY B 38 20.11 2.15 -29.77
C GLY B 38 20.80 1.83 -28.47
N THR B 39 21.59 0.77 -28.42
CA THR B 39 22.50 0.35 -27.36
C THR B 39 23.87 0.96 -27.59
N PRO B 40 24.55 1.49 -26.54
CA PRO B 40 25.95 1.93 -26.70
C PRO B 40 26.92 0.75 -26.75
N GLU B 41 27.17 0.22 -27.95
CA GLU B 41 27.95 -1.02 -28.07
C GLU B 41 29.41 -0.81 -27.66
N SER B 42 29.97 0.36 -27.99
CA SER B 42 31.35 0.64 -27.62
C SER B 42 31.51 0.67 -26.10
N ILE B 43 30.59 1.33 -25.41
CA ILE B 43 30.63 1.32 -23.95
C ILE B 43 30.52 -0.11 -23.43
N ILE B 44 29.74 -0.95 -24.09
CA ILE B 44 29.54 -2.30 -23.58
C ILE B 44 30.84 -3.08 -23.66
N THR B 45 31.51 -2.99 -24.81
CA THR B 45 32.75 -3.77 -25.01
C THR B 45 33.84 -3.29 -24.05
N ALA B 46 33.92 -1.98 -23.83
CA ALA B 46 34.81 -1.47 -22.79
C ALA B 46 34.53 -2.15 -21.45
N LEU B 47 33.26 -2.26 -21.07
CA LEU B 47 32.92 -2.89 -19.79
C LEU B 47 33.14 -4.39 -19.83
N ILE B 48 33.14 -4.99 -21.03
CA ILE B 48 33.60 -6.37 -21.14
C ILE B 48 35.09 -6.46 -20.83
N GLU B 49 35.87 -5.45 -21.27
CA GLU B 49 37.29 -5.40 -20.95
C GLU B 49 37.52 -5.17 -19.46
N LYS B 50 36.79 -4.22 -18.85
CA LYS B 50 36.98 -3.92 -17.44
C LYS B 50 36.50 -5.06 -16.53
N GLY B 51 35.52 -5.82 -16.98
CA GLY B 51 35.10 -6.98 -16.22
C GLY B 51 34.30 -6.70 -14.97
N VAL B 52 33.64 -5.54 -14.89
CA VAL B 52 32.86 -5.17 -13.72
C VAL B 52 31.78 -6.21 -13.45
N LYS B 53 31.62 -6.58 -12.17
CA LYS B 53 30.79 -7.71 -11.76
C LYS B 53 29.56 -7.25 -10.98
N ASP B 54 28.64 -8.21 -10.76
CA ASP B 54 27.49 -8.04 -9.86
C ASP B 54 26.62 -6.83 -10.22
N LEU B 55 26.46 -6.58 -11.51
CA LEU B 55 25.61 -5.50 -12.00
C LEU B 55 24.13 -5.87 -11.97
N THR B 56 23.29 -4.85 -11.77
CA THR B 56 21.85 -4.95 -12.04
C THR B 56 21.53 -4.09 -13.27
N ILE B 57 21.20 -4.75 -14.39
CA ILE B 57 20.93 -4.08 -15.66
C ILE B 57 19.44 -3.83 -15.76
N VAL B 58 19.07 -2.59 -16.12
CA VAL B 58 17.68 -2.18 -16.32
C VAL B 58 17.55 -1.78 -17.79
N ALA B 59 16.79 -2.57 -18.54
CA ALA B 59 16.79 -2.40 -19.98
C ALA B 59 15.55 -3.05 -20.53
N ASN B 60 15.13 -2.58 -21.73
CA ASN B 60 13.98 -3.19 -22.40
C ASN B 60 14.15 -4.70 -22.47
N ASP B 61 15.34 -5.14 -22.90
CA ASP B 61 15.63 -6.55 -23.09
C ASP B 61 17.08 -6.82 -22.77
N THR B 62 17.49 -8.08 -22.92
CA THR B 62 18.88 -8.46 -22.75
C THR B 62 19.59 -8.66 -24.08
N GLY B 63 19.03 -8.15 -25.18
CA GLY B 63 19.72 -8.27 -26.45
C GLY B 63 19.91 -9.71 -26.90
N LEU B 64 21.05 -9.98 -27.51
CA LEU B 64 21.47 -11.30 -27.96
C LEU B 64 22.71 -11.73 -27.20
N ILE B 65 23.09 -13.00 -27.31
CA ILE B 65 24.33 -13.42 -26.65
C ILE B 65 25.54 -12.74 -27.30
N ASP B 66 25.48 -12.43 -28.59
CA ASP B 66 26.60 -11.79 -29.27
C ASP B 66 26.36 -10.31 -29.57
N LYS B 67 25.24 -9.73 -29.14
CA LYS B 67 24.93 -8.33 -29.41
C LYS B 67 24.24 -7.72 -28.20
N GLY B 68 24.80 -6.61 -27.72
CA GLY B 68 24.13 -5.76 -26.74
C GLY B 68 24.33 -6.15 -25.30
N ILE B 69 23.34 -5.80 -24.46
CA ILE B 69 23.37 -6.14 -23.04
C ILE B 69 23.64 -7.63 -22.85
N GLY B 70 23.31 -8.45 -23.85
CA GLY B 70 23.55 -9.87 -23.73
C GLY B 70 25.00 -10.23 -23.55
N ARG B 71 25.90 -9.39 -24.07
CA ARG B 71 27.32 -9.65 -23.92
C ARG B 71 27.75 -9.56 -22.46
N LEU B 72 27.14 -8.65 -21.70
CA LEU B 72 27.39 -8.61 -20.25
C LEU B 72 26.82 -9.85 -19.57
N VAL B 73 25.68 -10.34 -20.04
CA VAL B 73 25.04 -11.47 -19.38
C VAL B 73 25.93 -12.69 -19.45
N VAL B 74 26.36 -13.07 -20.67
CA VAL B 74 27.15 -14.28 -20.88
C VAL B 74 28.52 -14.19 -20.24
N ASN B 75 28.99 -12.98 -19.92
CA ASN B 75 30.29 -12.75 -19.29
C ASN B 75 30.22 -12.73 -17.75
N ASN B 76 29.18 -13.29 -17.14
CA ASN B 76 29.01 -13.36 -15.69
C ASN B 76 29.03 -11.98 -15.00
N GLN B 77 28.74 -10.90 -15.72
CA GLN B 77 28.82 -9.56 -15.16
C GLN B 77 27.50 -9.06 -14.60
N VAL B 78 26.42 -9.82 -14.72
CA VAL B 78 25.09 -9.34 -14.38
C VAL B 78 24.53 -10.21 -13.25
N LYS B 79 24.34 -9.61 -12.06
CA LYS B 79 23.67 -10.28 -10.95
C LYS B 79 22.17 -10.39 -11.18
N LYS B 80 21.53 -9.28 -11.57
CA LYS B 80 20.07 -9.20 -11.70
C LYS B 80 19.69 -8.42 -12.95
N VAL B 81 18.59 -8.84 -13.57
CA VAL B 81 18.08 -8.21 -14.78
C VAL B 81 16.65 -7.71 -14.51
N ILE B 82 16.40 -6.45 -14.85
CA ILE B 82 15.07 -5.87 -14.81
C ILE B 82 14.75 -5.49 -16.26
N ALA B 83 13.90 -6.30 -16.92
CA ALA B 83 13.60 -6.13 -18.34
C ALA B 83 12.16 -6.56 -18.62
N SER B 84 11.73 -6.30 -19.86
CA SER B 84 10.43 -6.74 -20.36
C SER B 84 10.52 -8.01 -21.18
N HIS B 85 11.64 -8.26 -21.81
CA HIS B 85 11.76 -9.38 -22.72
C HIS B 85 13.14 -10.01 -22.61
N ILE B 86 13.21 -11.34 -22.65
CA ILE B 86 14.50 -12.03 -22.62
C ILE B 86 14.58 -13.16 -23.64
N GLY B 87 13.54 -13.32 -24.46
CA GLY B 87 13.45 -14.48 -25.34
C GLY B 87 14.53 -14.56 -26.39
N THR B 88 15.03 -13.41 -26.85
CA THR B 88 16.08 -13.34 -27.87
C THR B 88 17.45 -13.75 -27.36
N ASN B 89 17.62 -13.94 -26.05
CA ASN B 89 18.91 -14.29 -25.46
C ASN B 89 18.70 -15.56 -24.65
N PRO B 90 19.02 -16.73 -25.21
CA PRO B 90 18.75 -17.98 -24.47
C PRO B 90 19.63 -18.17 -23.26
N GLU B 91 20.70 -17.37 -23.13
CA GLU B 91 21.56 -17.46 -21.96
C GLU B 91 20.88 -16.84 -20.73
N THR B 92 20.29 -15.65 -20.89
CA THR B 92 19.42 -15.09 -19.84
C THR B 92 18.41 -16.14 -19.37
N GLY B 93 17.64 -16.70 -20.32
CA GLY B 93 16.76 -17.80 -19.99
C GLY B 93 17.44 -18.85 -19.15
N ARG B 94 18.65 -19.26 -19.57
CA ARG B 94 19.36 -20.34 -18.86
C ARG B 94 19.78 -19.88 -17.47
N ARG B 95 20.39 -18.69 -17.37
CA ARG B 95 20.79 -18.20 -16.05
C ARG B 95 19.59 -17.93 -15.15
N MET B 96 18.42 -17.63 -15.72
CA MET B 96 17.24 -17.43 -14.89
C MET B 96 16.78 -18.75 -14.27
N GLN B 97 16.59 -19.80 -15.10
CA GLN B 97 16.07 -21.07 -14.58
C GLN B 97 17.07 -21.76 -13.67
N SER B 98 18.37 -21.60 -13.94
CA SER B 98 19.41 -22.23 -13.13
C SER B 98 19.50 -21.64 -11.72
N GLY B 99 19.14 -20.37 -11.55
CA GLY B 99 19.27 -19.72 -10.27
C GLY B 99 20.43 -18.76 -10.18
N GLU B 100 21.26 -18.67 -11.22
CA GLU B 100 22.40 -17.76 -11.20
C GLU B 100 21.93 -16.31 -11.19
N MET B 101 21.20 -15.89 -12.23
CA MET B 101 20.73 -14.52 -12.38
C MET B 101 19.30 -14.43 -11.88
N GLU B 102 18.99 -13.32 -11.20
CA GLU B 102 17.61 -12.98 -10.91
C GLU B 102 17.09 -12.06 -12.01
N VAL B 103 15.82 -12.24 -12.38
CA VAL B 103 15.19 -11.52 -13.47
C VAL B 103 13.80 -11.07 -13.01
N GLU B 104 13.54 -9.77 -13.04
CA GLU B 104 12.20 -9.25 -12.88
C GLU B 104 11.66 -8.89 -14.25
N LEU B 105 10.60 -9.59 -14.67
CA LEU B 105 9.99 -9.35 -15.97
C LEU B 105 8.94 -8.26 -15.84
N VAL B 106 9.23 -7.07 -16.36
CA VAL B 106 8.38 -5.89 -16.22
C VAL B 106 7.67 -5.63 -17.55
N PRO B 107 6.35 -5.50 -17.56
CA PRO B 107 5.66 -5.07 -18.79
C PRO B 107 6.26 -3.78 -19.35
N GLN B 108 6.43 -3.76 -20.67
CA GLN B 108 7.25 -2.74 -21.32
C GLN B 108 6.73 -1.33 -21.05
N GLY B 109 5.42 -1.11 -21.15
CA GLY B 109 4.89 0.19 -20.82
C GLY B 109 5.07 0.56 -19.37
N THR B 110 4.91 -0.42 -18.48
CA THR B 110 5.20 -0.19 -17.08
C THR B 110 6.66 0.16 -16.91
N LEU B 111 7.55 -0.53 -17.64
CA LEU B 111 8.97 -0.24 -17.51
C LEU B 111 9.27 1.20 -17.90
N ALA B 112 8.64 1.67 -18.97
CA ALA B 112 8.83 3.05 -19.39
C ALA B 112 8.39 4.01 -18.29
N GLU B 113 7.16 3.86 -17.80
CA GLU B 113 6.68 4.73 -16.74
C GLU B 113 7.51 4.59 -15.46
N ARG B 114 8.05 3.40 -15.18
CA ARG B 114 8.83 3.24 -13.96
C ARG B 114 10.18 3.96 -14.07
N VAL B 115 10.89 3.78 -15.19
CA VAL B 115 12.12 4.55 -15.38
C VAL B 115 11.80 6.04 -15.41
N ARG B 116 10.80 6.44 -16.20
CA ARG B 116 10.44 7.85 -16.28
C ARG B 116 10.12 8.43 -14.90
N ALA B 117 9.47 7.65 -14.04
CA ALA B 117 9.06 8.20 -12.75
C ALA B 117 10.27 8.57 -11.93
N ALA B 118 11.34 7.76 -11.99
CA ALA B 118 12.55 8.11 -11.24
C ALA B 118 13.11 9.42 -11.72
N GLY B 119 13.15 9.62 -13.04
CA GLY B 119 13.72 10.83 -13.59
C GLY B 119 12.86 12.06 -13.35
N TYR B 120 11.55 11.88 -13.23
CA TYR B 120 10.64 13.01 -13.21
C TYR B 120 10.16 13.36 -11.79
N GLY B 121 10.76 12.79 -10.76
CA GLY B 121 10.35 13.15 -9.42
C GLY B 121 9.05 12.54 -8.95
N LEU B 122 8.47 11.63 -9.72
CA LEU B 122 7.24 10.98 -9.32
C LEU B 122 7.54 9.88 -8.29
N GLY B 123 6.58 9.63 -7.42
CA GLY B 123 6.77 8.58 -6.44
C GLY B 123 6.32 7.22 -6.88
N GLY B 124 5.65 7.17 -8.04
CA GLY B 124 5.04 5.96 -8.57
C GLY B 124 3.97 6.33 -9.58
N ILE B 125 3.51 5.33 -10.32
CA ILE B 125 2.43 5.53 -11.28
C ILE B 125 1.43 4.40 -11.14
N LEU B 126 0.17 4.69 -11.47
CA LEU B 126 -0.91 3.71 -11.41
C LEU B 126 -1.21 3.16 -12.80
N THR B 127 -0.98 1.84 -13.01
CA THR B 127 -1.25 1.27 -14.33
C THR B 127 -2.22 0.09 -14.24
N PRO B 128 -3.10 -0.07 -15.23
CA PRO B 128 -3.99 -1.26 -15.22
C PRO B 128 -3.33 -2.50 -15.81
N THR B 129 -2.26 -2.33 -16.57
CA THR B 129 -1.43 -3.42 -17.06
C THR B 129 -0.86 -4.20 -15.89
N GLY B 130 -1.14 -5.52 -15.85
CA GLY B 130 -0.63 -6.40 -14.81
C GLY B 130 -1.73 -7.10 -14.04
N LEU B 131 -2.91 -6.48 -13.96
CA LEU B 131 -3.97 -6.94 -13.08
C LEU B 131 -4.31 -8.39 -13.37
N GLY B 132 -4.30 -9.20 -12.32
CA GLY B 132 -4.73 -10.58 -12.41
C GLY B 132 -3.69 -11.49 -12.97
N THR B 133 -2.44 -11.05 -12.98
CA THR B 133 -1.33 -11.78 -13.55
C THR B 133 -0.22 -11.83 -12.53
N ILE B 134 0.89 -12.45 -12.92
CA ILE B 134 2.02 -12.61 -12.02
C ILE B 134 2.58 -11.25 -11.64
N VAL B 135 2.40 -10.25 -12.51
CA VAL B 135 2.95 -8.92 -12.26
C VAL B 135 2.30 -8.28 -11.03
N GLN B 136 1.02 -8.57 -10.79
CA GLN B 136 0.34 -8.07 -9.60
C GLN B 136 1.02 -8.49 -8.30
N GLU B 137 1.70 -9.65 -8.27
CA GLU B 137 2.26 -10.12 -7.01
C GLU B 137 3.32 -9.16 -6.49
N GLY B 138 3.20 -8.78 -5.21
CA GLY B 138 4.08 -7.81 -4.60
C GLY B 138 3.79 -6.36 -4.93
N LYS B 139 2.58 -6.06 -5.38
CA LYS B 139 2.24 -4.73 -5.81
C LYS B 139 1.07 -4.24 -4.96
N GLN B 140 1.10 -2.96 -4.59
CA GLN B 140 -0.04 -2.37 -3.93
C GLN B 140 -1.11 -2.06 -4.98
N ILE B 141 -2.35 -2.45 -4.71
CA ILE B 141 -3.47 -2.13 -5.59
C ILE B 141 -4.18 -0.88 -5.05
N ILE B 142 -4.22 0.18 -5.85
CA ILE B 142 -4.95 1.40 -5.52
C ILE B 142 -6.24 1.44 -6.32
N ASN B 143 -7.36 1.72 -5.67
CA ASN B 143 -8.65 1.90 -6.36
C ASN B 143 -8.87 3.38 -6.60
N VAL B 144 -9.05 3.77 -7.86
CA VAL B 144 -9.30 5.15 -8.20
C VAL B 144 -10.58 5.22 -9.01
N ASP B 145 -11.57 5.92 -8.46
CA ASP B 145 -12.86 6.12 -9.10
C ASP B 145 -13.43 4.79 -9.58
N GLY B 146 -13.35 3.78 -8.71
CA GLY B 146 -13.98 2.51 -8.93
C GLY B 146 -13.12 1.44 -9.58
N LYS B 147 -12.14 1.81 -10.41
CA LYS B 147 -11.29 0.83 -11.07
C LYS B 147 -9.98 0.63 -10.29
N ASP B 148 -9.42 -0.57 -10.43
CA ASP B 148 -8.22 -1.00 -9.73
C ASP B 148 -6.99 -0.83 -10.60
N TYR B 149 -5.88 -0.40 -9.99
CA TYR B 149 -4.62 -0.17 -10.68
C TYR B 149 -3.47 -0.75 -9.86
N LEU B 150 -2.36 -1.02 -10.55
CA LEU B 150 -1.14 -1.44 -9.86
C LEU B 150 -0.31 -0.21 -9.57
N LEU B 151 0.21 -0.13 -8.35
CA LEU B 151 1.21 0.88 -8.03
C LEU B 151 2.57 0.37 -8.50
N GLU B 152 3.10 0.96 -9.56
CA GLU B 152 4.45 0.67 -10.02
C GLU B 152 5.37 1.81 -9.60
N LYS B 153 6.56 1.45 -9.07
CA LYS B 153 7.53 2.23 -8.31
C LYS B 153 8.68 2.73 -9.21
N PRO B 154 9.23 3.90 -8.90
CA PRO B 154 10.33 4.43 -9.73
C PRO B 154 11.55 3.53 -9.65
N ILE B 155 12.38 3.65 -10.67
CA ILE B 155 13.63 2.89 -10.77
C ILE B 155 14.71 3.93 -11.04
N LYS B 156 15.32 4.46 -9.98
CA LYS B 156 16.54 5.21 -10.18
C LYS B 156 17.71 4.25 -10.27
N ALA B 157 18.68 4.60 -11.10
CA ALA B 157 19.91 3.82 -11.23
C ALA B 157 21.11 4.67 -10.92
N ASP B 158 22.23 3.99 -10.65
CA ASP B 158 23.49 4.68 -10.41
C ASP B 158 23.99 5.36 -11.67
N VAL B 159 23.99 4.62 -12.79
CA VAL B 159 24.52 5.11 -14.06
C VAL B 159 23.58 4.70 -15.18
N ALA B 160 23.44 5.57 -16.18
CA ALA B 160 22.74 5.24 -17.41
C ALA B 160 23.74 5.23 -18.57
N LEU B 161 23.72 4.18 -19.36
CA LEU B 161 24.56 4.09 -20.55
C LEU B 161 23.63 4.28 -21.75
N ILE B 162 23.61 5.48 -22.30
CA ILE B 162 22.70 5.79 -23.38
C ILE B 162 23.49 6.02 -24.67
N PHE B 163 22.76 6.15 -25.79
CA PHE B 163 23.33 6.17 -27.12
C PHE B 163 22.70 7.30 -27.91
N GLY B 164 23.51 8.00 -28.71
CA GLY B 164 22.97 9.03 -29.59
C GLY B 164 23.57 9.06 -30.98
N THR B 165 22.73 9.02 -32.03
CA THR B 165 23.27 9.10 -33.39
C THR B 165 23.99 10.42 -33.62
N LYS B 166 23.60 11.48 -32.92
CA LYS B 166 24.34 12.72 -32.93
C LYS B 166 24.29 13.36 -31.54
N VAL B 167 25.42 13.92 -31.09
CA VAL B 167 25.54 14.51 -29.76
C VAL B 167 26.34 15.80 -29.89
N ASP B 168 25.77 16.93 -29.48
CA ASP B 168 26.57 18.14 -29.57
C ASP B 168 27.45 18.27 -28.33
N GLU B 169 28.44 19.15 -28.42
CA GLU B 169 29.54 19.13 -27.45
C GLU B 169 29.09 19.51 -26.04
N LEU B 170 27.93 20.13 -25.90
CA LEU B 170 27.43 20.43 -24.57
C LEU B 170 26.75 19.22 -23.92
N GLY B 171 26.41 18.19 -24.70
CA GLY B 171 25.66 17.05 -24.21
C GLY B 171 24.27 16.84 -24.82
N ASN B 172 23.71 17.78 -25.59
CA ASN B 172 22.44 17.55 -26.27
C ASN B 172 22.54 16.32 -27.17
N VAL B 173 21.53 15.45 -27.14
CA VAL B 173 21.57 14.18 -27.84
C VAL B 173 20.41 14.09 -28.81
N ILE B 174 20.65 13.44 -29.96
CA ILE B 174 19.64 13.11 -30.95
C ILE B 174 19.67 11.60 -31.15
N CYS B 175 18.53 10.95 -30.93
CA CYS B 175 18.35 9.51 -31.18
C CYS B 175 17.40 9.37 -32.36
N GLU B 176 17.96 9.02 -33.51
CA GLU B 176 17.20 9.02 -34.75
C GLU B 176 16.42 7.73 -34.92
N LYS B 177 15.33 7.83 -35.68
CA LYS B 177 14.51 6.68 -36.09
C LYS B 177 14.13 5.91 -34.82
N THR B 178 14.34 4.60 -34.75
CA THR B 178 13.91 3.84 -33.59
C THR B 178 15.04 3.60 -32.57
N THR B 179 16.04 4.47 -32.54
CA THR B 179 17.07 4.37 -31.51
C THR B 179 16.69 5.14 -30.25
N LYS B 180 15.45 5.60 -30.18
CA LYS B 180 15.02 6.37 -29.02
C LYS B 180 14.72 5.45 -27.84
N ASN B 181 13.73 4.55 -27.99
CA ASN B 181 13.43 3.55 -26.96
C ASN B 181 13.28 4.16 -25.58
N PHE B 182 14.13 3.68 -24.68
CA PHE B 182 14.22 4.18 -23.33
C PHE B 182 15.35 5.18 -23.14
N ASN B 183 16.22 5.37 -24.14
CA ASN B 183 17.35 6.29 -24.01
C ASN B 183 16.95 7.65 -23.45
N PRO B 184 15.97 8.36 -24.01
CA PRO B 184 15.64 9.67 -23.45
C PRO B 184 14.98 9.58 -22.08
N LEU B 185 14.46 8.42 -21.70
CA LEU B 185 13.90 8.28 -20.36
C LEU B 185 15.00 7.99 -19.35
N MET B 186 15.85 7.00 -19.67
CA MET B 186 17.00 6.59 -18.87
C MET B 186 17.93 7.74 -18.55
N ALA B 187 18.14 8.65 -19.50
CA ALA B 187 18.99 9.80 -19.29
C ALA B 187 18.50 10.73 -18.18
N THR B 188 17.25 10.59 -17.73
CA THR B 188 16.78 11.42 -16.63
C THR B 188 16.85 10.74 -15.28
N ALA B 189 17.05 9.42 -15.26
CA ALA B 189 16.74 8.60 -14.11
C ALA B 189 17.98 7.87 -13.58
N ALA B 190 19.14 8.48 -13.70
CA ALA B 190 20.33 7.93 -13.07
C ALA B 190 21.19 9.07 -12.56
N ASP B 191 22.15 8.74 -11.69
CA ASP B 191 22.98 9.80 -11.11
C ASP B 191 24.06 10.25 -12.09
N VAL B 192 24.64 9.32 -12.84
CA VAL B 192 25.69 9.60 -13.81
C VAL B 192 25.22 9.07 -15.16
N VAL B 193 24.96 9.99 -16.10
CA VAL B 193 24.54 9.61 -17.46
C VAL B 193 25.74 9.70 -18.40
N ILE B 194 26.06 8.59 -19.07
CA ILE B 194 27.09 8.56 -20.10
C ILE B 194 26.41 8.27 -21.44
N VAL B 195 26.56 9.17 -22.42
CA VAL B 195 26.05 8.95 -23.76
C VAL B 195 27.21 8.58 -24.68
N GLU B 196 27.04 7.49 -25.44
CA GLU B 196 27.98 7.11 -26.49
C GLU B 196 27.50 7.70 -27.80
N ALA B 197 28.26 8.64 -28.35
CA ALA B 197 27.86 9.34 -29.56
C ALA B 197 28.37 8.63 -30.80
N LEU B 198 27.49 8.48 -31.78
CA LEU B 198 27.90 8.05 -33.10
C LEU B 198 28.76 9.11 -33.76
N GLU B 199 28.30 10.36 -33.71
CA GLU B 199 28.98 11.53 -34.22
C GLU B 199 28.87 12.65 -33.19
N ILE B 200 29.97 13.38 -32.98
CA ILE B 200 29.98 14.54 -32.09
C ILE B 200 29.89 15.79 -32.98
N VAL B 201 28.69 16.36 -33.10
CA VAL B 201 28.48 17.64 -33.79
C VAL B 201 29.00 18.76 -32.89
N PRO B 202 29.14 19.99 -33.37
CA PRO B 202 29.58 21.08 -32.50
C PRO B 202 28.46 21.68 -31.65
N ALA B 203 28.86 22.29 -30.54
CA ALA B 203 27.91 22.85 -29.58
C ALA B 203 27.01 23.89 -30.24
N GLY B 204 25.69 23.67 -30.19
CA GLY B 204 24.75 24.52 -30.87
C GLY B 204 24.42 24.10 -32.28
N SER B 205 25.17 23.14 -32.86
CA SER B 205 24.92 22.67 -34.21
C SER B 205 23.50 22.13 -34.38
N LEU B 206 22.88 21.69 -33.28
CA LEU B 206 21.59 21.01 -33.31
C LEU B 206 20.49 21.97 -32.85
N SER B 207 19.34 21.87 -33.51
CA SER B 207 18.25 22.80 -33.30
C SER B 207 17.59 22.56 -31.94
N PRO B 208 17.17 23.62 -31.24
CA PRO B 208 16.41 23.43 -29.99
C PRO B 208 15.11 22.65 -30.19
N GLU B 209 14.67 22.46 -31.42
CA GLU B 209 13.40 21.80 -31.72
C GLU B 209 13.55 20.34 -32.10
N HIS B 210 14.76 19.88 -32.40
CA HIS B 210 14.99 18.57 -32.97
C HIS B 210 15.70 17.64 -32.02
N LEU B 211 15.69 17.95 -30.73
CA LEU B 211 16.50 17.21 -29.79
C LEU B 211 15.68 16.16 -29.06
N ASP B 212 16.37 15.12 -28.60
CA ASP B 212 15.73 14.06 -27.84
C ASP B 212 16.12 14.05 -26.37
N ILE B 213 17.30 14.56 -26.03
CA ILE B 213 17.81 14.58 -24.66
C ILE B 213 18.57 15.89 -24.47
N SER B 214 18.14 16.70 -23.50
CA SER B 214 18.82 17.94 -23.17
C SER B 214 20.21 17.69 -22.56
N ARG B 215 21.05 18.72 -22.66
CA ARG B 215 22.42 18.65 -22.16
C ARG B 215 22.49 18.48 -20.65
N ILE B 216 21.49 19.00 -19.93
CA ILE B 216 21.52 19.06 -18.47
C ILE B 216 21.39 17.66 -17.88
N PHE B 217 21.19 16.66 -18.75
CA PHE B 217 21.09 15.28 -18.34
C PHE B 217 22.38 14.50 -18.55
N ILE B 218 23.24 14.95 -19.44
CA ILE B 218 24.45 14.21 -19.81
C ILE B 218 25.63 14.69 -18.98
N ASP B 219 26.34 13.75 -18.38
CA ASP B 219 27.56 14.06 -17.65
C ASP B 219 28.81 13.88 -18.50
N TYR B 220 28.93 12.75 -19.20
CA TYR B 220 30.08 12.44 -20.03
C TYR B 220 29.61 11.97 -21.41
N ILE B 221 30.29 12.47 -22.44
CA ILE B 221 30.11 12.01 -23.83
C ILE B 221 31.35 11.23 -24.24
N VAL B 222 31.14 10.09 -24.91
CA VAL B 222 32.24 9.34 -25.52
C VAL B 222 31.87 9.07 -26.98
N LYS B 223 32.89 8.88 -27.82
CA LYS B 223 32.65 8.55 -29.22
C LYS B 223 32.75 7.04 -29.39
N SER B 224 32.08 6.53 -30.43
CA SER B 224 32.02 5.09 -30.64
C SER B 224 33.28 4.56 -31.28
N MET C 3 -52.53 10.00 29.23
CA MET C 3 -52.34 9.34 27.93
C MET C 3 -51.17 8.35 27.91
N GLU C 4 -50.07 8.66 28.61
CA GLU C 4 -48.89 7.78 28.59
C GLU C 4 -49.21 6.41 29.18
N MET C 5 -48.84 5.34 28.45
CA MET C 5 -49.25 4.00 28.85
C MET C 5 -48.56 3.58 30.14
N ASP C 6 -48.99 2.44 30.68
CA ASP C 6 -48.35 1.85 31.85
C ASP C 6 -46.99 1.29 31.46
N LYS C 7 -45.91 1.81 32.09
CA LYS C 7 -44.55 1.49 31.64
C LYS C 7 -44.28 -0.01 31.56
N ASN C 8 -44.78 -0.80 32.53
CA ASN C 8 -44.55 -2.24 32.49
C ASN C 8 -45.31 -2.93 31.38
N LEU C 9 -46.46 -2.37 30.98
CA LEU C 9 -47.19 -2.91 29.84
C LEU C 9 -46.46 -2.63 28.54
N VAL C 10 -45.92 -1.41 28.41
CA VAL C 10 -45.16 -1.01 27.23
C VAL C 10 -44.00 -1.97 27.00
N ARG C 11 -43.21 -2.22 28.05
CA ARG C 11 -42.07 -3.13 27.93
C ARG C 11 -42.51 -4.52 27.47
N GLU C 12 -43.61 -5.02 28.05
CA GLU C 12 -44.07 -6.36 27.71
C GLU C 12 -44.40 -6.44 26.22
N VAL C 13 -45.07 -5.42 25.69
CA VAL C 13 -45.45 -5.40 24.28
C VAL C 13 -44.20 -5.43 23.40
N ILE C 14 -43.26 -4.50 23.66
CA ILE C 14 -42.01 -4.39 22.90
C ILE C 14 -41.18 -5.67 23.04
N ALA C 15 -40.95 -6.08 24.28
CA ALA C 15 -40.07 -7.22 24.50
C ALA C 15 -40.59 -8.48 23.83
N LYS C 16 -41.91 -8.67 23.82
CA LYS C 16 -42.48 -9.88 23.22
C LYS C 16 -42.25 -9.92 21.71
N ARG C 17 -42.27 -8.76 21.07
CA ARG C 17 -42.07 -8.69 19.63
C ARG C 17 -40.61 -8.93 19.27
N VAL C 18 -39.69 -8.32 20.04
CA VAL C 18 -38.26 -8.54 19.86
C VAL C 18 -37.96 -10.04 19.86
N ALA C 19 -38.55 -10.77 20.81
CA ALA C 19 -38.31 -12.20 20.92
C ALA C 19 -38.68 -12.96 19.65
N GLN C 20 -39.59 -12.42 18.85
CA GLN C 20 -40.04 -13.13 17.67
C GLN C 20 -39.06 -13.04 16.51
N GLU C 21 -38.03 -12.21 16.64
CA GLU C 21 -36.98 -12.10 15.63
C GLU C 21 -35.87 -13.14 15.77
N PHE C 22 -35.91 -14.01 16.78
CA PHE C 22 -34.84 -14.98 16.97
C PHE C 22 -35.19 -16.31 16.33
N HIS C 23 -34.17 -17.13 16.11
CA HIS C 23 -34.31 -18.46 15.54
C HIS C 23 -33.35 -19.40 16.23
N ASP C 24 -33.66 -20.70 16.23
CA ASP C 24 -32.84 -21.63 16.99
C ASP C 24 -31.39 -21.52 16.55
N GLY C 25 -30.51 -21.32 17.53
CA GLY C 25 -29.10 -21.11 17.29
C GLY C 25 -28.66 -19.66 17.26
N TYR C 26 -29.60 -18.72 17.37
CA TYR C 26 -29.24 -17.31 17.37
C TYR C 26 -28.37 -16.99 18.57
N VAL C 27 -27.23 -16.38 18.31
CA VAL C 27 -26.43 -15.74 19.35
C VAL C 27 -26.99 -14.34 19.55
N VAL C 28 -27.35 -14.01 20.80
CA VAL C 28 -28.02 -12.75 21.08
C VAL C 28 -27.31 -12.03 22.22
N ASN C 29 -27.12 -10.73 22.06
CA ASN C 29 -26.66 -9.87 23.12
C ASN C 29 -27.78 -8.88 23.45
N LEU C 30 -28.16 -8.82 24.73
CA LEU C 30 -29.25 -7.95 25.19
C LEU C 30 -28.68 -6.80 26.02
N GLY C 31 -29.10 -5.58 25.68
CA GLY C 31 -28.62 -4.42 26.40
C GLY C 31 -29.17 -4.38 27.81
N ILE C 32 -28.56 -3.53 28.64
CA ILE C 32 -29.01 -3.36 30.02
C ILE C 32 -30.22 -2.42 30.02
N GLY C 33 -31.35 -2.91 30.51
CA GLY C 33 -32.60 -2.16 30.51
C GLY C 33 -33.76 -2.92 29.91
N LEU C 34 -34.62 -2.21 29.18
CA LEU C 34 -35.73 -2.85 28.50
C LEU C 34 -35.34 -4.14 27.78
N PRO C 35 -34.21 -4.22 27.06
CA PRO C 35 -33.91 -5.47 26.34
C PRO C 35 -33.59 -6.64 27.24
N THR C 36 -33.25 -6.42 28.52
CA THR C 36 -32.97 -7.59 29.36
C THR C 36 -34.23 -8.42 29.57
N LEU C 37 -35.42 -7.79 29.47
CA LEU C 37 -36.69 -8.50 29.63
C LEU C 37 -36.99 -9.43 28.47
N VAL C 38 -36.38 -9.20 27.31
CA VAL C 38 -36.59 -10.03 26.12
C VAL C 38 -36.29 -11.50 26.47
N ALA C 39 -35.47 -11.72 27.50
CA ALA C 39 -35.05 -13.06 27.86
C ALA C 39 -36.19 -13.91 28.43
N ASN C 40 -37.29 -13.28 28.88
CA ASN C 40 -38.40 -14.02 29.46
C ASN C 40 -39.33 -14.61 28.42
N TYR C 41 -39.26 -14.14 27.19
CA TYR C 41 -40.15 -14.57 26.13
C TYR C 41 -39.45 -15.45 25.09
N VAL C 42 -38.56 -16.33 25.55
CA VAL C 42 -37.68 -17.14 24.69
C VAL C 42 -37.61 -18.62 25.13
N MET C 45 -37.07 -21.89 22.94
CA MET C 45 -36.21 -21.47 21.83
C MET C 45 -34.74 -21.75 22.14
N ASP C 46 -33.93 -21.85 21.09
CA ASP C 46 -32.52 -22.23 21.22
C ASP C 46 -31.57 -21.02 21.16
N VAL C 47 -31.95 -19.92 21.81
CA VAL C 47 -31.11 -18.72 21.81
C VAL C 47 -29.91 -18.95 22.71
N ILE C 48 -28.77 -18.37 22.30
CA ILE C 48 -27.52 -18.39 23.04
C ILE C 48 -27.19 -16.93 23.41
N PHE C 49 -27.22 -16.61 24.70
CA PHE C 49 -26.98 -15.24 25.15
C PHE C 49 -25.50 -14.98 25.41
N GLN C 50 -24.99 -13.91 24.84
CA GLN C 50 -23.62 -13.48 25.01
C GLN C 50 -23.59 -12.25 25.91
N SER C 51 -22.52 -12.15 26.69
CA SER C 51 -22.35 -11.06 27.64
C SER C 51 -20.98 -10.46 27.42
N GLU C 52 -20.94 -9.15 27.11
CA GLU C 52 -19.72 -8.40 26.81
C GLU C 52 -18.50 -8.75 27.65
N ASN C 53 -18.72 -8.97 28.96
CA ASN C 53 -17.64 -9.12 29.94
C ASN C 53 -17.06 -10.53 30.01
N GLY C 54 -17.51 -11.47 29.17
CA GLY C 54 -16.78 -12.71 29.02
C GLY C 54 -17.53 -14.03 29.10
N CYS C 55 -18.77 -14.08 28.62
CA CYS C 55 -19.58 -15.28 28.71
C CYS C 55 -20.38 -15.46 27.43
N ILE C 56 -20.35 -16.68 26.86
CA ILE C 56 -21.06 -16.98 25.63
C ILE C 56 -22.26 -17.92 25.84
N GLY C 57 -22.36 -18.60 26.98
CA GLY C 57 -23.68 -19.16 27.28
C GLY C 57 -24.33 -18.64 28.57
N VAL C 58 -24.83 -17.40 28.59
CA VAL C 58 -25.30 -16.81 29.84
C VAL C 58 -26.54 -17.55 30.34
N GLY C 59 -26.52 -17.90 31.63
CA GLY C 59 -27.60 -18.61 32.26
C GLY C 59 -28.44 -17.71 33.15
N PRO C 60 -29.57 -18.23 33.62
CA PRO C 60 -30.44 -17.44 34.50
C PRO C 60 -29.78 -17.14 35.83
N ALA C 61 -30.36 -16.17 36.54
CA ALA C 61 -29.85 -15.82 37.85
C ALA C 61 -29.84 -17.03 38.77
N PRO C 62 -28.91 -17.12 39.70
CA PRO C 62 -28.90 -18.24 40.64
C PRO C 62 -29.89 -18.03 41.78
N GLU C 63 -30.47 -19.16 42.24
CA GLU C 63 -31.36 -19.12 43.40
C GLU C 63 -30.65 -18.49 44.58
N LYS C 64 -31.35 -17.63 45.32
CA LYS C 64 -30.75 -16.89 46.43
C LYS C 64 -29.98 -17.83 47.35
N GLY C 65 -28.67 -17.60 47.48
CA GLY C 65 -27.78 -18.47 48.20
C GLY C 65 -26.62 -19.01 47.37
N LYS C 66 -26.88 -19.36 46.12
CA LYS C 66 -25.87 -19.86 45.19
C LYS C 66 -25.29 -18.75 44.29
N GLU C 67 -25.26 -17.51 44.77
CA GLU C 67 -24.85 -16.37 43.96
C GLU C 67 -23.34 -16.19 43.98
N ASP C 68 -22.76 -16.05 42.79
CA ASP C 68 -21.32 -15.97 42.61
C ASP C 68 -20.92 -14.57 42.14
N PRO C 69 -20.21 -13.79 42.95
CA PRO C 69 -19.79 -12.45 42.50
C PRO C 69 -18.64 -12.48 41.51
N TYR C 70 -18.03 -13.64 41.29
CA TYR C 70 -17.08 -13.86 40.21
C TYR C 70 -17.76 -14.24 38.91
N LEU C 71 -19.09 -14.44 38.93
CA LEU C 71 -19.89 -14.80 37.76
C LEU C 71 -21.02 -13.79 37.62
N VAL C 72 -20.75 -12.67 36.96
CA VAL C 72 -21.75 -11.63 36.74
C VAL C 72 -21.93 -11.43 35.23
N ASN C 73 -22.94 -10.65 34.89
CA ASN C 73 -23.22 -10.25 33.52
C ASN C 73 -22.71 -8.84 33.31
N ALA C 74 -23.08 -8.22 32.18
CA ALA C 74 -22.56 -6.90 31.84
C ALA C 74 -23.15 -5.79 32.70
N GLY C 75 -24.28 -6.06 33.37
CA GLY C 75 -24.84 -5.22 34.40
C GLY C 75 -24.39 -5.54 35.81
N ALA C 76 -23.41 -6.43 35.97
CA ALA C 76 -22.87 -6.85 37.26
C ALA C 76 -23.90 -7.61 38.12
N GLY C 77 -24.95 -8.15 37.50
CA GLY C 77 -25.89 -8.98 38.21
C GLY C 77 -25.52 -10.45 38.15
N PHE C 78 -25.95 -11.20 39.16
CA PHE C 78 -25.51 -12.58 39.26
C PHE C 78 -26.15 -13.41 38.17
N ILE C 79 -25.34 -14.22 37.49
CA ILE C 79 -25.80 -15.14 36.47
C ILE C 79 -25.22 -16.51 36.77
N THR C 80 -25.68 -17.49 36.01
CA THR C 80 -25.13 -18.83 35.98
C THR C 80 -24.65 -19.12 34.57
N ALA C 81 -24.01 -20.28 34.39
CA ALA C 81 -23.41 -20.70 33.13
C ALA C 81 -24.22 -21.86 32.55
N ALA C 82 -24.92 -21.61 31.44
CA ALA C 82 -25.71 -22.64 30.79
C ALA C 82 -24.82 -23.79 30.30
N LYS C 83 -25.48 -24.84 29.83
CA LYS C 83 -24.79 -26.03 29.35
C LYS C 83 -24.12 -25.73 28.02
N GLY C 84 -22.79 -25.85 27.98
CA GLY C 84 -22.01 -25.56 26.80
C GLY C 84 -21.42 -24.16 26.73
N ALA C 85 -21.45 -23.42 27.83
CA ALA C 85 -20.90 -22.08 27.87
C ALA C 85 -19.38 -22.12 27.81
N MET C 86 -18.81 -20.95 27.53
CA MET C 86 -17.37 -20.74 27.51
C MET C 86 -17.13 -19.36 28.10
N PHE C 87 -16.17 -19.26 29.00
CA PHE C 87 -15.70 -17.97 29.46
C PHE C 87 -14.45 -17.60 28.67
N PHE C 88 -14.17 -16.30 28.60
CA PHE C 88 -13.05 -15.81 27.79
C PHE C 88 -12.78 -14.36 28.15
N ASP C 89 -11.60 -13.89 27.75
CA ASP C 89 -11.16 -12.54 28.06
C ASP C 89 -11.90 -11.53 27.18
N SER C 90 -11.65 -10.26 27.45
CA SER C 90 -12.41 -9.18 26.82
C SER C 90 -12.13 -9.06 25.32
N ALA C 91 -10.94 -9.43 24.86
CA ALA C 91 -10.67 -9.31 23.43
C ALA C 91 -11.42 -10.40 22.65
N TYR C 92 -11.35 -11.65 23.11
CA TYR C 92 -12.11 -12.73 22.48
C TYR C 92 -13.59 -12.42 22.46
N SER C 93 -14.11 -11.89 23.56
CA SER C 93 -15.51 -11.48 23.61
C SER C 93 -15.85 -10.51 22.50
N PHE C 94 -15.07 -9.42 22.38
CA PHE C 94 -15.37 -8.43 21.37
C PHE C 94 -14.90 -8.81 19.98
N GLY C 95 -14.08 -9.86 19.84
CA GLY C 95 -13.98 -10.53 18.56
C GLY C 95 -15.29 -11.16 18.16
N ILE C 96 -15.99 -11.78 19.10
CA ILE C 96 -17.29 -12.37 18.79
C ILE C 96 -18.27 -11.28 18.36
N ILE C 97 -18.12 -10.09 18.93
CA ILE C 97 -19.07 -9.00 18.71
C ILE C 97 -18.72 -8.21 17.47
N ARG C 98 -17.47 -7.74 17.38
CA ARG C 98 -17.05 -6.97 16.21
C ARG C 98 -16.86 -7.87 15.00
N GLY C 99 -16.69 -9.17 15.19
CA GLY C 99 -16.42 -10.08 14.10
C GLY C 99 -17.64 -10.58 13.36
N GLY C 100 -18.83 -10.23 13.85
CA GLY C 100 -20.08 -10.57 13.19
C GLY C 100 -20.66 -11.91 13.56
N HIS C 101 -20.34 -12.42 14.74
CA HIS C 101 -20.84 -13.71 15.18
C HIS C 101 -22.01 -13.59 16.15
N VAL C 102 -22.42 -12.38 16.49
CA VAL C 102 -23.64 -12.15 17.24
C VAL C 102 -24.76 -11.99 16.21
N ASP C 103 -25.71 -12.94 16.21
CA ASP C 103 -26.74 -12.96 15.18
C ASP C 103 -27.69 -11.79 15.31
N ALA C 104 -27.94 -11.31 16.53
CA ALA C 104 -28.84 -10.20 16.77
C ALA C 104 -28.51 -9.57 18.11
N THR C 105 -28.47 -8.25 18.14
CA THR C 105 -28.27 -7.49 19.36
C THR C 105 -29.45 -6.53 19.50
N VAL C 106 -29.94 -6.38 20.73
CA VAL C 106 -31.10 -5.53 21.03
C VAL C 106 -30.67 -4.46 22.00
N LEU C 107 -30.83 -3.19 21.61
CA LEU C 107 -30.46 -2.05 22.44
C LEU C 107 -31.65 -1.13 22.56
N GLY C 108 -31.58 -0.22 23.53
CA GLY C 108 -32.42 0.96 23.54
C GLY C 108 -31.76 2.05 22.74
N ALA C 109 -32.41 3.22 22.72
CA ALA C 109 -31.85 4.36 22.03
C ALA C 109 -32.52 5.63 22.50
N LEU C 110 -31.84 6.76 22.29
CA LEU C 110 -32.45 8.05 22.57
C LEU C 110 -33.11 8.64 21.33
N GLU C 111 -32.36 8.78 20.24
CA GLU C 111 -32.87 9.04 18.90
C GLU C 111 -32.51 7.88 17.98
N VAL C 112 -33.01 7.94 16.74
CA VAL C 112 -32.76 6.91 15.72
C VAL C 112 -33.38 7.46 14.43
N ASP C 113 -32.72 7.29 13.28
CA ASP C 113 -33.23 8.00 12.09
C ASP C 113 -33.34 7.13 10.84
N GLU C 114 -33.63 7.79 9.70
CA GLU C 114 -33.88 7.11 8.43
C GLU C 114 -32.60 6.59 7.78
N LYS C 115 -31.45 7.19 8.07
CA LYS C 115 -30.16 6.70 7.60
C LYS C 115 -29.61 5.57 8.49
N GLY C 116 -30.45 4.98 9.32
CA GLY C 116 -30.04 3.92 10.22
C GLY C 116 -29.07 4.36 11.31
N ASN C 117 -28.88 5.66 11.50
CA ASN C 117 -28.02 6.11 12.57
C ASN C 117 -28.68 5.92 13.94
N LEU C 118 -27.83 5.89 14.97
CA LEU C 118 -28.24 5.58 16.32
C LEU C 118 -27.58 6.54 17.29
N ALA C 119 -28.31 6.96 18.30
CA ALA C 119 -27.75 7.79 19.37
C ALA C 119 -28.29 7.25 20.69
N ASN C 120 -27.40 6.78 21.57
CA ASN C 120 -27.91 6.02 22.72
C ASN C 120 -26.92 5.94 23.87
N TRP C 121 -25.90 6.76 23.90
CA TRP C 121 -24.88 6.64 24.92
C TRP C 121 -24.53 7.97 25.56
N MET C 122 -25.04 9.08 25.06
CA MET C 122 -24.62 10.37 25.60
C MET C 122 -25.73 11.40 25.41
N ILE C 123 -26.10 12.08 26.49
CA ILE C 123 -26.85 13.32 26.42
C ILE C 123 -25.94 14.44 26.89
N PRO C 124 -25.50 15.34 26.00
CA PRO C 124 -24.47 16.33 26.36
C PRO C 124 -24.80 17.06 27.66
N GLY C 125 -23.92 16.95 28.65
CA GLY C 125 -24.07 17.65 29.91
C GLY C 125 -25.08 17.10 30.91
N LYS C 126 -25.82 16.03 30.56
CA LYS C 126 -26.82 15.46 31.47
C LYS C 126 -26.55 14.00 31.79
N LYS C 127 -26.59 13.09 30.81
CA LYS C 127 -26.25 11.68 30.99
C LYS C 127 -25.03 11.36 30.13
N VAL C 128 -23.87 11.20 30.76
CA VAL C 128 -22.60 10.88 30.10
C VAL C 128 -21.97 9.63 30.75
N PRO C 129 -22.52 8.43 30.51
CA PRO C 129 -21.98 7.21 31.12
C PRO C 129 -20.94 6.44 30.30
N GLY C 130 -20.74 6.78 29.03
CA GLY C 130 -19.85 6.04 28.18
C GLY C 130 -20.59 5.07 27.28
N MET C 131 -19.91 4.67 26.23
CA MET C 131 -20.47 3.80 25.20
C MET C 131 -20.45 2.34 25.62
N GLY C 132 -19.56 1.98 26.56
CA GLY C 132 -19.28 0.59 26.90
C GLY C 132 -19.14 -0.27 25.66
N GLY C 133 -19.96 -1.31 25.54
CA GLY C 133 -19.89 -2.13 24.36
C GLY C 133 -20.89 -1.78 23.27
N ALA C 134 -21.54 -0.61 23.35
CA ALA C 134 -22.65 -0.32 22.44
C ALA C 134 -22.16 -0.14 21.01
N MET C 135 -21.17 0.74 20.79
CA MET C 135 -20.65 0.96 19.44
C MET C 135 -20.19 -0.36 18.82
N ASP C 136 -19.43 -1.16 19.56
CA ASP C 136 -18.95 -2.42 19.01
C ASP C 136 -20.12 -3.32 18.61
N LEU C 137 -21.11 -3.45 19.49
CA LEU C 137 -22.21 -4.37 19.24
C LEU C 137 -23.02 -3.96 18.02
N VAL C 138 -23.36 -2.68 17.90
CA VAL C 138 -24.20 -2.25 16.77
C VAL C 138 -23.42 -2.31 15.47
N VAL C 139 -22.11 -2.02 15.51
CA VAL C 139 -21.32 -2.13 14.29
C VAL C 139 -21.22 -3.59 13.86
N GLY C 140 -21.03 -4.51 14.80
CA GLY C 140 -20.70 -5.87 14.43
C GLY C 140 -21.83 -6.87 14.34
N ALA C 141 -22.94 -6.62 15.02
CA ALA C 141 -24.03 -7.59 15.00
C ALA C 141 -24.67 -7.68 13.62
N LYS C 142 -25.10 -8.89 13.26
CA LYS C 142 -25.71 -9.09 11.95
C LYS C 142 -27.06 -8.37 11.84
N LYS C 143 -27.91 -8.50 12.86
CA LYS C 143 -29.19 -7.80 12.94
C LYS C 143 -29.17 -6.92 14.19
N VAL C 144 -29.38 -5.63 14.01
CA VAL C 144 -29.41 -4.64 15.09
C VAL C 144 -30.86 -4.26 15.33
N ILE C 145 -31.43 -4.71 16.45
CA ILE C 145 -32.83 -4.41 16.81
C ILE C 145 -32.83 -3.32 17.88
N VAL C 146 -33.50 -2.21 17.62
CA VAL C 146 -33.69 -1.17 18.63
C VAL C 146 -35.06 -1.37 19.24
N ALA C 147 -35.09 -1.69 20.54
CA ALA C 147 -36.30 -1.83 21.33
C ALA C 147 -36.42 -0.61 22.24
N MET C 148 -37.29 0.34 21.88
CA MET C 148 -37.40 1.59 22.61
C MET C 148 -38.86 1.94 22.82
N GLU C 149 -39.09 2.93 23.66
CA GLU C 149 -40.40 3.53 23.69
C GLU C 149 -40.50 4.43 22.47
N HIS C 150 -41.70 4.53 21.89
CA HIS C 150 -41.84 5.34 20.70
C HIS C 150 -41.44 6.78 20.97
N THR C 151 -41.83 7.32 22.12
CA THR C 151 -41.50 8.70 22.48
C THR C 151 -40.94 8.74 23.90
N SER C 152 -40.39 9.89 24.29
CA SER C 152 -39.85 10.14 25.63
C SER C 152 -40.66 11.30 26.19
N ASN C 153 -41.77 11.00 26.86
CA ASN C 153 -42.72 12.00 27.33
C ASN C 153 -43.33 12.79 26.16
N ALA C 155 -42.39 13.52 23.08
CA ALA C 155 -41.12 13.96 22.47
C ALA C 155 -40.63 12.94 21.45
N ILE C 156 -40.29 13.37 20.24
CA ILE C 156 -40.08 12.45 19.13
C ILE C 156 -38.68 11.85 19.18
N LYS C 157 -38.61 10.52 19.09
CA LYS C 157 -37.34 9.81 19.01
C LYS C 157 -36.95 9.41 17.60
N ILE C 158 -37.91 9.12 16.71
CA ILE C 158 -37.64 8.63 15.37
C ILE C 158 -37.54 9.76 14.37
N LEU C 159 -36.40 10.45 14.35
CA LEU C 159 -36.12 11.69 13.62
C LEU C 159 -35.76 11.43 12.15
N LYS C 160 -35.60 12.52 11.39
CA LYS C 160 -35.04 12.37 10.05
C LYS C 160 -33.52 12.22 10.11
N GLU C 161 -32.87 12.99 10.99
CA GLU C 161 -31.44 12.87 11.28
C GLU C 161 -31.26 13.03 12.79
N CYS C 162 -30.47 12.16 13.41
CA CYS C 162 -30.21 12.27 14.84
C CYS C 162 -29.46 13.55 15.16
N LYS C 163 -29.88 14.20 16.24
CA LYS C 163 -29.20 15.37 16.75
C LYS C 163 -28.27 15.05 17.93
N LEU C 164 -28.49 13.96 18.64
CA LEU C 164 -27.66 13.60 19.79
C LEU C 164 -26.36 12.92 19.33
N PRO C 165 -25.33 12.92 20.19
CA PRO C 165 -24.10 12.17 19.87
C PRO C 165 -24.40 10.75 19.40
N LEU C 166 -23.86 10.39 18.23
CA LEU C 166 -24.20 9.10 17.66
C LEU C 166 -23.37 7.97 18.27
N THR C 167 -24.01 6.80 18.36
CA THR C 167 -23.34 5.57 18.75
C THR C 167 -22.62 4.94 17.55
N ALA C 168 -23.33 4.81 16.44
CA ALA C 168 -22.77 4.36 15.19
C ALA C 168 -23.61 4.95 14.07
N VAL C 169 -23.11 4.85 12.84
CA VAL C 169 -23.86 5.25 11.65
C VAL C 169 -24.32 4.02 10.90
N GLY C 170 -25.50 4.12 10.30
CA GLY C 170 -26.01 3.10 9.38
C GLY C 170 -26.04 1.69 9.94
N VAL C 171 -26.39 1.54 11.22
CA VAL C 171 -26.34 0.24 11.88
C VAL C 171 -27.72 -0.35 12.09
N VAL C 172 -28.72 0.49 12.39
CA VAL C 172 -30.02 -0.03 12.84
C VAL C 172 -30.70 -0.80 11.72
N ASP C 173 -31.33 -1.93 12.06
CA ASP C 173 -32.08 -2.72 11.08
C ASP C 173 -33.58 -2.81 11.38
N LEU C 174 -33.99 -2.91 12.65
CA LEU C 174 -35.39 -2.86 13.02
C LEU C 174 -35.57 -1.79 14.09
N ILE C 175 -36.77 -1.24 14.16
CA ILE C 175 -37.17 -0.39 15.26
C ILE C 175 -38.49 -0.96 15.78
N ILE C 176 -38.48 -1.46 17.01
CA ILE C 176 -39.66 -2.02 17.63
C ILE C 176 -40.05 -1.09 18.77
N THR C 177 -41.17 -0.40 18.62
CA THR C 177 -41.76 0.37 19.71
C THR C 177 -43.10 -0.25 20.09
N GLU C 178 -43.74 0.35 21.10
CA GLU C 178 -45.08 -0.03 21.51
C GLU C 178 -46.13 0.32 20.45
N LYS C 179 -45.83 1.27 19.54
CA LYS C 179 -46.72 1.65 18.45
C LYS C 179 -46.42 0.87 17.16
N ALA C 180 -45.15 0.79 16.78
CA ALA C 180 -44.78 0.41 15.42
C ALA C 180 -43.63 -0.61 15.43
N VAL C 181 -43.51 -1.32 14.31
CA VAL C 181 -42.28 -2.00 13.91
C VAL C 181 -41.82 -1.34 12.62
N PHE C 182 -40.63 -0.73 12.64
CA PHE C 182 -40.05 -0.08 11.47
C PHE C 182 -38.86 -0.90 10.96
N GLU C 183 -38.81 -1.17 9.66
CA GLU C 183 -37.61 -1.74 9.03
C GLU C 183 -36.82 -0.62 8.37
N VAL C 184 -35.51 -0.56 8.64
CA VAL C 184 -34.62 0.37 7.96
C VAL C 184 -34.06 -0.32 6.72
N THR C 185 -34.14 0.39 5.58
CA THR C 185 -33.74 -0.12 4.28
C THR C 185 -32.86 0.92 3.61
N ASP C 186 -32.23 0.47 2.51
CA ASP C 186 -31.44 1.37 1.68
C ASP C 186 -32.23 2.61 1.29
N LYS C 187 -33.56 2.47 1.12
CA LYS C 187 -34.40 3.61 0.79
C LYS C 187 -34.66 4.48 2.02
N GLY C 188 -35.04 3.86 3.12
CA GLY C 188 -35.39 4.57 4.34
C GLY C 188 -36.30 3.71 5.21
N LEU C 189 -37.10 4.37 6.04
CA LEU C 189 -37.98 3.66 6.95
C LEU C 189 -39.16 3.07 6.19
N VAL C 190 -39.44 1.79 6.40
CA VAL C 190 -40.60 1.12 5.82
C VAL C 190 -41.43 0.58 6.97
N LEU C 191 -42.50 1.30 7.35
CA LEU C 191 -43.41 0.83 8.38
C LEU C 191 -43.93 -0.55 8.02
N LYS C 192 -43.84 -1.48 8.97
CA LYS C 192 -44.09 -2.89 8.70
C LYS C 192 -45.15 -3.52 9.61
N GLU C 193 -45.41 -2.97 10.80
CA GLU C 193 -46.44 -3.50 11.70
C GLU C 193 -46.98 -2.35 12.54
N ILE C 194 -48.29 -2.39 12.83
CA ILE C 194 -48.96 -1.45 13.72
C ILE C 194 -49.64 -2.22 14.85
N THR C 195 -49.30 -1.88 16.09
CA THR C 195 -49.82 -2.62 17.24
C THR C 195 -51.22 -2.16 17.62
N PRO C 196 -51.98 -3.03 18.29
CA PRO C 196 -53.32 -2.65 18.77
C PRO C 196 -53.34 -1.38 19.62
N TYR C 197 -52.20 -0.79 19.97
CA TYR C 197 -52.16 0.37 20.84
C TYR C 197 -51.92 1.66 20.07
N SER C 198 -51.97 1.60 18.75
CA SER C 198 -51.76 2.82 17.97
C SER C 198 -52.42 2.67 16.61
N SER C 199 -52.02 3.53 15.68
CA SER C 199 -52.63 3.56 14.36
C SER C 199 -51.77 4.40 13.43
N LEU C 200 -51.97 4.19 12.12
CA LEU C 200 -51.28 4.97 11.10
C LEU C 200 -51.24 6.46 11.46
N GLU C 201 -52.38 7.04 11.81
CA GLU C 201 -52.39 8.46 12.06
C GLU C 201 -51.62 8.80 13.33
N ASP C 202 -51.55 7.85 14.29
CA ASP C 202 -50.82 8.13 15.54
C ASP C 202 -49.32 7.99 15.34
N ILE C 203 -48.91 6.89 14.67
CA ILE C 203 -47.51 6.75 14.27
C ILE C 203 -47.06 7.97 13.46
N LYS C 204 -47.95 8.50 12.59
CA LYS C 204 -47.57 9.66 11.80
C LYS C 204 -47.39 10.89 12.69
N ALA C 205 -48.21 11.03 13.73
CA ALA C 205 -48.12 12.19 14.60
C ALA C 205 -46.92 12.10 15.55
N THR C 206 -46.46 10.88 15.82
CA THR C 206 -45.37 10.65 16.76
C THR C 206 -44.10 10.15 16.09
N THR C 207 -43.98 10.35 14.77
CA THR C 207 -42.76 10.05 14.02
C THR C 207 -42.42 11.27 13.17
N ALA C 208 -41.29 11.90 13.46
CA ALA C 208 -40.84 13.09 12.74
C ALA C 208 -40.02 12.75 11.51
N ALA C 209 -40.10 11.52 11.01
CA ALA C 209 -39.27 11.08 9.89
C ALA C 209 -40.15 10.54 8.79
N ASP C 210 -39.84 10.89 7.55
CA ASP C 210 -40.56 10.31 6.43
C ASP C 210 -40.45 8.79 6.50
N PHE C 211 -41.52 8.11 6.11
CA PHE C 211 -41.52 6.65 6.10
C PHE C 211 -42.57 6.17 5.10
N ILE C 212 -42.51 4.88 4.79
CA ILE C 212 -43.29 4.27 3.71
C ILE C 212 -44.04 3.09 4.30
N ILE C 213 -45.27 2.84 3.83
CA ILE C 213 -46.05 1.70 4.32
C ILE C 213 -45.83 0.50 3.40
N ALA C 214 -46.14 -0.69 3.89
CA ALA C 214 -46.02 -1.88 3.05
C ALA C 214 -47.19 -2.85 3.25
N LYS D 10 9.70 -19.29 44.23
CA LYS D 10 8.88 -18.41 45.08
C LYS D 10 9.42 -16.97 45.19
N GLN D 11 10.48 -16.65 44.44
CA GLN D 11 11.08 -15.31 44.51
C GLN D 11 10.08 -14.20 44.18
N LYS D 12 8.96 -14.53 43.54
CA LYS D 12 8.00 -13.54 43.07
C LYS D 12 6.93 -13.19 44.10
N ILE D 13 6.67 -14.09 45.04
CA ILE D 13 5.68 -13.86 46.10
C ILE D 13 6.25 -12.87 47.10
N VAL D 14 5.58 -11.72 47.26
CA VAL D 14 6.17 -10.61 48.01
C VAL D 14 5.12 -9.94 48.90
N SER D 15 5.64 -9.10 49.79
CA SER D 15 4.81 -8.25 50.60
C SER D 15 4.05 -7.27 49.70
N MET D 16 2.89 -6.84 50.19
CA MET D 16 2.15 -5.80 49.48
C MET D 16 2.94 -4.49 49.44
N GLU D 17 3.71 -4.20 50.50
CA GLU D 17 4.44 -2.93 50.54
C GLU D 17 5.62 -2.93 49.58
N GLU D 18 6.27 -4.09 49.40
CA GLU D 18 7.27 -4.22 48.35
C GLU D 18 6.65 -3.97 46.99
N ALA D 19 5.64 -4.77 46.64
CA ALA D 19 4.84 -4.60 45.43
C ALA D 19 4.53 -3.13 45.12
N ILE D 20 3.85 -2.44 46.03
CA ILE D 20 3.36 -1.11 45.67
C ILE D 20 4.50 -0.09 45.66
N SER D 21 5.71 -0.50 46.06
CA SER D 21 6.86 0.38 45.84
C SER D 21 7.05 0.70 44.37
N HIS D 22 6.54 -0.14 43.47
CA HIS D 22 6.69 0.04 42.03
C HIS D 22 5.59 0.88 41.42
N VAL D 23 4.56 1.21 42.19
CA VAL D 23 3.51 2.10 41.73
C VAL D 23 3.89 3.49 42.24
N LYS D 24 4.40 4.33 41.36
CA LYS D 24 4.95 5.62 41.73
C LYS D 24 4.07 6.75 41.21
N ASP D 25 4.31 7.95 41.71
CA ASP D 25 3.52 9.10 41.28
C ASP D 25 3.65 9.27 39.78
N GLY D 26 2.54 9.58 39.13
CA GLY D 26 2.55 9.92 37.71
C GLY D 26 2.37 8.76 36.76
N MET D 27 2.62 7.50 37.20
CA MET D 27 2.61 6.37 36.25
C MET D 27 1.25 6.19 35.61
N THR D 28 1.26 5.53 34.46
CA THR D 28 0.08 4.94 33.84
C THR D 28 -0.09 3.51 34.38
N VAL D 29 -1.30 3.17 34.82
CA VAL D 29 -1.52 1.87 35.45
C VAL D 29 -2.73 1.20 34.83
N HIS D 30 -2.51 0.04 34.20
CA HIS D 30 -3.60 -0.87 33.86
C HIS D 30 -4.16 -1.47 35.14
N ILE D 31 -5.48 -1.46 35.29
CA ILE D 31 -6.14 -2.08 36.44
C ILE D 31 -7.26 -3.00 35.94
N GLY D 32 -7.24 -4.25 36.38
CA GLY D 32 -8.18 -5.21 35.88
C GLY D 32 -9.55 -5.12 36.52
N GLY D 33 -10.52 -5.79 35.91
N GLY D 33 -10.51 -5.80 35.91
CA GLY D 33 -11.85 -5.88 36.51
CA GLY D 33 -11.84 -5.91 36.47
C GLY D 33 -12.97 -5.23 35.73
C GLY D 33 -12.95 -5.27 35.67
N PHE D 34 -14.13 -5.90 35.69
CA PHE D 34 -15.33 -5.40 35.04
C PHE D 34 -16.35 -5.11 36.13
N ILE D 35 -16.77 -3.84 36.22
CA ILE D 35 -17.57 -3.30 37.33
C ILE D 35 -17.09 -3.97 38.61
N ALA D 36 -15.80 -3.89 38.87
CA ALA D 36 -15.14 -4.37 40.08
C ALA D 36 -15.20 -5.89 40.26
N CYS D 37 -15.69 -6.65 39.27
CA CYS D 37 -15.56 -8.11 39.28
C CYS D 37 -14.22 -8.48 38.65
N GLY D 38 -13.33 -9.05 39.45
CA GLY D 38 -11.98 -9.32 39.00
C GLY D 38 -11.04 -8.15 39.17
N THR D 39 -11.27 -7.34 40.06
CA THR D 39 -10.39 -6.24 40.39
C THR D 39 -9.48 -6.62 41.55
N PRO D 40 -8.24 -6.09 41.61
CA PRO D 40 -7.37 -6.38 42.76
C PRO D 40 -7.63 -5.42 43.93
N GLU D 41 -8.58 -5.77 44.78
CA GLU D 41 -9.10 -4.81 45.75
C GLU D 41 -8.12 -4.56 46.88
N SER D 42 -7.38 -5.61 47.31
CA SER D 42 -6.36 -5.43 48.32
C SER D 42 -5.28 -4.46 47.85
N ILE D 43 -4.83 -4.62 46.60
CA ILE D 43 -3.90 -3.68 45.99
C ILE D 43 -4.49 -2.27 45.98
N ILE D 44 -5.77 -2.13 45.60
CA ILE D 44 -6.40 -0.81 45.62
C ILE D 44 -6.36 -0.23 47.03
N THR D 45 -6.58 -1.08 48.03
CA THR D 45 -6.61 -0.58 49.40
C THR D 45 -5.27 0.03 49.79
N ALA D 46 -4.19 -0.71 49.55
CA ALA D 46 -2.88 -0.24 49.93
C ALA D 46 -2.43 0.93 49.07
N LEU D 47 -2.91 1.02 47.84
CA LEU D 47 -2.57 2.21 47.05
C LEU D 47 -3.23 3.45 47.63
N ILE D 48 -4.36 3.28 48.31
CA ILE D 48 -5.00 4.40 48.97
C ILE D 48 -4.26 4.75 50.25
N GLU D 49 -3.87 3.72 51.01
CA GLU D 49 -2.97 3.88 52.14
C GLU D 49 -1.70 4.65 51.75
N LYS D 50 -1.06 4.29 50.61
CA LYS D 50 0.20 4.92 50.19
C LYS D 50 0.00 6.33 49.65
N GLY D 51 -1.13 6.60 48.99
CA GLY D 51 -1.44 7.95 48.60
C GLY D 51 -0.90 8.42 47.28
N VAL D 52 -0.56 7.51 46.37
CA VAL D 52 0.10 7.86 45.12
C VAL D 52 -0.73 8.86 44.34
N LYS D 53 -0.09 9.92 43.86
CA LYS D 53 -0.77 10.99 43.14
C LYS D 53 -0.60 10.81 41.63
N ASP D 54 -1.39 11.58 40.88
CA ASP D 54 -1.18 11.83 39.45
C ASP D 54 -1.28 10.57 38.59
N LEU D 55 -1.80 9.46 39.10
CA LEU D 55 -1.93 8.26 38.28
C LEU D 55 -2.88 8.48 37.09
N THR D 56 -2.48 7.95 35.93
CA THR D 56 -3.39 7.67 34.83
C THR D 56 -3.82 6.20 34.94
N ILE D 57 -5.14 5.96 34.97
CA ILE D 57 -5.69 4.62 35.13
C ILE D 57 -6.37 4.20 33.84
N VAL D 58 -6.00 3.03 33.34
CA VAL D 58 -6.57 2.44 32.14
C VAL D 58 -7.31 1.21 32.61
N ALA D 59 -8.62 1.18 32.37
CA ALA D 59 -9.43 0.06 32.82
C ALA D 59 -10.75 0.07 32.08
N ASN D 60 -11.50 -1.02 32.24
CA ASN D 60 -12.82 -1.09 31.60
C ASN D 60 -13.77 -0.01 32.13
N ASP D 61 -13.71 0.28 33.42
CA ASP D 61 -14.62 1.25 34.01
C ASP D 61 -13.96 1.87 35.24
N THR D 62 -14.71 2.72 35.93
CA THR D 62 -14.24 3.35 37.17
C THR D 62 -14.83 2.70 38.41
N GLY D 63 -15.47 1.55 38.27
CA GLY D 63 -16.11 0.91 39.41
C GLY D 63 -17.13 1.84 40.06
N LEU D 64 -17.24 1.73 41.38
CA LEU D 64 -18.12 2.57 42.19
C LEU D 64 -17.29 3.38 43.16
N ILE D 65 -17.85 4.48 43.63
CA ILE D 65 -17.16 5.40 44.54
C ILE D 65 -16.64 4.65 45.78
N ASP D 66 -17.20 3.45 46.03
CA ASP D 66 -16.84 2.65 47.19
C ASP D 66 -16.30 1.25 46.86
N LYS D 67 -16.27 0.85 45.59
CA LYS D 67 -15.66 -0.43 45.23
C LYS D 67 -14.72 -0.22 44.05
N GLY D 68 -13.54 -0.85 44.11
CA GLY D 68 -12.59 -0.87 43.00
C GLY D 68 -11.91 0.43 42.65
N ILE D 69 -11.81 0.70 41.35
CA ILE D 69 -11.07 1.86 40.88
C ILE D 69 -11.67 3.15 41.42
N GLY D 70 -13.00 3.19 41.60
CA GLY D 70 -13.64 4.40 42.10
C GLY D 70 -13.05 4.89 43.39
N ARG D 71 -12.61 3.97 44.26
CA ARG D 71 -11.99 4.39 45.51
C ARG D 71 -10.80 5.29 45.25
N LEU D 72 -9.94 4.89 44.29
CA LEU D 72 -8.81 5.74 43.90
C LEU D 72 -9.26 7.06 43.34
N VAL D 73 -10.40 7.08 42.67
CA VAL D 73 -10.90 8.33 42.08
C VAL D 73 -11.39 9.26 43.17
N VAL D 74 -12.15 8.72 44.13
CA VAL D 74 -12.64 9.49 45.27
C VAL D 74 -11.51 10.20 45.99
N ASN D 75 -10.31 9.60 45.99
CA ASN D 75 -9.19 9.99 46.82
C ASN D 75 -8.28 11.01 46.16
N ASN D 76 -8.74 11.70 45.11
CA ASN D 76 -7.93 12.63 44.33
C ASN D 76 -6.57 12.03 43.93
N GLN D 77 -6.50 10.71 43.78
CA GLN D 77 -5.29 10.00 43.36
C GLN D 77 -5.13 9.85 41.84
N VAL D 78 -6.09 10.32 41.03
CA VAL D 78 -6.15 9.93 39.63
C VAL D 78 -6.20 11.18 38.76
N LYS D 79 -5.23 11.33 37.85
CA LYS D 79 -5.16 12.52 37.02
C LYS D 79 -6.01 12.41 35.77
N LYS D 80 -6.02 11.23 35.14
CA LYS D 80 -6.68 10.98 33.86
C LYS D 80 -7.15 9.54 33.88
N VAL D 81 -8.26 9.28 33.19
CA VAL D 81 -8.84 7.94 33.11
C VAL D 81 -9.08 7.57 31.64
N ILE D 82 -8.72 6.34 31.29
CA ILE D 82 -9.00 5.79 29.98
C ILE D 82 -9.87 4.56 30.25
N ALA D 83 -11.16 4.67 29.99
CA ALA D 83 -12.09 3.60 30.31
C ALA D 83 -13.21 3.55 29.28
N SER D 84 -13.95 2.45 29.34
CA SER D 84 -15.15 2.35 28.53
C SER D 84 -16.41 2.81 29.25
N HIS D 85 -16.45 2.76 30.57
CA HIS D 85 -17.71 3.09 31.20
C HIS D 85 -17.45 3.82 32.52
N ILE D 86 -18.21 4.88 32.77
CA ILE D 86 -18.04 5.59 34.03
C ILE D 86 -19.36 5.78 34.77
N GLY D 87 -20.44 5.18 34.25
CA GLY D 87 -21.77 5.49 34.73
C GLY D 87 -22.03 5.06 36.17
N THR D 88 -21.59 3.88 36.52
CA THR D 88 -21.76 3.46 37.89
C THR D 88 -20.90 4.27 38.93
N ASN D 89 -20.24 5.37 38.59
CA ASN D 89 -19.44 6.13 39.56
C ASN D 89 -19.70 7.60 39.30
N PRO D 90 -20.60 8.22 40.08
CA PRO D 90 -20.91 9.64 39.83
C PRO D 90 -19.76 10.57 40.14
N GLU D 91 -18.79 10.13 40.95
CA GLU D 91 -17.64 10.98 41.25
C GLU D 91 -16.76 11.19 40.02
N THR D 92 -16.52 10.12 39.26
CA THR D 92 -15.88 10.25 37.95
C THR D 92 -16.62 11.24 37.08
N GLY D 93 -17.93 11.04 36.93
CA GLY D 93 -18.74 11.99 36.18
C GLY D 93 -18.55 13.42 36.63
N ARG D 94 -18.56 13.66 37.95
CA ARG D 94 -18.43 15.04 38.44
C ARG D 94 -17.05 15.61 38.12
N ARG D 95 -15.99 14.80 38.28
CA ARG D 95 -14.64 15.29 38.01
C ARG D 95 -14.39 15.52 36.51
N MET D 96 -15.00 14.67 35.67
CA MET D 96 -14.91 14.89 34.23
C MET D 96 -15.37 16.30 33.87
N GLN D 97 -16.61 16.65 34.23
CA GLN D 97 -17.14 17.96 33.87
C GLN D 97 -16.46 19.08 34.65
N SER D 98 -16.15 18.85 35.93
CA SER D 98 -15.32 19.76 36.70
C SER D 98 -14.12 20.27 35.90
N GLY D 99 -13.40 19.35 35.26
CA GLY D 99 -12.07 19.60 34.76
C GLY D 99 -10.99 19.04 35.65
N GLU D 100 -11.34 18.53 36.83
CA GLU D 100 -10.33 18.05 37.76
C GLU D 100 -9.73 16.73 37.31
N MET D 101 -10.48 15.90 36.56
CA MET D 101 -9.96 14.74 35.84
C MET D 101 -10.16 14.82 34.34
N GLU D 102 -9.16 14.30 33.64
CA GLU D 102 -9.24 14.07 32.22
C GLU D 102 -9.79 12.67 31.99
N VAL D 103 -10.75 12.55 31.08
CA VAL D 103 -11.37 11.28 30.79
C VAL D 103 -11.34 11.06 29.28
N GLU D 104 -10.68 9.98 28.84
CA GLU D 104 -10.84 9.45 27.49
C GLU D 104 -11.77 8.25 27.55
N LEU D 105 -12.89 8.34 26.83
CA LEU D 105 -13.85 7.25 26.75
C LEU D 105 -13.61 6.43 25.48
N VAL D 106 -13.27 5.16 25.66
CA VAL D 106 -12.81 4.27 24.61
C VAL D 106 -13.79 3.11 24.48
N PRO D 107 -14.37 2.87 23.30
CA PRO D 107 -15.28 1.72 23.15
C PRO D 107 -14.60 0.44 23.60
N GLN D 108 -15.37 -0.36 24.32
CA GLN D 108 -14.79 -1.47 25.06
C GLN D 108 -14.06 -2.45 24.16
N GLY D 109 -14.61 -2.76 23.00
CA GLY D 109 -13.89 -3.60 22.06
C GLY D 109 -12.59 -2.96 21.62
N THR D 110 -12.60 -1.64 21.38
CA THR D 110 -11.40 -0.94 20.98
C THR D 110 -10.37 -1.00 22.11
N LEU D 111 -10.81 -0.69 23.33
CA LEU D 111 -9.87 -0.68 24.45
C LEU D 111 -9.26 -2.05 24.69
N ALA D 112 -10.00 -3.12 24.42
CA ALA D 112 -9.39 -4.46 24.49
C ALA D 112 -8.25 -4.56 23.47
N GLU D 113 -8.55 -4.25 22.21
CA GLU D 113 -7.55 -4.30 21.15
C GLU D 113 -6.41 -3.33 21.39
N ARG D 114 -6.70 -2.14 21.94
CA ARG D 114 -5.61 -1.18 22.12
C ARG D 114 -4.64 -1.64 23.20
N VAL D 115 -5.13 -2.34 24.24
CA VAL D 115 -4.22 -2.87 25.25
C VAL D 115 -3.47 -4.07 24.68
N ARG D 116 -4.20 -5.03 24.10
CA ARG D 116 -3.57 -6.16 23.41
C ARG D 116 -2.45 -5.69 22.48
N ALA D 117 -2.68 -4.60 21.74
CA ALA D 117 -1.68 -4.11 20.81
C ALA D 117 -0.36 -3.75 21.52
N ALA D 118 -0.43 -3.04 22.65
CA ALA D 118 0.78 -2.80 23.43
C ALA D 118 1.45 -4.12 23.86
N GLY D 119 0.67 -5.09 24.33
CA GLY D 119 1.27 -6.32 24.81
C GLY D 119 1.83 -7.17 23.69
N TYR D 120 1.18 -7.16 22.53
CA TYR D 120 1.52 -8.08 21.46
C TYR D 120 2.45 -7.46 20.43
N GLY D 121 2.98 -6.27 20.71
CA GLY D 121 3.93 -5.65 19.82
C GLY D 121 3.37 -4.99 18.57
N LEU D 122 2.05 -4.88 18.45
CA LEU D 122 1.46 -4.25 17.27
C LEU D 122 1.55 -2.73 17.38
N GLY D 123 1.58 -2.08 16.23
CA GLY D 123 1.66 -0.62 16.22
C GLY D 123 0.33 0.10 16.27
N GLY D 124 -0.77 -0.63 16.28
CA GLY D 124 -2.11 -0.07 16.21
C GLY D 124 -3.01 -1.10 15.58
N ILE D 125 -4.32 -0.88 15.72
CA ILE D 125 -5.31 -1.74 15.07
C ILE D 125 -6.29 -0.86 14.32
N LEU D 126 -6.98 -1.46 13.34
CA LEU D 126 -8.00 -0.81 12.53
C LEU D 126 -9.36 -1.37 12.86
N THR D 127 -10.22 -0.55 13.43
CA THR D 127 -11.55 -1.04 13.78
C THR D 127 -12.63 -0.16 13.18
N PRO D 128 -13.75 -0.73 12.73
CA PRO D 128 -14.86 0.12 12.27
C PRO D 128 -15.57 0.81 13.40
N THR D 129 -15.43 0.30 14.62
CA THR D 129 -16.13 0.85 15.76
C THR D 129 -15.67 2.28 16.02
N GLY D 130 -16.62 3.21 16.03
CA GLY D 130 -16.34 4.59 16.34
C GLY D 130 -16.42 5.51 15.15
N LEU D 131 -16.48 4.96 13.94
CA LEU D 131 -16.63 5.80 12.76
C LEU D 131 -17.87 6.67 12.88
N GLY D 132 -17.72 7.93 12.48
CA GLY D 132 -18.83 8.85 12.47
C GLY D 132 -19.29 9.30 13.83
N THR D 133 -18.52 9.00 14.87
CA THR D 133 -18.82 9.39 16.23
C THR D 133 -17.72 10.33 16.70
N ILE D 134 -17.79 10.75 17.96
CA ILE D 134 -16.71 11.58 18.46
C ILE D 134 -15.48 10.76 18.81
N VAL D 135 -15.56 9.44 18.69
CA VAL D 135 -14.35 8.63 18.86
C VAL D 135 -13.42 8.87 17.68
N GLN D 136 -13.99 9.08 16.49
CA GLN D 136 -13.19 9.35 15.30
C GLN D 136 -12.34 10.61 15.43
N GLU D 137 -12.72 11.57 16.27
CA GLU D 137 -12.06 12.87 16.29
C GLU D 137 -10.56 12.73 16.58
N GLY D 138 -9.74 13.24 15.66
CA GLY D 138 -8.29 13.24 15.81
C GLY D 138 -7.64 11.88 15.65
N LYS D 139 -8.11 11.07 14.70
CA LYS D 139 -7.61 9.72 14.49
C LYS D 139 -7.54 9.44 13.00
N GLN D 140 -6.48 8.72 12.61
CA GLN D 140 -6.28 8.41 11.19
C GLN D 140 -7.38 7.48 10.71
N ILE D 141 -8.05 7.86 9.64
CA ILE D 141 -8.97 6.94 8.99
C ILE D 141 -8.22 6.31 7.83
N ILE D 142 -8.21 4.97 7.77
CA ILE D 142 -7.55 4.21 6.71
C ILE D 142 -8.65 3.45 5.99
N ASN D 143 -8.73 3.63 4.66
CA ASN D 143 -9.58 2.77 3.82
C ASN D 143 -8.76 1.55 3.43
N VAL D 144 -9.34 0.35 3.56
CA VAL D 144 -8.57 -0.83 3.19
C VAL D 144 -9.07 -1.39 1.85
N ASP D 145 -10.27 -1.93 1.80
CA ASP D 145 -10.77 -2.47 0.55
C ASP D 145 -12.22 -2.03 0.45
N GLY D 146 -12.41 -0.72 0.26
CA GLY D 146 -13.72 -0.14 0.12
C GLY D 146 -14.38 0.31 1.41
N LYS D 147 -13.88 -0.09 2.57
CA LYS D 147 -14.43 0.28 3.86
C LYS D 147 -13.40 1.10 4.62
N ASP D 148 -13.86 2.14 5.33
CA ASP D 148 -12.98 2.94 6.17
C ASP D 148 -12.86 2.33 7.57
N TYR D 149 -11.83 2.74 8.29
CA TYR D 149 -11.52 2.18 9.60
C TYR D 149 -10.78 3.22 10.43
N LEU D 150 -10.99 3.18 11.73
CA LEU D 150 -10.24 4.00 12.66
C LEU D 150 -8.93 3.32 13.01
N LEU D 151 -7.85 4.09 13.02
CA LEU D 151 -6.57 3.62 13.53
C LEU D 151 -6.55 3.89 15.02
N GLU D 152 -6.54 2.83 15.83
CA GLU D 152 -6.49 2.96 17.28
C GLU D 152 -5.13 2.47 17.77
N LYS D 153 -4.47 3.30 18.66
CA LYS D 153 -3.06 3.14 18.99
C LYS D 153 -2.89 2.28 20.24
N PRO D 154 -1.75 1.62 20.36
CA PRO D 154 -1.51 0.79 21.55
C PRO D 154 -1.45 1.64 22.80
N ILE D 155 -1.78 1.01 23.92
CA ILE D 155 -1.76 1.67 25.24
C ILE D 155 -0.83 0.84 26.12
N LYS D 156 0.45 1.18 26.10
CA LYS D 156 1.39 0.55 27.03
C LYS D 156 1.27 1.21 28.40
N ALA D 157 1.58 0.44 29.45
CA ALA D 157 1.50 0.99 30.81
C ALA D 157 2.77 0.68 31.59
N ASP D 158 3.01 1.52 32.60
CA ASP D 158 4.11 1.30 33.53
C ASP D 158 3.87 0.08 34.38
N VAL D 159 2.70 -0.02 35.00
CA VAL D 159 2.38 -1.16 35.84
C VAL D 159 1.00 -1.66 35.45
N ALA D 160 0.82 -2.97 35.52
CA ALA D 160 -0.48 -3.61 35.48
C ALA D 160 -0.76 -4.21 36.85
N LEU D 161 -1.92 -3.86 37.41
CA LEU D 161 -2.44 -4.45 38.65
C LEU D 161 -3.57 -5.39 38.24
N ILE D 162 -3.38 -6.69 38.45
CA ILE D 162 -4.37 -7.65 38.00
C ILE D 162 -4.75 -8.58 39.14
N PHE D 163 -5.81 -9.36 38.89
CA PHE D 163 -6.42 -10.23 39.88
C PHE D 163 -6.49 -11.63 39.31
N GLY D 164 -6.11 -12.61 40.10
CA GLY D 164 -6.21 -13.99 39.69
C GLY D 164 -6.91 -14.80 40.75
N THR D 165 -7.68 -15.78 40.30
CA THR D 165 -8.43 -16.62 41.21
C THR D 165 -7.54 -17.69 41.84
N LYS D 166 -6.61 -18.21 41.05
CA LYS D 166 -5.56 -19.09 41.52
C LYS D 166 -4.27 -18.69 40.80
N VAL D 167 -3.17 -18.61 41.54
CA VAL D 167 -1.86 -18.20 41.01
C VAL D 167 -0.82 -19.12 41.61
N ASP D 168 -0.20 -19.97 40.77
CA ASP D 168 0.87 -20.80 41.28
C ASP D 168 2.12 -19.94 41.56
N GLU D 169 3.11 -20.53 42.24
CA GLU D 169 4.24 -19.75 42.73
C GLU D 169 5.05 -19.14 41.60
N LEU D 170 5.05 -19.77 40.43
CA LEU D 170 5.80 -19.22 39.30
C LEU D 170 5.16 -17.94 38.78
N GLY D 171 3.85 -17.78 38.96
CA GLY D 171 3.14 -16.63 38.42
C GLY D 171 2.11 -16.99 37.37
N ASN D 172 1.90 -18.27 37.09
CA ASN D 172 0.82 -18.68 36.21
C ASN D 172 -0.50 -18.33 36.89
N VAL D 173 -1.40 -17.69 36.13
CA VAL D 173 -2.64 -17.17 36.69
C VAL D 173 -3.83 -17.86 36.07
N ILE D 174 -4.85 -18.11 36.89
CA ILE D 174 -6.19 -18.48 36.42
C ILE D 174 -7.13 -17.40 36.91
N CYS D 175 -7.98 -16.90 36.01
CA CYS D 175 -9.08 -15.98 36.33
C CYS D 175 -10.38 -16.72 36.06
N GLU D 176 -10.91 -17.39 37.07
CA GLU D 176 -12.10 -18.21 36.88
C GLU D 176 -13.28 -17.33 36.46
N LYS D 177 -14.30 -17.98 35.88
CA LYS D 177 -15.61 -17.39 35.52
C LYS D 177 -15.38 -16.06 34.80
N THR D 178 -16.05 -14.96 35.15
CA THR D 178 -15.94 -13.72 34.40
C THR D 178 -14.98 -12.72 35.05
N THR D 179 -13.98 -13.22 35.77
CA THR D 179 -12.93 -12.34 36.29
C THR D 179 -11.84 -12.10 35.25
N LYS D 180 -11.73 -12.94 34.24
CA LYS D 180 -10.92 -12.65 33.07
C LYS D 180 -11.75 -11.75 32.17
N ASN D 181 -11.48 -10.46 32.23
CA ASN D 181 -11.98 -9.54 31.22
C ASN D 181 -10.73 -8.92 30.60
N PHE D 182 -10.16 -7.89 31.24
CA PHE D 182 -8.96 -7.26 30.72
C PHE D 182 -7.67 -7.79 31.33
N ASN D 183 -7.75 -8.60 32.39
CA ASN D 183 -6.54 -9.10 33.05
C ASN D 183 -5.60 -9.85 32.11
N PRO D 184 -6.02 -10.88 31.37
CA PRO D 184 -5.04 -11.58 30.52
C PRO D 184 -4.45 -10.70 29.46
N LEU D 185 -5.14 -9.61 29.11
CA LEU D 185 -4.57 -8.59 28.23
C LEU D 185 -3.61 -7.69 28.98
N MET D 186 -4.07 -7.05 30.07
CA MET D 186 -3.24 -6.03 30.70
C MET D 186 -1.93 -6.62 31.22
N ALA D 187 -1.93 -7.89 31.62
CA ALA D 187 -0.70 -8.52 32.09
C ALA D 187 0.39 -8.55 31.03
N THR D 188 0.06 -8.41 29.74
CA THR D 188 1.07 -8.42 28.69
C THR D 188 1.52 -7.04 28.27
N ALA D 189 0.84 -5.99 28.73
CA ALA D 189 0.96 -4.66 28.15
C ALA D 189 1.57 -3.66 29.12
N ALA D 190 2.34 -4.13 30.08
CA ALA D 190 2.89 -3.27 31.12
C ALA D 190 4.31 -3.72 31.44
N ASP D 191 5.16 -2.75 31.79
CA ASP D 191 6.53 -3.07 32.17
C ASP D 191 6.58 -3.97 33.42
N VAL D 192 5.91 -3.54 34.50
CA VAL D 192 5.81 -4.31 35.73
C VAL D 192 4.37 -4.82 35.89
N VAL D 193 4.22 -6.09 36.22
CA VAL D 193 2.93 -6.73 36.42
C VAL D 193 2.87 -7.31 37.84
N ILE D 194 1.96 -6.79 38.66
CA ILE D 194 1.62 -7.35 39.96
C ILE D 194 0.25 -8.02 39.86
N VAL D 195 0.20 -9.31 40.22
CA VAL D 195 -1.07 -10.04 40.30
C VAL D 195 -1.46 -10.23 41.77
N GLU D 196 -2.70 -9.94 42.10
CA GLU D 196 -3.21 -10.19 43.44
C GLU D 196 -3.92 -11.53 43.42
N ALA D 197 -3.43 -12.47 44.20
CA ALA D 197 -3.91 -13.85 44.16
C ALA D 197 -4.96 -14.03 45.23
N LEU D 198 -6.13 -14.49 44.83
CA LEU D 198 -7.09 -15.03 45.78
C LEU D 198 -6.46 -16.16 46.56
N GLU D 199 -5.77 -17.05 45.86
CA GLU D 199 -5.17 -18.24 46.41
C GLU D 199 -3.89 -18.49 45.64
N ILE D 200 -2.85 -18.96 46.34
CA ILE D 200 -1.56 -19.24 45.73
C ILE D 200 -1.33 -20.73 45.81
N VAL D 201 -1.23 -21.39 44.66
CA VAL D 201 -1.13 -22.85 44.66
C VAL D 201 0.34 -23.21 44.44
N PRO D 202 0.74 -24.46 44.68
CA PRO D 202 2.13 -24.83 44.41
C PRO D 202 2.45 -24.70 42.93
N ALA D 203 3.66 -24.20 42.65
CA ALA D 203 4.14 -24.07 41.29
C ALA D 203 4.06 -25.40 40.54
N GLY D 204 3.54 -25.35 39.31
CA GLY D 204 3.43 -26.52 38.46
C GLY D 204 2.14 -27.28 38.61
N SER D 205 1.39 -27.03 39.69
CA SER D 205 0.16 -27.80 39.93
C SER D 205 -0.89 -27.53 38.86
N LEU D 206 -0.90 -26.33 38.29
CA LEU D 206 -1.92 -25.94 37.33
C LEU D 206 -1.59 -26.50 35.95
N SER D 207 -2.61 -27.06 35.28
CA SER D 207 -2.42 -27.71 34.00
C SER D 207 -2.03 -26.71 32.92
N PRO D 208 -1.14 -27.09 31.99
CA PRO D 208 -0.78 -26.16 30.90
C PRO D 208 -1.96 -25.78 30.01
N GLU D 209 -3.09 -26.48 30.12
CA GLU D 209 -4.26 -26.20 29.32
C GLU D 209 -5.26 -25.27 30.00
N HIS D 210 -5.09 -24.97 31.29
CA HIS D 210 -6.12 -24.30 32.06
C HIS D 210 -5.69 -22.90 32.52
N LEU D 211 -4.65 -22.34 31.93
CA LEU D 211 -4.16 -21.07 32.41
C LEU D 211 -4.74 -19.91 31.59
N ASP D 212 -4.67 -18.74 32.18
CA ASP D 212 -5.15 -17.53 31.54
C ASP D 212 -4.04 -16.51 31.28
N ILE D 213 -3.00 -16.49 32.11
CA ILE D 213 -1.85 -15.60 32.00
C ILE D 213 -0.62 -16.44 32.30
N SER D 214 0.43 -16.27 31.52
CA SER D 214 1.59 -17.10 31.73
C SER D 214 2.47 -16.50 32.81
N ARG D 215 3.13 -17.39 33.58
CA ARG D 215 4.06 -16.94 34.60
C ARG D 215 5.08 -15.94 34.05
N ILE D 216 5.41 -16.05 32.76
CA ILE D 216 6.40 -15.13 32.18
C ILE D 216 5.89 -13.71 32.03
N PHE D 217 4.61 -13.43 32.31
CA PHE D 217 4.12 -12.05 32.29
C PHE D 217 4.11 -11.42 33.66
N ILE D 218 4.19 -12.22 34.73
CA ILE D 218 3.96 -11.76 36.10
C ILE D 218 5.30 -11.50 36.77
N ASP D 219 5.46 -10.29 37.29
CA ASP D 219 6.68 -9.91 37.99
C ASP D 219 6.61 -10.15 39.49
N TYR D 220 5.44 -9.94 40.10
CA TYR D 220 5.28 -10.12 41.54
C TYR D 220 3.90 -10.66 41.85
N ILE D 221 3.84 -11.51 42.89
CA ILE D 221 2.57 -12.01 43.43
C ILE D 221 2.36 -11.46 44.84
N VAL D 222 1.16 -10.95 45.12
CA VAL D 222 0.76 -10.55 46.47
C VAL D 222 -0.49 -11.34 46.82
N LYS D 223 -0.58 -11.80 48.08
CA LYS D 223 -1.78 -12.49 48.53
C LYS D 223 -2.83 -11.48 48.93
N SER D 224 -4.11 -11.86 48.79
CA SER D 224 -5.20 -10.91 49.04
C SER D 224 -5.43 -10.64 50.52
N LYS D 225 -4.72 -9.66 51.05
CA LYS D 225 -4.97 -9.13 52.38
C LYS D 225 -6.35 -8.44 52.39
N MET E 3 41.15 -26.56 5.53
CA MET E 3 41.47 -26.10 6.88
C MET E 3 40.24 -26.24 7.81
N GLU E 4 39.09 -26.63 7.23
CA GLU E 4 37.81 -26.62 7.93
C GLU E 4 37.87 -27.49 9.19
N MET E 5 37.49 -26.88 10.32
CA MET E 5 37.42 -27.60 11.58
C MET E 5 36.32 -28.66 11.54
N ASP E 6 36.45 -29.65 12.43
CA ASP E 6 35.40 -30.62 12.64
C ASP E 6 34.06 -29.90 12.82
N LYS E 7 33.02 -30.35 12.10
CA LYS E 7 31.73 -29.66 12.16
C LYS E 7 31.15 -29.68 13.56
N ASN E 8 31.25 -30.82 14.26
CA ASN E 8 30.64 -30.93 15.58
C ASN E 8 31.40 -30.15 16.64
N LEU E 9 32.71 -29.97 16.45
CA LEU E 9 33.47 -29.16 17.38
C LEU E 9 33.06 -27.69 17.25
N VAL E 10 32.91 -27.23 16.01
CA VAL E 10 32.50 -25.86 15.71
C VAL E 10 31.15 -25.58 16.33
N ARG E 11 30.21 -26.50 16.16
CA ARG E 11 28.89 -26.36 16.77
C ARG E 11 28.99 -26.23 18.28
N GLU E 12 29.70 -27.17 18.92
CA GLU E 12 29.86 -27.16 20.38
C GLU E 12 30.54 -25.90 20.89
N VAL E 13 31.59 -25.44 20.21
CA VAL E 13 32.27 -24.21 20.62
C VAL E 13 31.28 -23.06 20.67
N ILE E 14 30.40 -22.96 19.67
CA ILE E 14 29.45 -21.87 19.57
C ILE E 14 28.34 -22.01 20.60
N ALA E 15 27.71 -23.18 20.66
CA ALA E 15 26.56 -23.38 21.54
C ALA E 15 26.92 -23.12 23.01
N LYS E 16 28.10 -23.59 23.45
CA LYS E 16 28.50 -23.40 24.84
C LYS E 16 28.68 -21.92 25.16
N ARG E 17 29.25 -21.17 24.22
CA ARG E 17 29.43 -19.74 24.42
C ARG E 17 28.10 -18.98 24.46
N VAL E 18 27.13 -19.39 23.62
CA VAL E 18 25.80 -18.78 23.65
C VAL E 18 25.19 -18.90 25.04
N ALA E 19 25.29 -20.08 25.65
CA ALA E 19 24.66 -20.30 26.96
C ALA E 19 25.17 -19.33 28.02
N GLN E 20 26.35 -18.74 27.83
CA GLN E 20 26.83 -17.70 28.75
C GLN E 20 25.99 -16.43 28.67
N GLU E 21 25.21 -16.26 27.61
CA GLU E 21 24.42 -15.05 27.42
C GLU E 21 23.08 -15.07 28.16
N PHE E 22 22.73 -16.18 28.80
CA PHE E 22 21.43 -16.28 29.47
C PHE E 22 21.57 -15.94 30.95
N HIS E 23 20.43 -15.72 31.60
CA HIS E 23 20.36 -15.44 33.02
C HIS E 23 19.15 -16.12 33.61
N ASP E 24 19.02 -16.07 34.93
CA ASP E 24 17.92 -16.75 35.58
C ASP E 24 16.60 -16.11 35.16
N GLY E 25 15.62 -16.96 34.82
CA GLY E 25 14.31 -16.52 34.36
C GLY E 25 14.25 -16.02 32.94
N TYR E 26 15.35 -16.10 32.18
CA TYR E 26 15.34 -15.68 30.79
C TYR E 26 14.33 -16.52 30.01
N VAL E 27 13.56 -15.85 29.17
CA VAL E 27 12.75 -16.54 28.19
C VAL E 27 13.55 -16.56 26.89
N VAL E 28 13.81 -17.77 26.37
CA VAL E 28 14.71 -17.95 25.24
C VAL E 28 14.00 -18.75 24.14
N ASN E 29 14.22 -18.37 22.89
CA ASN E 29 13.73 -19.11 21.73
C ASN E 29 14.92 -19.54 20.87
N LEU E 30 15.04 -20.86 20.64
CA LEU E 30 16.16 -21.45 19.92
C LEU E 30 15.71 -21.92 18.55
N GLY E 31 16.46 -21.55 17.52
CA GLY E 31 16.11 -21.90 16.16
C GLY E 31 16.51 -23.32 15.77
N ILE E 32 15.93 -23.77 14.65
CA ILE E 32 16.30 -25.04 14.02
C ILE E 32 17.79 -25.07 13.80
N GLY E 33 18.38 -26.27 13.97
CA GLY E 33 19.78 -26.47 13.70
C GLY E 33 20.69 -26.18 14.87
N LEU E 34 21.80 -25.49 14.61
CA LEU E 34 22.79 -25.20 15.64
C LEU E 34 22.18 -24.66 16.92
N PRO E 35 21.30 -23.66 16.90
CA PRO E 35 20.79 -23.09 18.16
C PRO E 35 20.06 -24.08 19.04
N THR E 36 19.67 -25.26 18.55
CA THR E 36 19.00 -26.17 19.47
C THR E 36 19.98 -26.73 20.50
N LEU E 37 21.27 -26.81 20.15
CA LEU E 37 22.24 -27.50 21.02
C LEU E 37 22.51 -26.72 22.30
N VAL E 38 22.27 -25.41 22.29
CA VAL E 38 22.45 -24.52 23.42
C VAL E 38 21.73 -25.08 24.65
N ALA E 39 20.69 -25.91 24.43
CA ALA E 39 19.92 -26.44 25.55
C ALA E 39 20.74 -27.35 26.44
N ASN E 40 21.70 -28.10 25.87
CA ASN E 40 22.50 -29.03 26.65
C ASN E 40 23.49 -28.33 27.59
N TYR E 41 23.61 -27.00 27.50
CA TYR E 41 24.55 -26.24 28.31
C TYR E 41 23.87 -25.18 29.16
N VAL E 42 22.57 -25.31 29.44
CA VAL E 42 21.90 -24.36 30.36
C VAL E 42 21.46 -25.05 31.64
N ASP E 44 21.68 -25.87 34.89
CA ASP E 44 20.80 -25.62 36.03
C ASP E 44 20.28 -24.18 35.99
N MET E 45 20.79 -23.42 35.03
CA MET E 45 20.31 -22.06 34.78
C MET E 45 18.79 -22.07 34.63
N ASP E 46 18.16 -20.98 35.06
CA ASP E 46 16.70 -20.94 35.14
C ASP E 46 16.10 -20.35 33.86
N VAL E 47 16.07 -21.17 32.82
CA VAL E 47 15.72 -20.73 31.49
C VAL E 47 14.35 -21.30 31.14
N ILE E 48 13.44 -20.44 30.69
CA ILE E 48 12.17 -20.87 30.08
C ILE E 48 12.33 -20.82 28.57
N PHE E 49 12.15 -21.96 27.92
CA PHE E 49 12.24 -22.07 26.47
C PHE E 49 10.85 -21.96 25.87
N GLN E 50 10.68 -21.04 24.93
CA GLN E 50 9.46 -20.90 24.18
C GLN E 50 9.68 -21.50 22.80
N SER E 51 8.64 -22.12 22.25
CA SER E 51 8.62 -22.48 20.83
C SER E 51 7.41 -21.85 20.16
N GLU E 52 7.61 -21.38 18.93
CA GLU E 52 6.64 -20.54 18.23
C GLU E 52 5.37 -21.27 17.86
N ASN E 53 5.34 -22.60 17.94
CA ASN E 53 4.09 -23.31 17.61
C ASN E 53 3.15 -23.40 18.80
N GLY E 54 3.53 -22.91 19.96
CA GLY E 54 2.55 -22.79 21.02
C GLY E 54 2.93 -23.16 22.43
N CYS E 55 4.17 -23.54 22.71
CA CYS E 55 4.52 -23.89 24.08
C CYS E 55 5.41 -22.82 24.72
N ILE E 56 5.09 -22.40 25.94
CA ILE E 56 6.04 -21.70 26.81
C ILE E 56 6.43 -22.66 27.93
N GLY E 57 7.73 -22.86 28.11
CA GLY E 57 8.23 -23.82 29.07
C GLY E 57 8.43 -25.19 28.47
N VAL E 58 9.28 -25.25 27.46
CA VAL E 58 9.55 -26.48 26.71
C VAL E 58 10.49 -27.39 27.52
N GLY E 59 10.05 -28.63 27.73
CA GLY E 59 10.88 -29.62 28.38
C GLY E 59 11.54 -30.53 27.36
N PRO E 60 12.52 -31.32 27.80
CA PRO E 60 13.27 -32.17 26.86
C PRO E 60 12.43 -33.31 26.31
N ALA E 61 12.99 -33.97 25.31
CA ALA E 61 12.24 -34.98 24.56
C ALA E 61 11.85 -36.13 25.48
N PRO E 62 10.72 -36.77 25.21
CA PRO E 62 10.28 -37.89 26.05
C PRO E 62 11.12 -39.13 25.73
N GLU E 63 10.86 -40.19 26.49
CA GLU E 63 11.59 -41.46 26.31
C GLU E 63 11.27 -42.11 24.96
N LYS E 66 7.17 -43.69 24.23
CA LYS E 66 6.33 -42.75 24.99
C LYS E 66 6.27 -41.28 24.43
N GLU E 67 6.46 -41.13 23.10
CA GLU E 67 6.45 -39.85 22.40
C GLU E 67 5.04 -39.42 22.02
N ASP E 68 4.74 -38.12 22.23
CA ASP E 68 3.41 -37.58 21.95
C ASP E 68 3.41 -36.77 20.67
N PRO E 69 2.71 -37.18 19.61
CA PRO E 69 2.73 -36.41 18.36
C PRO E 69 1.89 -35.13 18.42
N TYR E 70 1.09 -34.93 19.46
CA TYR E 70 0.36 -33.69 19.68
C TYR E 70 1.15 -32.71 20.52
N LEU E 71 2.39 -33.03 20.89
CA LEU E 71 3.23 -32.18 21.73
C LEU E 71 4.62 -32.16 21.10
N VAL E 72 4.88 -31.16 20.24
CA VAL E 72 6.14 -31.05 19.52
C VAL E 72 6.60 -29.59 19.52
N ASN E 73 7.86 -29.40 19.12
CA ASN E 73 8.48 -28.08 19.01
C ASN E 73 8.29 -27.53 17.61
N ALA E 74 9.01 -26.45 17.28
CA ALA E 74 8.82 -25.79 15.99
C ALA E 74 9.47 -26.54 14.84
N GLY E 75 10.22 -27.59 15.13
CA GLY E 75 10.80 -28.43 14.12
C GLY E 75 10.15 -29.80 14.05
N ALA E 76 8.98 -29.94 14.66
CA ALA E 76 8.16 -31.15 14.69
C ALA E 76 8.70 -32.24 15.59
N GLY E 77 9.85 -32.05 16.23
CA GLY E 77 10.35 -33.08 17.12
C GLY E 77 9.54 -33.16 18.41
N PHE E 78 9.43 -34.38 18.94
CA PHE E 78 8.63 -34.59 20.14
C PHE E 78 9.26 -33.89 21.35
N ILE E 79 8.42 -33.30 22.18
CA ILE E 79 8.86 -32.60 23.38
C ILE E 79 7.96 -33.01 24.55
N THR E 80 8.26 -32.43 25.70
CA THR E 80 7.51 -32.60 26.93
C THR E 80 7.29 -31.22 27.54
N ALA E 81 6.39 -31.14 28.51
CA ALA E 81 6.03 -29.87 29.13
C ALA E 81 6.69 -29.76 30.51
N ALA E 82 7.64 -28.84 30.64
CA ALA E 82 8.26 -28.54 31.92
C ALA E 82 7.24 -28.07 32.96
N LYS E 83 7.70 -27.95 34.20
CA LYS E 83 6.84 -27.56 35.30
C LYS E 83 6.36 -26.13 35.09
N GLY E 84 5.07 -25.90 35.32
CA GLY E 84 4.52 -24.56 35.18
C GLY E 84 4.43 -24.05 33.76
N ALA E 85 4.31 -24.94 32.78
CA ALA E 85 4.21 -24.55 31.38
C ALA E 85 2.77 -24.14 31.04
N MET E 86 2.63 -23.42 29.93
CA MET E 86 1.34 -23.07 29.35
C MET E 86 1.37 -23.36 27.86
N PHE E 87 0.25 -23.86 27.33
CA PHE E 87 0.01 -24.01 25.91
C PHE E 87 -0.94 -22.93 25.41
N PHE E 88 -0.78 -22.53 24.15
CA PHE E 88 -1.58 -21.43 23.61
C PHE E 88 -1.58 -21.45 22.09
N ASP E 89 -2.50 -20.67 21.51
CA ASP E 89 -2.61 -20.56 20.06
C ASP E 89 -1.49 -19.67 19.48
N SER E 90 -1.48 -19.58 18.17
CA SER E 90 -0.35 -18.97 17.47
C SER E 90 -0.34 -17.45 17.64
N ALA E 91 -1.51 -16.83 17.85
CA ALA E 91 -1.54 -15.40 18.09
C ALA E 91 -0.91 -15.04 19.43
N TYR E 92 -1.37 -15.72 20.50
CA TYR E 92 -0.72 -15.61 21.79
C TYR E 92 0.77 -15.85 21.65
N SER E 93 1.14 -16.90 20.92
CA SER E 93 2.54 -17.26 20.76
C SER E 93 3.36 -16.10 20.24
N PHE E 94 2.87 -15.44 19.19
CA PHE E 94 3.64 -14.36 18.57
C PHE E 94 3.38 -13.01 19.21
N GLY E 95 2.33 -12.88 20.03
CA GLY E 95 2.29 -11.77 20.98
C GLY E 95 3.43 -11.85 21.97
N ILE E 96 3.73 -13.05 22.47
CA ILE E 96 4.92 -13.22 23.28
C ILE E 96 6.15 -12.78 22.51
N ILE E 97 6.22 -13.14 21.22
CA ILE E 97 7.45 -12.93 20.47
C ILE E 97 7.54 -11.49 19.98
N ARG E 98 6.48 -11.00 19.39
CA ARG E 98 6.55 -9.68 18.79
C ARG E 98 6.56 -8.61 19.88
N GLY E 99 5.82 -8.85 20.97
CA GLY E 99 5.63 -7.91 22.06
C GLY E 99 6.78 -7.71 23.03
N GLY E 100 7.90 -8.41 22.84
CA GLY E 100 9.10 -8.14 23.61
C GLY E 100 9.28 -8.95 24.87
N HIS E 101 8.63 -10.10 24.97
CA HIS E 101 8.67 -10.93 26.15
C HIS E 101 9.65 -12.09 26.02
N VAL E 102 10.39 -12.17 24.91
CA VAL E 102 11.47 -13.11 24.75
C VAL E 102 12.75 -12.35 25.04
N ASP E 103 13.51 -12.81 26.03
CA ASP E 103 14.71 -12.08 26.42
C ASP E 103 15.83 -12.27 25.41
N ALA E 104 15.97 -13.49 24.90
CA ALA E 104 17.02 -13.75 23.92
C ALA E 104 16.50 -14.72 22.87
N THR E 105 16.71 -14.39 21.61
CA THR E 105 16.49 -15.32 20.52
C THR E 105 17.84 -15.64 19.89
N VAL E 106 18.04 -16.91 19.56
CA VAL E 106 19.27 -17.43 18.99
C VAL E 106 18.93 -18.07 17.66
N LEU E 107 19.62 -17.66 16.58
CA LEU E 107 19.45 -18.34 15.31
C LEU E 107 20.69 -18.15 14.45
N GLY E 108 20.68 -18.84 13.31
CA GLY E 108 21.80 -18.80 12.39
C GLY E 108 21.65 -17.72 11.35
N ALA E 109 22.63 -17.64 10.47
CA ALA E 109 22.59 -16.59 9.47
C ALA E 109 23.34 -17.02 8.23
N LEU E 110 22.83 -16.58 7.08
CA LEU E 110 23.59 -16.64 5.85
C LEU E 110 24.53 -15.46 5.75
N GLU E 111 24.07 -14.25 6.08
CA GLU E 111 24.92 -13.08 6.09
C GLU E 111 24.49 -12.16 7.25
N VAL E 112 25.44 -11.33 7.70
CA VAL E 112 25.24 -10.42 8.82
C VAL E 112 26.14 -9.21 8.58
N ASP E 113 25.69 -8.02 8.98
CA ASP E 113 26.49 -6.85 8.61
C ASP E 113 26.57 -5.79 9.70
N GLU E 114 27.41 -4.78 9.41
CA GLU E 114 27.82 -3.76 10.37
C GLU E 114 26.63 -2.97 10.95
N LYS E 115 25.48 -2.97 10.28
CA LYS E 115 24.36 -2.14 10.68
C LYS E 115 23.31 -2.93 11.48
N GLY E 116 23.55 -4.19 11.79
CA GLY E 116 22.57 -5.02 12.47
C GLY E 116 21.66 -5.83 11.58
N ASN E 117 21.76 -5.66 10.26
CA ASN E 117 20.91 -6.39 9.34
C ASN E 117 21.35 -7.85 9.26
N LEU E 118 20.44 -8.67 8.76
CA LEU E 118 20.54 -10.12 8.88
C LEU E 118 19.81 -10.75 7.70
N ALA E 119 20.48 -11.64 6.98
CA ALA E 119 19.87 -12.41 5.90
C ALA E 119 19.97 -13.87 6.28
N ASN E 120 18.83 -14.51 6.54
CA ASN E 120 18.92 -15.89 6.98
C ASN E 120 17.73 -16.75 6.57
N TRP E 121 16.91 -16.34 5.61
CA TRP E 121 15.74 -17.12 5.29
C TRP E 121 15.60 -17.46 3.82
N MET E 122 16.44 -16.90 2.96
CA MET E 122 16.21 -17.02 1.53
C MET E 122 17.53 -16.88 0.80
N ILE E 123 17.85 -17.85 -0.05
CA ILE E 123 18.88 -17.70 -1.07
C ILE E 123 18.20 -17.68 -2.43
N PRO E 124 18.19 -16.54 -3.14
CA PRO E 124 17.42 -16.44 -4.40
C PRO E 124 17.88 -17.49 -5.41
N GLY E 125 16.91 -18.26 -5.91
CA GLY E 125 17.15 -19.36 -6.81
C GLY E 125 17.45 -20.69 -6.13
N LYS E 126 18.28 -20.68 -5.09
CA LYS E 126 18.82 -21.90 -4.51
C LYS E 126 17.97 -22.45 -3.35
N LYS E 127 17.63 -21.62 -2.35
CA LYS E 127 16.91 -22.07 -1.14
C LYS E 127 15.82 -21.05 -0.80
N VAL E 128 14.55 -21.48 -0.75
CA VAL E 128 13.42 -20.59 -0.46
C VAL E 128 12.39 -21.31 0.41
N PRO E 129 12.69 -21.56 1.69
CA PRO E 129 11.74 -22.29 2.55
C PRO E 129 10.64 -21.44 3.16
N GLY E 130 10.79 -20.14 3.17
CA GLY E 130 9.96 -19.28 3.97
C GLY E 130 10.69 -18.78 5.19
N MET E 131 10.07 -17.81 5.82
CA MET E 131 10.60 -17.09 6.97
C MET E 131 10.20 -17.77 8.26
N GLY E 132 9.19 -18.64 8.21
CA GLY E 132 8.57 -19.14 9.43
C GLY E 132 8.29 -18.00 10.41
N GLY E 133 8.68 -18.22 11.67
CA GLY E 133 8.54 -17.17 12.66
C GLY E 133 9.76 -16.30 12.83
N ALA E 134 10.74 -16.42 11.94
CA ALA E 134 12.05 -15.86 12.23
C ALA E 134 12.04 -14.34 12.19
N MET E 135 11.29 -13.74 11.25
CA MET E 135 11.21 -12.29 11.19
C MET E 135 10.61 -11.73 12.47
N ASP E 136 9.57 -12.40 12.98
CA ASP E 136 8.98 -11.97 14.24
C ASP E 136 9.96 -12.09 15.40
N LEU E 137 10.74 -13.18 15.43
CA LEU E 137 11.67 -13.39 16.53
C LEU E 137 12.74 -12.30 16.55
N VAL E 138 13.38 -12.06 15.41
CA VAL E 138 14.52 -11.15 15.46
C VAL E 138 14.06 -9.72 15.61
N VAL E 139 12.83 -9.42 15.24
CA VAL E 139 12.35 -8.05 15.37
C VAL E 139 11.84 -7.81 16.79
N GLY E 140 11.38 -8.86 17.47
CA GLY E 140 10.71 -8.72 18.76
C GLY E 140 11.53 -9.06 20.00
N ALA E 141 12.45 -10.01 19.88
CA ALA E 141 13.20 -10.44 21.05
C ALA E 141 14.03 -9.28 21.60
N LYS E 142 14.17 -9.22 22.92
CA LYS E 142 14.90 -8.11 23.51
C LYS E 142 16.37 -8.13 23.07
N LYS E 143 16.95 -9.33 22.94
CA LYS E 143 18.35 -9.48 22.55
C LYS E 143 18.44 -10.57 21.48
N VAL E 144 19.00 -10.21 20.31
CA VAL E 144 19.08 -11.11 19.16
C VAL E 144 20.52 -11.59 19.01
N ILE E 145 20.72 -12.90 19.16
CA ILE E 145 22.04 -13.53 19.10
C ILE E 145 22.11 -14.38 17.82
N VAL E 146 23.12 -14.12 17.00
CA VAL E 146 23.37 -14.95 15.84
C VAL E 146 24.48 -15.93 16.18
N ALA E 147 24.20 -17.22 16.00
CA ALA E 147 25.13 -18.32 16.29
C ALA E 147 25.40 -19.05 14.99
N MET E 148 26.58 -18.83 14.39
CA MET E 148 26.84 -19.28 13.02
C MET E 148 28.32 -19.58 12.78
N GLU E 149 28.56 -20.52 11.86
CA GLU E 149 29.87 -20.68 11.23
C GLU E 149 30.40 -19.32 10.78
N HIS E 150 31.66 -19.03 11.11
CA HIS E 150 32.23 -17.74 10.72
C HIS E 150 32.37 -17.59 9.21
N THR E 151 32.47 -18.69 8.47
CA THR E 151 32.47 -18.65 7.01
C THR E 151 31.62 -19.81 6.47
N SER E 152 31.09 -19.64 5.25
CA SER E 152 30.31 -20.69 4.58
C SER E 152 31.18 -21.28 3.46
N ASN E 153 31.83 -22.41 3.77
CA ASN E 153 32.85 -23.03 2.91
C ASN E 153 33.80 -21.97 2.35
N GLY E 154 34.45 -21.24 3.27
CA GLY E 154 35.43 -20.24 2.93
C GLY E 154 34.89 -18.88 2.52
N ALA E 155 33.59 -18.77 2.25
CA ALA E 155 33.00 -17.50 1.83
C ALA E 155 32.69 -16.63 3.04
N ILE E 156 32.99 -15.33 2.92
CA ILE E 156 32.84 -14.43 4.06
C ILE E 156 31.37 -14.14 4.31
N LYS E 157 30.96 -14.22 5.58
CA LYS E 157 29.57 -13.99 5.94
C LYS E 157 29.31 -12.67 6.66
N ILE E 158 30.31 -12.10 7.31
CA ILE E 158 30.16 -10.89 8.09
C ILE E 158 30.60 -9.74 7.19
N LEU E 159 29.62 -9.03 6.62
CA LEU E 159 29.80 -8.08 5.53
C LEU E 159 29.67 -6.65 6.05
N LYS E 160 30.10 -5.69 5.22
CA LYS E 160 29.77 -4.30 5.52
C LYS E 160 28.30 -4.02 5.25
N GLU E 161 27.73 -4.67 4.23
CA GLU E 161 26.29 -4.64 3.96
C GLU E 161 25.87 -6.01 3.43
N CYS E 162 24.77 -6.54 3.96
CA CYS E 162 24.22 -7.79 3.45
C CYS E 162 23.90 -7.65 1.98
N LYS E 163 24.02 -8.75 1.25
CA LYS E 163 23.61 -8.76 -0.15
C LYS E 163 22.44 -9.70 -0.42
N LEU E 164 22.20 -10.68 0.45
CA LEU E 164 21.07 -11.60 0.32
C LEU E 164 19.77 -10.94 0.79
N PRO E 165 18.63 -11.61 0.63
CA PRO E 165 17.35 -11.05 1.11
C PRO E 165 17.32 -10.93 2.63
N LEU E 166 17.12 -9.71 3.10
CA LEU E 166 17.09 -9.42 4.52
C LEU E 166 15.97 -10.16 5.23
N THR E 167 16.28 -10.61 6.46
CA THR E 167 15.26 -11.08 7.40
C THR E 167 14.68 -9.91 8.19
N ALA E 168 15.51 -8.91 8.50
CA ALA E 168 15.12 -7.77 9.32
C ALA E 168 16.26 -6.77 9.30
N VAL E 169 15.93 -5.51 9.61
CA VAL E 169 16.91 -4.42 9.62
C VAL E 169 17.26 -4.08 11.06
N GLY E 170 18.54 -3.82 11.31
CA GLY E 170 19.05 -3.40 12.59
C GLY E 170 18.52 -4.15 13.79
N VAL E 171 18.65 -5.48 13.79
CA VAL E 171 18.13 -6.28 14.88
C VAL E 171 19.22 -7.05 15.61
N VAL E 172 20.33 -7.33 14.93
CA VAL E 172 21.35 -8.23 15.47
C VAL E 172 22.13 -7.51 16.54
N ASP E 173 22.17 -8.10 17.75
CA ASP E 173 22.94 -7.59 18.88
C ASP E 173 24.29 -8.30 19.07
N LEU E 174 24.33 -9.63 18.93
CA LEU E 174 25.52 -10.43 19.15
C LEU E 174 25.75 -11.40 18.00
N ILE E 175 26.98 -11.46 17.50
CA ILE E 175 27.41 -12.52 16.58
C ILE E 175 28.41 -13.40 17.32
N ILE E 176 28.10 -14.69 17.43
CA ILE E 176 28.93 -15.66 18.14
C ILE E 176 29.32 -16.73 17.13
N THR E 177 30.59 -16.74 16.73
CA THR E 177 31.09 -17.75 15.80
C THR E 177 32.17 -18.58 16.49
N GLU E 178 32.70 -19.57 15.76
CA GLU E 178 33.78 -20.38 16.31
C GLU E 178 35.05 -19.57 16.52
N LYS E 179 35.23 -18.45 15.79
CA LYS E 179 36.41 -17.61 15.89
C LYS E 179 36.24 -16.45 16.87
N ALA E 180 35.05 -15.83 16.93
CA ALA E 180 34.94 -14.50 17.51
C ALA E 180 33.58 -14.29 18.16
N VAL E 181 33.51 -13.27 19.01
CA VAL E 181 32.25 -12.70 19.49
C VAL E 181 32.20 -11.23 19.10
N PHE E 182 31.10 -10.80 18.50
CA PHE E 182 30.95 -9.44 18.01
C PHE E 182 29.75 -8.79 18.67
N GLU E 183 29.92 -7.57 19.18
CA GLU E 183 28.80 -6.71 19.55
C GLU E 183 28.46 -5.81 18.37
N VAL E 184 27.16 -5.56 18.18
CA VAL E 184 26.68 -4.61 17.19
C VAL E 184 26.20 -3.38 17.96
N THR E 185 26.92 -2.27 17.79
CA THR E 185 26.61 -1.02 18.48
C THR E 185 26.03 -0.01 17.48
N ASP E 186 25.68 1.16 18.01
CA ASP E 186 25.28 2.26 17.14
C ASP E 186 26.43 2.68 16.22
N LYS E 187 27.68 2.50 16.64
CA LYS E 187 28.82 2.91 15.83
C LYS E 187 29.24 1.83 14.84
N GLY E 188 29.01 0.57 15.19
CA GLY E 188 29.34 -0.53 14.27
C GLY E 188 29.64 -1.84 14.98
N LEU E 189 30.44 -2.69 14.34
CA LEU E 189 30.79 -4.00 14.93
C LEU E 189 31.94 -3.82 15.92
N VAL E 190 31.81 -4.44 17.10
CA VAL E 190 32.88 -4.34 18.12
C VAL E 190 33.32 -5.75 18.48
N LEU E 191 34.57 -6.09 18.14
CA LEU E 191 35.12 -7.40 18.49
C LEU E 191 35.25 -7.50 20.00
N LYS E 192 34.52 -8.43 20.59
CA LYS E 192 34.54 -8.59 22.05
C LYS E 192 35.44 -9.73 22.51
N GLU E 193 35.53 -10.84 21.77
CA GLU E 193 36.32 -12.00 22.16
C GLU E 193 36.99 -12.63 20.95
N ILE E 194 38.11 -13.31 21.20
CA ILE E 194 38.84 -14.10 20.21
C ILE E 194 38.98 -15.49 20.79
N THR E 195 38.31 -16.47 20.18
CA THR E 195 38.37 -17.82 20.71
C THR E 195 39.73 -18.44 20.41
N PRO E 196 40.14 -19.46 21.20
CA PRO E 196 41.44 -20.12 20.98
C PRO E 196 41.67 -20.65 19.58
N TYR E 197 40.59 -20.92 18.82
CA TYR E 197 40.75 -21.46 17.47
C TYR E 197 41.00 -20.39 16.42
N SER E 198 41.33 -19.15 16.83
CA SER E 198 41.54 -18.04 15.89
C SER E 198 42.44 -16.97 16.51
N SER E 199 42.77 -15.98 15.67
CA SER E 199 43.62 -14.84 16.00
C SER E 199 43.05 -13.57 15.39
N LEU E 200 43.46 -12.40 15.90
CA LEU E 200 43.00 -11.15 15.30
C LEU E 200 43.29 -11.14 13.80
N GLU E 201 44.46 -11.64 13.40
CA GLU E 201 44.82 -11.66 11.97
C GLU E 201 43.94 -12.63 11.19
N ASP E 202 43.46 -13.71 11.84
CA ASP E 202 42.52 -14.59 11.17
C ASP E 202 41.16 -13.92 11.02
N ILE E 203 40.66 -13.33 12.13
CA ILE E 203 39.37 -12.63 12.09
C ILE E 203 39.41 -11.52 11.05
N LYS E 204 40.51 -10.78 10.99
CA LYS E 204 40.60 -9.68 10.02
C LYS E 204 40.53 -10.19 8.58
N ALA E 205 41.06 -11.37 8.31
CA ALA E 205 41.10 -11.89 6.95
C ALA E 205 39.87 -12.70 6.58
N THR E 206 39.00 -13.02 7.54
CA THR E 206 37.76 -13.74 7.27
C THR E 206 36.53 -12.92 7.65
N THR E 207 36.69 -11.59 7.77
CA THR E 207 35.58 -10.68 8.08
C THR E 207 35.65 -9.52 7.11
N ALA E 208 34.60 -9.34 6.31
CA ALA E 208 34.58 -8.21 5.40
C ALA E 208 34.36 -6.90 6.15
N ALA E 209 33.56 -6.91 7.20
CA ALA E 209 33.17 -5.67 7.86
C ALA E 209 34.29 -5.10 8.71
N ASP E 210 34.35 -3.77 8.76
CA ASP E 210 35.26 -3.12 9.69
C ASP E 210 34.78 -3.37 11.12
N PHE E 211 35.71 -3.29 12.06
CA PHE E 211 35.32 -3.37 13.46
C PHE E 211 36.36 -2.71 14.33
N ILE E 212 35.95 -2.38 15.55
CA ILE E 212 36.88 -1.89 16.56
C ILE E 212 36.94 -2.91 17.69
N ILE E 213 37.92 -2.75 18.55
CA ILE E 213 38.21 -3.72 19.60
C ILE E 213 37.70 -3.20 20.94
N ALA E 214 37.33 -4.12 21.81
CA ALA E 214 36.75 -3.76 23.09
C ALA E 214 37.86 -3.53 24.13
N ASP E 215 37.48 -3.42 25.40
CA ASP E 215 38.46 -3.48 26.48
C ASP E 215 38.77 -4.91 26.87
N ASP E 216 37.78 -5.82 26.78
CA ASP E 216 38.04 -7.25 26.97
C ASP E 216 38.66 -7.84 25.72
N LEU E 217 38.86 -9.16 25.75
CA LEU E 217 39.56 -9.92 24.71
C LEU E 217 39.32 -9.42 23.25
N GLN F 11 -26.67 -32.80 16.23
CA GLN F 11 -27.39 -32.16 15.12
C GLN F 11 -26.40 -31.54 14.17
N LYS F 12 -25.26 -31.11 14.74
CA LYS F 12 -24.16 -30.54 13.97
C LYS F 12 -23.11 -31.58 13.58
N ILE F 13 -23.19 -32.79 14.14
CA ILE F 13 -22.39 -33.91 13.66
C ILE F 13 -22.92 -34.39 12.31
N VAL F 14 -22.02 -34.68 11.39
CA VAL F 14 -22.38 -34.96 10.01
C VAL F 14 -21.46 -36.05 9.45
N SER F 15 -21.90 -36.68 8.36
CA SER F 15 -20.98 -37.51 7.60
C SER F 15 -19.96 -36.63 6.91
N MET F 16 -18.84 -37.22 6.51
CA MET F 16 -17.86 -36.41 5.82
C MET F 16 -18.19 -36.21 4.36
N GLU F 17 -19.05 -37.08 3.79
CA GLU F 17 -19.63 -36.76 2.49
C GLU F 17 -20.48 -35.51 2.58
N GLU F 18 -21.26 -35.38 3.67
CA GLU F 18 -22.05 -34.18 3.85
C GLU F 18 -21.15 -32.96 4.04
N ALA F 19 -20.06 -33.12 4.78
CA ALA F 19 -19.22 -31.98 5.13
C ALA F 19 -18.47 -31.43 3.92
N ILE F 20 -17.75 -32.31 3.20
CA ILE F 20 -16.89 -31.85 2.09
C ILE F 20 -17.72 -31.41 0.90
N SER F 21 -19.04 -31.59 0.97
CA SER F 21 -19.92 -30.95 0.01
C SER F 21 -19.87 -29.43 0.13
N HIS F 22 -19.39 -28.90 1.25
CA HIS F 22 -19.30 -27.47 1.45
C HIS F 22 -17.97 -26.89 1.00
N VAL F 23 -17.01 -27.74 0.63
CA VAL F 23 -15.74 -27.30 0.07
C VAL F 23 -15.89 -27.44 -1.44
N LYS F 24 -16.31 -26.37 -2.08
CA LYS F 24 -16.53 -26.35 -3.53
C LYS F 24 -15.31 -25.75 -4.23
N ASP F 25 -15.19 -26.01 -5.54
CA ASP F 25 -14.01 -25.55 -6.29
C ASP F 25 -13.81 -24.05 -6.14
N GLY F 26 -12.55 -23.62 -6.25
CA GLY F 26 -12.19 -22.21 -6.23
C GLY F 26 -12.22 -21.54 -4.87
N MET F 27 -12.71 -22.23 -3.82
CA MET F 27 -12.83 -21.64 -2.50
C MET F 27 -11.46 -21.35 -1.88
N THR F 28 -11.42 -20.30 -1.04
CA THR F 28 -10.28 -20.09 -0.15
C THR F 28 -10.55 -20.83 1.15
N VAL F 29 -9.57 -21.63 1.59
CA VAL F 29 -9.74 -22.51 2.75
C VAL F 29 -8.64 -22.25 3.78
N HIS F 30 -9.05 -21.95 5.02
CA HIS F 30 -8.18 -22.07 6.18
C HIS F 30 -8.04 -23.53 6.55
N ILE F 31 -6.81 -24.00 6.74
CA ILE F 31 -6.58 -25.36 7.21
C ILE F 31 -5.60 -25.32 8.38
N GLY F 32 -6.00 -25.96 9.48
CA GLY F 32 -5.24 -26.02 10.72
C GLY F 32 -3.93 -26.80 10.65
N GLY F 33 -3.13 -26.62 11.71
CA GLY F 33 -1.95 -27.43 11.87
C GLY F 33 -0.62 -26.72 11.76
N PHE F 34 0.30 -27.12 12.63
CA PHE F 34 1.71 -26.77 12.54
C PHE F 34 2.47 -28.04 12.13
N ILE F 35 3.01 -28.02 10.91
CA ILE F 35 3.73 -29.16 10.31
C ILE F 35 2.94 -30.45 10.56
N ALA F 36 1.75 -30.53 9.97
CA ALA F 36 0.80 -31.63 10.14
C ALA F 36 0.58 -32.04 11.62
N CYS F 37 0.85 -31.17 12.60
CA CYS F 37 0.43 -31.40 13.98
C CYS F 37 -0.81 -30.56 14.24
N GLY F 38 -1.93 -31.21 14.55
CA GLY F 38 -3.17 -30.49 14.65
C GLY F 38 -3.83 -30.17 13.32
N THR F 39 -3.38 -30.86 12.21
CA THR F 39 -4.01 -30.77 10.90
C THR F 39 -5.15 -31.79 10.83
N PRO F 40 -6.33 -31.43 10.31
CA PRO F 40 -7.40 -32.43 10.15
C PRO F 40 -7.14 -33.34 8.96
N GLU F 41 -6.53 -34.50 9.21
CA GLU F 41 -6.07 -35.30 8.08
C GLU F 41 -7.17 -36.18 7.48
N SER F 42 -8.12 -36.68 8.29
CA SER F 42 -9.27 -37.36 7.71
C SER F 42 -9.96 -36.47 6.68
N ILE F 43 -10.05 -35.17 6.96
CA ILE F 43 -10.70 -34.27 6.03
C ILE F 43 -9.87 -34.08 4.77
N ILE F 44 -8.54 -34.01 4.89
CA ILE F 44 -7.71 -33.79 3.70
C ILE F 44 -7.78 -34.99 2.75
N THR F 45 -7.75 -36.22 3.28
CA THR F 45 -7.91 -37.39 2.41
C THR F 45 -9.27 -37.37 1.71
N ALA F 46 -10.30 -36.90 2.41
CA ALA F 46 -11.63 -36.82 1.83
C ALA F 46 -11.67 -35.85 0.65
N LEU F 47 -11.02 -34.70 0.80
CA LEU F 47 -10.94 -33.76 -0.30
C LEU F 47 -9.97 -34.21 -1.37
N ILE F 48 -9.03 -35.10 -1.03
CA ILE F 48 -8.23 -35.75 -2.07
C ILE F 48 -9.13 -36.64 -2.93
N GLU F 49 -10.07 -37.35 -2.29
CA GLU F 49 -10.99 -38.18 -3.03
C GLU F 49 -11.95 -37.34 -3.85
N LYS F 50 -12.51 -36.27 -3.25
CA LYS F 50 -13.51 -35.46 -3.96
C LYS F 50 -12.91 -34.76 -5.18
N GLY F 51 -11.63 -34.40 -5.13
CA GLY F 51 -10.98 -33.80 -6.27
C GLY F 51 -11.19 -32.31 -6.45
N VAL F 52 -11.64 -31.61 -5.39
CA VAL F 52 -11.79 -30.16 -5.44
C VAL F 52 -10.50 -29.55 -5.95
N LYS F 53 -10.61 -28.64 -6.91
CA LYS F 53 -9.44 -28.03 -7.51
C LYS F 53 -9.48 -26.51 -7.34
N ASP F 54 -8.34 -25.89 -7.69
CA ASP F 54 -8.20 -24.43 -7.71
C ASP F 54 -8.42 -23.81 -6.33
N LEU F 55 -8.00 -24.52 -5.29
CA LEU F 55 -8.18 -24.00 -3.94
C LEU F 55 -7.09 -22.98 -3.61
N THR F 56 -7.46 -22.00 -2.76
CA THR F 56 -6.49 -21.14 -2.10
C THR F 56 -6.38 -21.64 -0.66
N ILE F 57 -5.23 -22.21 -0.31
CA ILE F 57 -5.03 -22.77 1.03
C ILE F 57 -4.34 -21.73 1.89
N VAL F 58 -4.92 -21.46 3.04
CA VAL F 58 -4.30 -20.62 4.05
C VAL F 58 -3.94 -21.50 5.23
N ALA F 59 -2.64 -21.59 5.52
CA ALA F 59 -2.17 -22.49 6.55
C ALA F 59 -0.81 -22.01 7.02
N ASN F 60 -0.37 -22.49 8.20
CA ASN F 60 0.97 -22.14 8.66
C ASN F 60 2.03 -22.59 7.67
N ASP F 61 1.94 -23.86 7.23
CA ASP F 61 2.91 -24.49 6.32
C ASP F 61 2.16 -25.33 5.30
N THR F 62 2.92 -25.97 4.42
CA THR F 62 2.32 -26.84 3.42
C THR F 62 2.51 -28.31 3.75
N GLY F 63 2.83 -28.64 5.01
CA GLY F 63 3.10 -30.02 5.36
C GLY F 63 4.25 -30.60 4.55
N LEU F 64 4.14 -31.88 4.22
CA LEU F 64 5.08 -32.53 3.31
C LEU F 64 4.29 -33.14 2.16
N ILE F 65 5.01 -33.70 1.19
CA ILE F 65 4.36 -34.27 0.01
C ILE F 65 3.35 -35.36 0.38
N ASP F 66 3.54 -36.03 1.51
CA ASP F 66 2.69 -37.16 1.89
C ASP F 66 2.01 -37.01 3.26
N LYS F 67 2.01 -35.80 3.83
CA LYS F 67 1.29 -35.54 5.07
C LYS F 67 0.78 -34.10 5.05
N GLY F 68 -0.45 -33.92 5.57
CA GLY F 68 -1.10 -32.62 5.71
C GLY F 68 -1.41 -31.94 4.37
N ILE F 69 -1.49 -30.61 4.45
CA ILE F 69 -1.88 -29.80 3.30
C ILE F 69 -1.11 -30.19 2.04
N GLY F 70 0.13 -30.66 2.21
CA GLY F 70 0.97 -30.91 1.05
C GLY F 70 0.42 -31.95 0.10
N ARG F 71 -0.45 -32.83 0.60
CA ARG F 71 -1.04 -33.84 -0.26
C ARG F 71 -2.01 -33.23 -1.26
N LEU F 72 -2.73 -32.18 -0.85
CA LEU F 72 -3.51 -31.39 -1.80
C LEU F 72 -2.61 -30.67 -2.80
N VAL F 73 -1.45 -30.20 -2.39
CA VAL F 73 -0.57 -29.48 -3.31
C VAL F 73 -0.14 -30.40 -4.44
N VAL F 74 0.25 -31.63 -4.09
CA VAL F 74 0.78 -32.61 -5.03
C VAL F 74 -0.31 -33.08 -5.97
N ASN F 75 -1.53 -33.23 -5.45
CA ASN F 75 -2.71 -33.67 -6.18
C ASN F 75 -3.32 -32.60 -7.10
N ASN F 76 -2.61 -31.51 -7.42
CA ASN F 76 -3.09 -30.49 -8.37
C ASN F 76 -4.41 -29.83 -7.93
N GLN F 77 -4.63 -29.68 -6.63
CA GLN F 77 -5.86 -29.10 -6.13
C GLN F 77 -5.73 -27.64 -5.64
N VAL F 78 -4.53 -27.05 -5.68
CA VAL F 78 -4.26 -25.74 -5.06
C VAL F 78 -3.78 -24.74 -6.11
N LYS F 79 -4.59 -23.71 -6.37
CA LYS F 79 -4.13 -22.61 -7.22
C LYS F 79 -3.16 -21.70 -6.48
N LYS F 80 -3.40 -21.47 -5.18
CA LYS F 80 -2.63 -20.49 -4.44
C LYS F 80 -2.45 -20.96 -3.02
N VAL F 81 -1.26 -20.69 -2.48
CA VAL F 81 -0.93 -20.96 -1.09
C VAL F 81 -0.58 -19.64 -0.42
N ILE F 82 -1.21 -19.37 0.71
CA ILE F 82 -0.79 -18.31 1.61
C ILE F 82 -0.31 -19.01 2.87
N ALA F 83 0.99 -18.94 3.17
CA ALA F 83 1.56 -19.66 4.31
C ALA F 83 2.83 -18.99 4.79
N SER F 84 3.32 -19.46 5.94
CA SER F 84 4.52 -18.90 6.55
C SER F 84 5.77 -19.68 6.21
N HIS F 85 5.64 -20.94 5.82
CA HIS F 85 6.79 -21.81 5.63
C HIS F 85 6.42 -22.91 4.64
N ILE F 86 7.33 -23.20 3.70
CA ILE F 86 7.07 -24.21 2.66
C ILE F 86 8.27 -25.12 2.43
N GLY F 87 9.22 -25.12 3.37
CA GLY F 87 10.49 -25.82 3.15
C GLY F 87 10.36 -27.33 3.21
N THR F 88 9.55 -27.85 4.10
CA THR F 88 9.44 -29.29 4.26
C THR F 88 8.62 -29.95 3.17
N ASN F 89 8.30 -29.23 2.09
CA ASN F 89 7.47 -29.74 1.00
C ASN F 89 8.08 -29.26 -0.29
N PRO F 90 8.92 -30.08 -0.95
CA PRO F 90 9.61 -29.60 -2.16
C PRO F 90 8.69 -29.41 -3.35
N GLU F 91 7.47 -29.96 -3.28
CA GLU F 91 6.50 -29.79 -4.37
C GLU F 91 6.05 -28.34 -4.47
N THR F 92 5.72 -27.70 -3.34
CA THR F 92 5.35 -26.29 -3.42
C THR F 92 6.54 -25.44 -3.84
N GLY F 93 7.75 -25.78 -3.38
CA GLY F 93 8.92 -25.07 -3.84
C GLY F 93 9.08 -25.12 -5.34
N ARG F 94 8.80 -26.27 -5.95
CA ARG F 94 8.91 -26.40 -7.41
C ARG F 94 7.86 -25.57 -8.11
N ARG F 95 6.62 -25.63 -7.62
CA ARG F 95 5.51 -24.96 -8.29
C ARG F 95 5.63 -23.45 -8.13
N MET F 96 6.04 -22.99 -6.95
CA MET F 96 6.28 -21.57 -6.73
C MET F 96 7.32 -21.05 -7.71
N GLN F 97 8.46 -21.74 -7.80
CA GLN F 97 9.53 -21.30 -8.70
C GLN F 97 9.14 -21.44 -10.17
N SER F 98 8.39 -22.48 -10.53
CA SER F 98 8.04 -22.65 -11.95
C SER F 98 7.11 -21.55 -12.43
N GLY F 99 6.20 -21.07 -11.56
CA GLY F 99 5.22 -20.06 -11.91
C GLY F 99 3.81 -20.58 -11.92
N GLU F 100 3.63 -21.86 -11.60
CA GLU F 100 2.41 -22.60 -11.81
C GLU F 100 1.40 -22.42 -10.68
N MET F 101 1.88 -22.10 -9.48
CA MET F 101 1.06 -21.96 -8.29
C MET F 101 1.56 -20.72 -7.55
N GLU F 102 0.65 -19.80 -7.16
CA GLU F 102 1.06 -18.60 -6.46
C GLU F 102 1.29 -18.95 -5.00
N VAL F 103 2.31 -18.34 -4.41
CA VAL F 103 2.60 -18.52 -3.00
C VAL F 103 2.84 -17.13 -2.39
N GLU F 104 1.99 -16.74 -1.44
CA GLU F 104 2.31 -15.56 -0.65
C GLU F 104 2.99 -16.06 0.61
N LEU F 105 4.24 -15.65 0.82
CA LEU F 105 5.02 -16.04 2.01
C LEU F 105 4.82 -15.00 3.10
N VAL F 106 4.10 -15.38 4.14
CA VAL F 106 3.67 -14.47 5.19
C VAL F 106 4.42 -14.81 6.47
N PRO F 107 5.03 -13.83 7.13
CA PRO F 107 5.62 -14.09 8.45
C PRO F 107 4.59 -14.70 9.40
N GLN F 108 5.02 -15.73 10.12
CA GLN F 108 4.11 -16.50 10.97
C GLN F 108 3.29 -15.64 11.94
N GLY F 109 3.93 -14.71 12.64
CA GLY F 109 3.17 -13.85 13.53
C GLY F 109 2.16 -13.01 12.77
N THR F 110 2.57 -12.46 11.64
CA THR F 110 1.65 -11.70 10.79
C THR F 110 0.50 -12.59 10.32
N LEU F 111 0.82 -13.78 9.82
CA LEU F 111 -0.22 -14.70 9.39
C LEU F 111 -1.21 -14.96 10.53
N ALA F 112 -0.72 -15.08 11.77
CA ALA F 112 -1.61 -15.23 12.91
C ALA F 112 -2.54 -14.03 13.03
N GLU F 113 -1.97 -12.83 13.15
CA GLU F 113 -2.77 -11.61 13.27
C GLU F 113 -3.69 -11.40 12.07
N ARG F 114 -3.27 -11.86 10.88
CA ARG F 114 -4.08 -11.61 9.70
C ARG F 114 -5.32 -12.50 9.69
N VAL F 115 -5.19 -13.76 10.10
CA VAL F 115 -6.38 -14.60 10.23
C VAL F 115 -7.29 -14.06 11.34
N ARG F 116 -6.70 -13.70 12.49
CA ARG F 116 -7.46 -13.18 13.61
C ARG F 116 -8.26 -11.93 13.23
N ALA F 117 -7.65 -11.04 12.44
CA ALA F 117 -8.37 -9.82 12.06
C ALA F 117 -9.65 -10.14 11.28
N ALA F 118 -9.60 -11.08 10.33
CA ALA F 118 -10.82 -11.44 9.61
C ALA F 118 -11.89 -11.98 10.54
N GLY F 119 -11.49 -12.81 11.52
CA GLY F 119 -12.46 -13.37 12.45
C GLY F 119 -12.97 -12.37 13.45
N TYR F 120 -12.15 -11.38 13.80
CA TYR F 120 -12.47 -10.46 14.87
C TYR F 120 -13.07 -9.15 14.37
N GLY F 121 -13.29 -9.02 13.06
CA GLY F 121 -13.91 -7.82 12.53
C GLY F 121 -13.00 -6.62 12.45
N LEU F 122 -11.68 -6.81 12.52
CA LEU F 122 -10.74 -5.71 12.43
C LEU F 122 -10.41 -5.42 10.96
N GLY F 123 -10.05 -4.18 10.68
CA GLY F 123 -9.74 -3.84 9.31
C GLY F 123 -8.35 -4.18 8.86
N GLY F 124 -7.48 -4.53 9.81
CA GLY F 124 -6.08 -4.77 9.55
C GLY F 124 -5.31 -4.52 10.83
N ILE F 125 -4.04 -4.88 10.80
CA ILE F 125 -3.15 -4.71 11.94
C ILE F 125 -1.85 -4.11 11.43
N LEU F 126 -1.15 -3.39 12.32
CA LEU F 126 0.13 -2.76 12.01
C LEU F 126 1.24 -3.53 12.70
N THR F 127 2.17 -4.09 11.93
CA THR F 127 3.25 -4.86 12.54
C THR F 127 4.59 -4.34 12.07
N PRO F 128 5.60 -4.34 12.94
CA PRO F 128 6.96 -4.00 12.49
C PRO F 128 7.67 -5.15 11.81
N THR F 129 7.07 -6.35 11.82
CA THR F 129 7.72 -7.50 11.23
C THR F 129 7.67 -7.38 9.71
N GLY F 130 8.85 -7.33 9.09
CA GLY F 130 8.97 -7.26 7.65
C GLY F 130 9.44 -5.94 7.10
N LEU F 131 9.62 -4.91 7.94
CA LEU F 131 10.10 -3.63 7.44
C LEU F 131 11.46 -3.82 6.82
N GLY F 132 11.64 -3.30 5.62
CA GLY F 132 12.94 -3.39 4.97
C GLY F 132 13.22 -4.72 4.32
N THR F 133 12.19 -5.53 4.06
CA THR F 133 12.29 -6.83 3.41
C THR F 133 11.26 -6.89 2.29
N ILE F 134 11.25 -7.99 1.53
CA ILE F 134 10.29 -8.08 0.43
C ILE F 134 8.88 -8.34 0.91
N VAL F 135 8.71 -8.59 2.22
CA VAL F 135 7.38 -8.57 2.80
C VAL F 135 6.79 -7.16 2.73
N GLN F 136 7.64 -6.13 2.81
CA GLN F 136 7.18 -4.75 2.68
C GLN F 136 6.63 -4.46 1.28
N GLU F 137 7.13 -5.18 0.28
CA GLU F 137 6.76 -4.98 -1.11
C GLU F 137 5.25 -5.02 -1.28
N GLY F 138 4.68 -3.91 -1.76
CA GLY F 138 3.26 -3.91 -2.05
C GLY F 138 2.37 -3.82 -0.85
N LYS F 139 2.93 -3.45 0.30
CA LYS F 139 2.18 -3.21 1.50
C LYS F 139 2.11 -1.72 1.77
N GLN F 140 1.00 -1.30 2.36
CA GLN F 140 0.88 0.05 2.89
C GLN F 140 1.75 0.23 4.12
N ILE F 141 2.38 1.39 4.24
CA ILE F 141 3.12 1.73 5.45
C ILE F 141 2.38 2.84 6.18
N ILE F 142 2.27 2.70 7.51
CA ILE F 142 1.61 3.65 8.38
C ILE F 142 2.62 4.08 9.41
N ASN F 143 2.81 5.37 9.56
CA ASN F 143 3.61 5.88 10.66
C ASN F 143 2.70 6.10 11.86
N VAL F 144 3.12 5.63 13.03
CA VAL F 144 2.39 5.87 14.28
C VAL F 144 3.42 6.27 15.32
N ASP F 145 3.24 7.45 15.91
CA ASP F 145 4.16 7.98 16.94
C ASP F 145 5.61 7.92 16.49
N GLY F 146 5.85 8.07 15.19
CA GLY F 146 7.22 8.19 14.69
C GLY F 146 7.93 6.89 14.32
N LYS F 147 7.43 5.73 14.73
CA LYS F 147 7.92 4.46 14.21
C LYS F 147 7.04 4.03 13.02
N ASP F 148 7.62 3.25 12.11
CA ASP F 148 6.96 2.81 10.88
C ASP F 148 6.43 1.39 11.04
N TYR F 149 5.36 1.07 10.30
CA TYR F 149 4.75 -0.25 10.37
C TYR F 149 4.12 -0.62 9.03
N LEU F 150 3.85 -1.91 8.89
CA LEU F 150 3.21 -2.46 7.71
C LEU F 150 1.75 -2.73 8.02
N LEU F 151 0.87 -2.32 7.12
CA LEU F 151 -0.52 -2.68 7.28
C LEU F 151 -0.70 -4.09 6.71
N GLU F 152 -1.14 -5.01 7.54
CA GLU F 152 -1.42 -6.37 7.09
C GLU F 152 -2.92 -6.59 7.17
N LYS F 153 -3.48 -7.09 6.11
CA LYS F 153 -4.92 -7.03 5.90
C LYS F 153 -5.56 -8.35 6.31
N PRO F 154 -6.85 -8.36 6.63
CA PRO F 154 -7.47 -9.59 7.11
C PRO F 154 -7.59 -10.64 6.00
N ILE F 155 -7.50 -11.89 6.39
CA ILE F 155 -7.64 -13.01 5.47
C ILE F 155 -8.91 -13.75 5.88
N LYS F 156 -10.01 -13.50 5.18
CA LYS F 156 -11.25 -14.22 5.43
C LYS F 156 -11.35 -15.38 4.45
N ALA F 157 -11.89 -16.50 4.90
CA ALA F 157 -11.98 -17.67 4.04
C ALA F 157 -13.42 -18.17 3.99
N ASP F 158 -13.70 -19.00 2.98
CA ASP F 158 -15.04 -19.55 2.83
C ASP F 158 -15.24 -20.67 3.83
N VAL F 159 -14.36 -21.69 3.79
CA VAL F 159 -14.40 -22.80 4.73
C VAL F 159 -13.13 -22.74 5.54
N ALA F 160 -13.22 -23.17 6.79
CA ALA F 160 -12.07 -23.44 7.64
C ALA F 160 -12.15 -24.90 8.07
N LEU F 161 -11.07 -25.64 7.82
CA LEU F 161 -10.97 -27.05 8.16
C LEU F 161 -10.04 -27.18 9.36
N ILE F 162 -10.61 -27.31 10.56
CA ILE F 162 -9.84 -27.29 11.79
C ILE F 162 -9.92 -28.65 12.49
N PHE F 163 -9.07 -28.83 13.49
CA PHE F 163 -8.90 -30.08 14.23
C PHE F 163 -9.14 -29.86 15.71
N GLY F 164 -9.77 -30.82 16.36
CA GLY F 164 -9.86 -30.78 17.81
C GLY F 164 -9.58 -32.14 18.40
N THR F 165 -8.85 -32.20 19.53
CA THR F 165 -8.64 -33.49 20.19
C THR F 165 -9.89 -33.96 20.93
N LYS F 166 -10.69 -33.02 21.48
CA LYS F 166 -11.96 -33.35 22.11
C LYS F 166 -12.97 -32.26 21.76
N VAL F 167 -14.12 -32.67 21.22
CA VAL F 167 -15.20 -31.75 20.83
C VAL F 167 -16.52 -32.25 21.39
N ASP F 168 -17.29 -31.36 22.02
CA ASP F 168 -18.57 -31.81 22.53
C ASP F 168 -19.67 -31.61 21.48
N GLU F 169 -20.81 -32.27 21.71
CA GLU F 169 -21.85 -32.42 20.70
C GLU F 169 -22.36 -31.08 20.18
N LEU F 170 -22.12 -29.99 20.92
CA LEU F 170 -22.57 -28.66 20.51
C LEU F 170 -21.57 -27.94 19.61
N GLY F 171 -20.35 -28.47 19.46
CA GLY F 171 -19.31 -27.78 18.74
C GLY F 171 -18.22 -27.14 19.58
N ASN F 172 -18.35 -27.10 20.91
CA ASN F 172 -17.24 -26.71 21.78
C ASN F 172 -16.01 -27.56 21.50
N VAL F 173 -14.86 -26.90 21.26
CA VAL F 173 -13.66 -27.59 20.82
C VAL F 173 -12.54 -27.37 21.83
N ILE F 174 -11.75 -28.42 22.03
CA ILE F 174 -10.51 -28.42 22.80
C ILE F 174 -9.42 -28.91 21.87
N CYS F 175 -8.37 -28.11 21.72
CA CYS F 175 -7.17 -28.52 20.99
C CYS F 175 -6.07 -28.68 22.01
N GLU F 176 -5.66 -29.91 22.27
CA GLU F 176 -4.72 -30.17 23.34
C GLU F 176 -3.29 -29.94 22.90
N LYS F 177 -2.46 -29.52 23.86
CA LYS F 177 -1.00 -29.41 23.72
C LYS F 177 -0.69 -28.43 22.59
N THR F 178 0.09 -28.80 21.58
CA THR F 178 0.42 -27.86 20.53
C THR F 178 -0.40 -28.07 19.27
N THR F 179 -1.53 -28.77 19.37
CA THR F 179 -2.49 -28.82 18.29
C THR F 179 -3.33 -27.55 18.20
N LYS F 180 -3.20 -26.65 19.18
CA LYS F 180 -3.89 -25.37 19.15
C LYS F 180 -2.92 -24.32 18.60
N ASN F 181 -2.62 -24.43 17.31
CA ASN F 181 -1.74 -23.46 16.68
C ASN F 181 -2.62 -22.35 16.12
N PHE F 182 -3.03 -22.50 14.85
CA PHE F 182 -3.93 -21.56 14.20
C PHE F 182 -5.42 -21.97 14.26
N ASN F 183 -5.75 -23.17 14.78
CA ASN F 183 -7.13 -23.63 14.78
C ASN F 183 -8.10 -22.71 15.50
N PRO F 184 -7.86 -22.23 16.72
CA PRO F 184 -8.85 -21.33 17.33
C PRO F 184 -8.94 -19.98 16.65
N LEU F 185 -7.92 -19.64 15.85
CA LEU F 185 -7.98 -18.41 15.06
C LEU F 185 -8.81 -18.61 13.80
N MET F 186 -8.48 -19.67 13.05
CA MET F 186 -9.17 -19.93 11.78
C MET F 186 -10.66 -20.15 11.99
N ALA F 187 -11.03 -20.86 13.06
CA ALA F 187 -12.43 -21.13 13.37
C ALA F 187 -13.30 -19.87 13.35
N THR F 188 -12.72 -18.73 13.67
CA THR F 188 -13.50 -17.51 13.69
C THR F 188 -13.52 -16.79 12.34
N ALA F 189 -12.65 -17.19 11.40
CA ALA F 189 -12.39 -16.37 10.23
C ALA F 189 -12.85 -17.03 8.92
N ALA F 190 -13.94 -17.79 8.97
CA ALA F 190 -14.49 -18.44 7.79
C ALA F 190 -16.00 -18.56 7.94
N ASP F 191 -16.69 -18.64 6.80
CA ASP F 191 -18.15 -18.70 6.81
C ASP F 191 -18.65 -20.04 7.32
N VAL F 192 -18.25 -21.13 6.66
CA VAL F 192 -18.50 -22.50 7.13
C VAL F 192 -17.24 -23.00 7.82
N VAL F 193 -17.38 -23.50 9.05
CA VAL F 193 -16.27 -24.03 9.82
C VAL F 193 -16.55 -25.50 10.11
N ILE F 194 -15.65 -26.39 9.64
CA ILE F 194 -15.74 -27.83 9.84
C ILE F 194 -14.61 -28.27 10.76
N VAL F 195 -14.93 -29.04 11.81
CA VAL F 195 -13.95 -29.54 12.77
C VAL F 195 -13.91 -31.07 12.73
N GLU F 196 -12.72 -31.63 12.62
CA GLU F 196 -12.51 -33.06 12.80
C GLU F 196 -12.17 -33.31 14.26
N ALA F 197 -12.96 -34.13 14.94
CA ALA F 197 -12.75 -34.42 16.35
C ALA F 197 -12.10 -35.79 16.49
N LEU F 198 -11.00 -35.83 17.24
CA LEU F 198 -10.43 -37.10 17.66
C LEU F 198 -11.44 -37.87 18.49
N GLU F 199 -12.22 -37.13 19.29
CA GLU F 199 -13.18 -37.68 20.24
C GLU F 199 -14.36 -36.71 20.28
N ILE F 200 -15.57 -37.17 19.90
CA ILE F 200 -16.79 -36.39 20.12
C ILE F 200 -17.31 -36.77 21.51
N VAL F 201 -17.83 -35.79 22.24
CA VAL F 201 -18.01 -35.94 23.68
C VAL F 201 -19.39 -35.41 24.07
N PRO F 202 -20.03 -35.93 25.15
CA PRO F 202 -21.33 -35.37 25.58
C PRO F 202 -21.37 -33.86 25.59
N ALA F 203 -22.34 -33.30 24.86
CA ALA F 203 -22.61 -31.86 24.91
C ALA F 203 -22.71 -31.32 26.35
N GLY F 204 -21.75 -30.51 26.76
CA GLY F 204 -21.70 -29.97 28.09
C GLY F 204 -20.64 -30.59 28.97
N SER F 205 -20.01 -31.68 28.51
CA SER F 205 -18.99 -32.38 29.30
C SER F 205 -17.73 -31.57 29.52
N LEU F 206 -17.54 -30.48 28.77
CA LEU F 206 -16.33 -29.68 28.81
C LEU F 206 -16.54 -28.46 29.70
N SER F 207 -15.53 -28.13 30.48
CA SER F 207 -15.69 -27.01 31.39
C SER F 207 -15.57 -25.69 30.64
N PRO F 208 -16.44 -24.73 30.92
CA PRO F 208 -16.37 -23.42 30.24
C PRO F 208 -15.01 -22.77 30.32
N GLU F 209 -14.17 -23.26 31.23
CA GLU F 209 -12.83 -22.74 31.45
C GLU F 209 -11.78 -23.37 30.57
N HIS F 210 -12.04 -24.59 30.08
CA HIS F 210 -11.04 -25.39 29.41
C HIS F 210 -11.27 -25.50 27.91
N LEU F 211 -11.97 -24.56 27.30
CA LEU F 211 -12.30 -24.68 25.89
C LEU F 211 -11.35 -23.84 25.04
N ASP F 212 -11.08 -24.32 23.84
CA ASP F 212 -10.21 -23.56 22.94
C ASP F 212 -10.97 -22.79 21.87
N ILE F 213 -12.11 -23.34 21.44
CA ILE F 213 -12.97 -22.73 20.43
C ILE F 213 -14.41 -22.83 20.93
N SER F 214 -15.16 -21.73 20.84
CA SER F 214 -16.56 -21.78 21.23
C SER F 214 -17.41 -22.52 20.20
N ARG F 215 -18.51 -23.11 20.67
CA ARG F 215 -19.45 -23.81 19.79
C ARG F 215 -20.04 -22.88 18.74
N ILE F 216 -20.18 -21.59 19.06
CA ILE F 216 -20.83 -20.64 18.17
C ILE F 216 -20.00 -20.42 16.90
N PHE F 217 -18.84 -21.06 16.81
CA PHE F 217 -17.98 -20.93 15.64
C PHE F 217 -18.08 -22.11 14.71
N ILE F 218 -18.49 -23.26 15.21
CA ILE F 218 -18.45 -24.52 14.49
C ILE F 218 -19.78 -24.77 13.79
N ASP F 219 -19.71 -25.24 12.54
CA ASP F 219 -20.90 -25.60 11.78
C ASP F 219 -21.09 -27.11 11.63
N TYR F 220 -20.02 -27.89 11.60
CA TYR F 220 -20.10 -29.30 11.31
C TYR F 220 -18.99 -30.02 12.04
N ILE F 221 -19.30 -31.18 12.63
CA ILE F 221 -18.35 -31.92 13.48
C ILE F 221 -17.99 -33.31 12.97
N LYS F 223 -15.35 -36.66 12.29
CA LYS F 223 -14.83 -38.01 12.54
C LYS F 223 -14.99 -38.35 14.03
N MET G 3 13.44 54.18 8.90
CA MET G 3 13.20 54.63 7.52
C MET G 3 13.48 53.53 6.49
N GLU G 4 12.53 53.34 5.56
CA GLU G 4 12.63 52.26 4.59
C GLU G 4 13.68 52.59 3.53
N MET G 5 14.41 51.56 3.07
CA MET G 5 15.46 51.74 2.07
C MET G 5 14.84 52.02 0.69
N ASP G 6 15.69 52.45 -0.27
CA ASP G 6 15.25 52.64 -1.66
C ASP G 6 15.09 51.27 -2.31
N LYS G 7 13.83 50.89 -2.61
CA LYS G 7 13.45 49.57 -3.13
C LYS G 7 14.44 49.05 -4.17
N ASN G 8 14.92 49.91 -5.07
CA ASN G 8 15.86 49.40 -6.06
C ASN G 8 17.17 48.98 -5.44
N LEU G 9 17.59 49.65 -4.36
CA LEU G 9 18.85 49.25 -3.74
C LEU G 9 18.70 47.95 -2.94
N VAL G 10 17.52 47.68 -2.34
CA VAL G 10 17.33 46.40 -1.65
C VAL G 10 17.28 45.26 -2.68
N ARG G 11 16.49 45.44 -3.74
CA ARG G 11 16.50 44.46 -4.82
C ARG G 11 17.92 44.22 -5.34
N GLU G 12 18.73 45.27 -5.43
CA GLU G 12 20.07 45.08 -5.99
C GLU G 12 20.98 44.29 -5.06
N VAL G 13 20.91 44.55 -3.75
CA VAL G 13 21.82 43.85 -2.85
C VAL G 13 21.39 42.39 -2.70
N ILE G 14 20.08 42.14 -2.62
CA ILE G 14 19.57 40.76 -2.57
C ILE G 14 19.96 39.99 -3.82
N ALA G 15 19.63 40.54 -4.99
CA ALA G 15 19.91 39.87 -6.26
C ALA G 15 21.39 39.51 -6.40
N LYS G 16 22.29 40.46 -6.09
CA LYS G 16 23.73 40.24 -6.27
C LYS G 16 24.23 39.13 -5.35
N ARG G 17 23.61 38.99 -4.18
CA ARG G 17 24.01 37.97 -3.22
C ARG G 17 23.54 36.58 -3.65
N VAL G 18 22.36 36.50 -4.26
CA VAL G 18 21.89 35.23 -4.79
C VAL G 18 22.85 34.71 -5.85
N ALA G 19 23.34 35.59 -6.72
CA ALA G 19 24.19 35.18 -7.81
C ALA G 19 25.49 34.53 -7.34
N GLN G 20 25.90 34.82 -6.10
CA GLN G 20 27.09 34.21 -5.53
C GLN G 20 26.90 32.73 -5.22
N GLU G 21 25.66 32.29 -5.03
CA GLU G 21 25.35 30.90 -4.71
C GLU G 21 25.46 29.94 -5.91
N PHE G 22 25.62 30.41 -7.14
CA PHE G 22 25.66 29.53 -8.30
C PHE G 22 27.10 29.20 -8.69
N HIS G 23 27.25 28.12 -9.45
CA HIS G 23 28.52 27.72 -10.02
C HIS G 23 28.32 27.30 -11.47
N ASP G 24 29.41 27.31 -12.26
CA ASP G 24 29.32 27.06 -13.70
C ASP G 24 28.71 25.70 -13.97
N GLY G 25 27.57 25.72 -14.68
CA GLY G 25 26.82 24.53 -15.00
C GLY G 25 25.53 24.38 -14.22
N TYR G 26 25.32 25.19 -13.20
CA TYR G 26 24.06 25.20 -12.48
C TYR G 26 22.90 25.43 -13.43
N VAL G 27 21.87 24.60 -13.32
CA VAL G 27 20.57 24.91 -13.91
C VAL G 27 19.77 25.69 -12.87
N VAL G 28 19.23 26.83 -13.27
CA VAL G 28 18.65 27.78 -12.32
C VAL G 28 17.29 28.24 -12.84
N ASN G 29 16.28 28.22 -11.97
CA ASN G 29 14.96 28.79 -12.27
C ASN G 29 14.72 30.02 -11.40
N LEU G 30 14.55 31.19 -12.04
CA LEU G 30 14.26 32.46 -11.36
C LEU G 30 12.79 32.85 -11.52
N GLY G 31 12.12 33.17 -10.40
CA GLY G 31 10.71 33.56 -10.45
C GLY G 31 10.49 35.01 -10.90
N ILE G 32 9.24 35.33 -11.27
CA ILE G 32 8.91 36.67 -11.76
C ILE G 32 8.93 37.65 -10.59
N GLY G 33 9.66 38.75 -10.76
CA GLY G 33 9.80 39.77 -9.73
C GLY G 33 11.25 39.98 -9.37
N LEU G 34 11.51 40.11 -8.08
CA LEU G 34 12.89 40.25 -7.61
C LEU G 34 13.85 39.26 -8.25
N PRO G 35 13.60 37.94 -8.25
CA PRO G 35 14.66 37.00 -8.69
C PRO G 35 15.05 37.13 -10.16
N THR G 36 14.25 37.81 -10.99
CA THR G 36 14.61 37.94 -12.40
C THR G 36 15.84 38.83 -12.58
N LEU G 37 16.14 39.69 -11.59
CA LEU G 37 17.29 40.58 -11.64
C LEU G 37 18.61 39.88 -11.36
N VAL G 38 18.58 38.73 -10.70
CA VAL G 38 19.75 37.89 -10.47
C VAL G 38 20.38 37.54 -11.81
N ALA G 39 19.59 37.69 -12.89
CA ALA G 39 20.05 37.42 -14.24
C ALA G 39 21.18 38.35 -14.68
N ASN G 40 21.28 39.54 -14.07
CA ASN G 40 22.22 40.57 -14.51
C ASN G 40 23.58 40.44 -13.85
N TYR G 41 23.64 39.86 -12.65
CA TYR G 41 24.87 39.68 -11.89
C TYR G 41 25.50 38.31 -12.03
N VAL G 42 24.89 37.42 -12.82
CA VAL G 42 25.51 36.11 -13.02
C VAL G 42 26.78 36.21 -13.86
N GLY G 43 27.08 37.39 -14.40
CA GLY G 43 28.33 37.66 -15.08
C GLY G 43 28.74 36.58 -16.06
N ASP G 44 29.86 35.93 -15.78
CA ASP G 44 30.42 34.90 -16.66
C ASP G 44 30.28 33.49 -16.09
N MET G 45 29.46 33.30 -15.05
CA MET G 45 29.08 31.96 -14.65
C MET G 45 28.37 31.26 -15.81
N ASP G 46 28.54 29.95 -15.89
CA ASP G 46 27.89 29.16 -16.93
C ASP G 46 26.52 28.66 -16.44
N VAL G 47 25.69 29.63 -16.05
CA VAL G 47 24.36 29.32 -15.54
C VAL G 47 23.40 29.09 -16.71
N ILE G 48 22.61 28.03 -16.59
CA ILE G 48 21.60 27.66 -17.58
C ILE G 48 20.25 27.97 -16.97
N PHE G 49 19.53 28.93 -17.55
CA PHE G 49 18.24 29.32 -17.02
C PHE G 49 17.14 28.49 -17.65
N GLN G 50 16.19 28.09 -16.81
CA GLN G 50 15.12 27.16 -17.18
C GLN G 50 13.81 27.84 -16.89
N SER G 51 12.88 27.78 -17.83
CA SER G 51 11.61 28.45 -17.74
C SER G 51 10.51 27.41 -17.81
N GLU G 52 9.55 27.48 -16.88
CA GLU G 52 8.62 26.37 -16.68
C GLU G 52 7.67 26.15 -17.85
N ASN G 53 7.47 27.15 -18.70
CA ASN G 53 6.63 26.95 -19.88
C ASN G 53 7.36 26.24 -21.02
N GLY G 54 8.60 25.82 -20.81
CA GLY G 54 9.17 24.89 -21.74
C GLY G 54 10.49 25.26 -22.39
N CYS G 55 11.42 25.85 -21.63
CA CYS G 55 12.72 26.13 -22.20
C CYS G 55 13.84 25.83 -21.21
N ILE G 56 14.93 25.26 -21.72
CA ILE G 56 16.18 25.11 -20.99
C ILE G 56 17.25 25.82 -21.79
N GLY G 57 17.89 26.83 -21.18
CA GLY G 57 18.81 27.68 -21.89
C GLY G 57 18.15 28.95 -22.39
N VAL G 58 17.29 29.54 -21.54
CA VAL G 58 16.72 30.85 -21.81
C VAL G 58 17.81 31.87 -22.13
N GLY G 59 17.58 32.67 -23.18
CA GLY G 59 18.46 33.75 -23.55
C GLY G 59 17.93 35.12 -23.14
N PRO G 60 18.75 36.15 -23.32
CA PRO G 60 18.33 37.51 -22.94
C PRO G 60 17.23 38.00 -23.85
N ALA G 61 16.57 39.08 -23.42
CA ALA G 61 15.47 39.63 -24.19
C ALA G 61 15.95 40.02 -25.58
N PRO G 62 15.06 40.02 -26.58
CA PRO G 62 15.49 40.36 -27.94
C PRO G 62 15.48 41.86 -28.18
N GLU G 63 16.36 42.29 -29.09
CA GLU G 63 16.41 43.68 -29.53
C GLU G 63 15.07 44.07 -30.14
N LYS G 64 14.57 45.25 -29.78
CA LYS G 64 13.23 45.68 -30.22
C LYS G 64 13.10 45.56 -31.73
N GLY G 65 12.05 44.83 -32.16
CA GLY G 65 11.83 44.50 -33.54
C GLY G 65 12.09 43.04 -33.88
N LYS G 66 12.85 42.33 -33.06
CA LYS G 66 13.08 40.90 -33.23
C LYS G 66 12.30 40.07 -32.20
N GLU G 67 11.16 40.60 -31.73
CA GLU G 67 10.40 40.02 -30.62
C GLU G 67 9.40 38.98 -31.11
N ASP G 68 9.31 37.88 -30.38
CA ASP G 68 8.54 36.70 -30.78
C ASP G 68 7.51 36.32 -29.72
N PRO G 69 6.21 36.44 -29.98
CA PRO G 69 5.23 36.04 -28.97
C PRO G 69 5.07 34.52 -28.84
N TYR G 70 5.60 33.76 -29.80
CA TYR G 70 5.74 32.32 -29.71
C TYR G 70 6.94 31.90 -28.88
N LEU G 71 7.76 32.85 -28.45
CA LEU G 71 8.94 32.57 -27.62
C LEU G 71 8.93 33.56 -26.46
N VAL G 72 8.21 33.20 -25.39
CA VAL G 72 8.24 34.01 -24.18
C VAL G 72 8.77 33.17 -23.02
N ASN G 73 8.83 33.75 -21.82
CA ASN G 73 9.27 33.04 -20.64
C ASN G 73 8.08 32.88 -19.72
N ALA G 74 8.35 32.53 -18.45
CA ALA G 74 7.27 32.17 -17.55
C ALA G 74 6.37 33.35 -17.22
N GLY G 75 6.86 34.57 -17.35
CA GLY G 75 6.05 35.77 -17.23
C GLY G 75 5.56 36.30 -18.55
N ALA G 76 5.65 35.50 -19.62
CA ALA G 76 5.16 35.84 -20.96
C ALA G 76 5.93 36.99 -21.59
N GLY G 77 7.20 37.16 -21.21
CA GLY G 77 8.04 38.22 -21.76
C GLY G 77 9.03 37.66 -22.77
N PHE G 78 9.26 38.44 -23.83
CA PHE G 78 10.05 37.93 -24.96
C PHE G 78 11.45 37.53 -24.51
N ILE G 79 11.93 36.43 -25.06
CA ILE G 79 13.25 35.90 -24.76
C ILE G 79 13.81 35.34 -26.06
N THR G 80 15.10 35.09 -26.05
CA THR G 80 15.82 34.39 -27.10
C THR G 80 16.22 33.02 -26.57
N ALA G 81 16.93 32.24 -27.39
CA ALA G 81 17.36 30.90 -27.01
C ALA G 81 18.88 30.81 -27.05
N ALA G 82 19.49 30.64 -25.87
CA ALA G 82 20.94 30.54 -25.79
C ALA G 82 21.48 29.37 -26.62
N LYS G 83 22.79 29.36 -26.85
CA LYS G 83 23.40 28.25 -27.57
C LYS G 83 23.18 26.96 -26.80
N GLY G 84 22.65 25.94 -27.48
CA GLY G 84 22.39 24.64 -26.87
C GLY G 84 21.05 24.48 -26.20
N ALA G 85 20.11 25.40 -26.40
CA ALA G 85 18.84 25.34 -25.73
C ALA G 85 17.99 24.20 -26.29
N MET G 86 16.90 23.90 -25.58
CA MET G 86 15.91 22.92 -26.01
C MET G 86 14.56 23.45 -25.55
N PHE G 87 13.56 23.33 -26.42
CA PHE G 87 12.17 23.63 -26.06
C PHE G 87 11.45 22.31 -25.83
N PHE G 88 10.45 22.32 -24.95
CA PHE G 88 9.75 21.08 -24.63
C PHE G 88 8.38 21.39 -24.06
N ASP G 89 7.55 20.35 -24.06
CA ASP G 89 6.23 20.36 -23.46
C ASP G 89 6.37 20.46 -21.94
N SER G 90 5.25 20.66 -21.27
CA SER G 90 5.41 21.03 -19.88
C SER G 90 5.52 19.83 -18.94
N ALA G 91 5.11 18.63 -19.38
CA ALA G 91 5.42 17.43 -18.60
C ALA G 91 6.94 17.23 -18.50
N TYR G 92 7.62 17.30 -19.64
CA TYR G 92 9.09 17.30 -19.66
C TYR G 92 9.66 18.46 -18.87
N SER G 93 9.08 19.66 -19.03
CA SER G 93 9.51 20.81 -18.25
C SER G 93 9.51 20.48 -16.76
N PHE G 94 8.46 19.81 -16.29
CA PHE G 94 8.32 19.58 -14.87
C PHE G 94 8.91 18.26 -14.40
N GLY G 95 9.32 17.37 -15.30
CA GLY G 95 10.26 16.34 -14.88
C GLY G 95 11.63 16.91 -14.60
N ILE G 96 11.99 17.98 -15.30
CA ILE G 96 13.22 18.68 -14.97
C ILE G 96 13.12 19.26 -13.58
N ILE G 97 11.99 19.90 -13.29
CA ILE G 97 11.82 20.62 -12.03
C ILE G 97 11.60 19.65 -10.88
N ARG G 98 10.65 18.73 -11.01
CA ARG G 98 10.33 17.86 -9.89
C ARG G 98 11.39 16.78 -9.66
N GLY G 99 12.15 16.41 -10.69
CA GLY G 99 13.10 15.32 -10.61
C GLY G 99 14.50 15.64 -10.08
N GLY G 100 14.74 16.86 -9.62
CA GLY G 100 16.04 17.18 -9.06
C GLY G 100 17.11 17.57 -10.05
N HIS G 101 16.74 18.18 -11.17
CA HIS G 101 17.72 18.61 -12.14
C HIS G 101 17.88 20.11 -12.17
N VAL G 102 16.99 20.84 -11.51
CA VAL G 102 17.22 22.26 -11.27
C VAL G 102 18.14 22.40 -10.07
N ASP G 103 19.33 22.95 -10.31
CA ASP G 103 20.35 23.04 -9.26
C ASP G 103 19.97 24.06 -8.20
N ALA G 104 19.24 25.11 -8.58
CA ALA G 104 18.85 26.13 -7.62
C ALA G 104 17.66 26.88 -8.19
N THR G 105 16.59 26.98 -7.43
CA THR G 105 15.48 27.85 -7.77
C THR G 105 15.49 29.02 -6.78
N VAL G 106 15.29 30.22 -7.30
CA VAL G 106 15.25 31.44 -6.50
C VAL G 106 13.83 31.99 -6.54
N LEU G 107 13.20 32.12 -5.38
CA LEU G 107 11.84 32.61 -5.28
C LEU G 107 11.74 33.62 -4.14
N GLY G 108 10.67 34.37 -4.13
CA GLY G 108 10.39 35.29 -3.05
C GLY G 108 9.33 34.69 -2.17
N ALA G 109 9.03 35.38 -1.07
CA ALA G 109 8.20 34.77 -0.05
C ALA G 109 7.45 35.82 0.76
N LEU G 110 6.20 35.47 1.11
CA LEU G 110 5.44 36.25 2.08
C LEU G 110 5.91 35.95 3.51
N GLU G 111 5.88 34.68 3.90
CA GLU G 111 6.48 34.24 5.16
C GLU G 111 7.47 33.11 4.89
N VAL G 112 8.34 32.87 5.85
CA VAL G 112 9.22 31.70 5.84
C VAL G 112 9.60 31.42 7.28
N ASP G 113 9.64 30.16 7.67
CA ASP G 113 9.82 29.85 9.09
C ASP G 113 11.06 28.97 9.33
N GLU G 114 11.27 28.59 10.60
CA GLU G 114 12.47 27.86 10.99
C GLU G 114 12.40 26.36 10.73
N LYS G 115 11.21 25.80 10.55
CA LYS G 115 11.14 24.42 10.10
C LYS G 115 11.47 24.29 8.60
N GLY G 116 11.64 25.40 7.89
CA GLY G 116 11.86 25.40 6.46
C GLY G 116 10.61 25.58 5.62
N ASN G 117 9.45 25.77 6.24
CA ASN G 117 8.25 25.93 5.44
C ASN G 117 8.26 27.29 4.75
N LEU G 118 7.43 27.39 3.72
CA LEU G 118 7.38 28.55 2.83
C LEU G 118 5.93 28.85 2.47
N ALA G 119 5.57 30.13 2.58
CA ALA G 119 4.26 30.61 2.15
C ALA G 119 4.49 31.75 1.16
N ASN G 120 3.94 31.64 -0.04
CA ASN G 120 4.27 32.62 -1.05
C ASN G 120 3.30 32.64 -2.23
N TRP G 121 2.22 31.89 -2.14
CA TRP G 121 1.34 31.74 -3.28
C TRP G 121 -0.06 32.27 -3.03
N MET G 122 -0.39 32.69 -1.82
CA MET G 122 -1.76 33.08 -1.56
C MET G 122 -1.83 33.87 -0.27
N ILE G 123 -2.57 34.98 -0.31
CA ILE G 123 -3.05 35.71 0.86
C ILE G 123 -4.56 35.51 0.89
N PRO G 124 -5.10 34.78 1.86
CA PRO G 124 -6.54 34.48 1.85
C PRO G 124 -7.37 35.76 1.79
N GLY G 125 -8.23 35.84 0.77
CA GLY G 125 -9.15 36.94 0.61
C GLY G 125 -8.59 38.17 -0.07
N LYS G 126 -7.27 38.34 -0.11
CA LYS G 126 -6.65 39.54 -0.67
C LYS G 126 -6.01 39.27 -2.04
N LYS G 127 -5.02 38.38 -2.10
CA LYS G 127 -4.39 37.99 -3.36
C LYS G 127 -4.43 36.46 -3.49
N VAL G 128 -5.09 35.96 -4.53
CA VAL G 128 -5.10 34.53 -4.87
C VAL G 128 -4.72 34.34 -6.33
N PRO G 129 -3.44 34.28 -6.67
CA PRO G 129 -3.05 34.07 -8.08
C PRO G 129 -2.94 32.62 -8.55
N GLY G 130 -2.87 31.68 -7.61
CA GLY G 130 -2.54 30.30 -7.93
C GLY G 130 -1.06 30.02 -7.73
N MET G 131 -0.74 28.74 -7.50
CA MET G 131 0.64 28.36 -7.21
C MET G 131 1.52 28.44 -8.45
N GLY G 132 0.94 28.32 -9.66
CA GLY G 132 1.76 28.25 -10.86
C GLY G 132 2.74 27.10 -10.78
N GLY G 133 4.01 27.34 -11.08
CA GLY G 133 4.98 26.28 -10.89
C GLY G 133 5.71 26.27 -9.55
N ALA G 134 5.17 26.97 -8.55
CA ALA G 134 6.01 27.27 -7.40
C ALA G 134 6.18 26.08 -6.46
N MET G 135 5.10 25.33 -6.15
CA MET G 135 5.23 24.13 -5.31
C MET G 135 6.18 23.13 -5.94
N ASP G 136 5.97 22.82 -7.22
CA ASP G 136 6.86 21.90 -7.89
C ASP G 136 8.30 22.36 -7.78
N LEU G 137 8.55 23.64 -8.03
CA LEU G 137 9.91 24.17 -7.99
C LEU G 137 10.57 23.98 -6.62
N VAL G 138 9.92 24.41 -5.54
CA VAL G 138 10.53 24.32 -4.22
C VAL G 138 10.59 22.88 -3.74
N VAL G 139 9.60 22.05 -4.07
CA VAL G 139 9.67 20.64 -3.71
C VAL G 139 10.84 19.96 -4.43
N GLY G 140 11.05 20.28 -5.70
CA GLY G 140 11.96 19.49 -6.50
C GLY G 140 13.36 20.01 -6.63
N ALA G 141 13.56 21.31 -6.47
CA ALA G 141 14.89 21.87 -6.67
C ALA G 141 15.86 21.35 -5.62
N LYS G 142 17.12 21.23 -6.03
CA LYS G 142 18.16 20.81 -5.10
C LYS G 142 18.44 21.88 -4.06
N LYS G 143 18.59 23.14 -4.46
CA LYS G 143 18.83 24.26 -3.55
C LYS G 143 17.71 25.29 -3.69
N VAL G 144 16.90 25.47 -2.65
CA VAL G 144 15.80 26.44 -2.65
C VAL G 144 16.31 27.73 -2.02
N ILE G 145 16.39 28.81 -2.78
CA ILE G 145 16.88 30.09 -2.27
C ILE G 145 15.73 31.06 -2.20
N VAL G 146 15.39 31.52 -1.00
CA VAL G 146 14.35 32.54 -0.87
C VAL G 146 15.03 33.91 -0.83
N ALA G 147 14.71 34.77 -1.79
CA ALA G 147 15.25 36.13 -1.88
C ALA G 147 14.10 37.09 -1.65
N MET G 148 14.17 37.88 -0.59
CA MET G 148 13.01 38.68 -0.27
C MET G 148 13.40 39.91 0.55
N GLU G 149 12.49 40.89 0.56
CA GLU G 149 12.53 41.96 1.53
C GLU G 149 12.43 41.38 2.93
N HIS G 150 13.34 41.79 3.83
CA HIS G 150 13.38 41.20 5.18
C HIS G 150 12.12 41.50 5.95
N THR G 151 11.54 42.65 5.72
CA THR G 151 10.28 43.07 6.28
C THR G 151 9.42 43.45 5.08
N SER G 152 8.11 43.44 5.25
CA SER G 152 7.25 44.12 4.29
C SER G 152 6.49 45.15 5.11
N ASN G 153 6.99 46.39 5.08
CA ASN G 153 6.68 47.48 6.01
C ASN G 153 7.38 47.24 7.35
N ALA G 155 6.18 44.77 9.09
CA ALA G 155 5.64 43.44 9.30
C ALA G 155 6.71 42.35 9.16
N ILE G 156 6.71 41.46 10.14
CA ILE G 156 7.75 40.43 10.26
C ILE G 156 7.43 39.29 9.29
N LYS G 157 8.45 38.82 8.56
CA LYS G 157 8.26 37.78 7.57
C LYS G 157 8.95 36.47 7.92
N ILE G 158 10.10 36.52 8.58
CA ILE G 158 10.82 35.32 9.01
C ILE G 158 10.28 34.92 10.39
N LEU G 159 9.31 34.00 10.42
CA LEU G 159 8.58 33.67 11.63
C LEU G 159 9.09 32.38 12.27
N LYS G 160 8.49 32.00 13.40
CA LYS G 160 8.77 30.70 13.97
C LYS G 160 8.04 29.60 13.20
N GLU G 161 6.75 29.82 12.92
CA GLU G 161 5.93 28.95 12.10
C GLU G 161 5.05 29.82 11.21
N CYS G 162 5.09 29.57 9.90
CA CYS G 162 4.26 30.34 8.97
C CYS G 162 2.79 30.25 9.36
N LYS G 163 2.08 31.35 9.15
CA LYS G 163 0.64 31.41 9.36
C LYS G 163 -0.13 31.50 8.06
N LEU G 164 0.50 31.97 6.99
CA LEU G 164 -0.16 32.02 5.69
C LEU G 164 -0.24 30.63 5.05
N PRO G 165 -1.25 30.40 4.14
CA PRO G 165 -1.31 29.15 3.38
C PRO G 165 0.03 28.71 2.84
N LEU G 166 0.38 27.46 3.11
CA LEU G 166 1.72 26.99 2.82
C LEU G 166 1.88 26.77 1.31
N THR G 167 3.12 26.93 0.86
CA THR G 167 3.54 26.52 -0.47
C THR G 167 4.18 25.13 -0.47
N ALA G 168 5.19 24.92 0.36
CA ALA G 168 5.67 23.58 0.64
C ALA G 168 6.12 23.54 2.09
N VAL G 169 6.24 22.33 2.64
CA VAL G 169 6.78 22.15 3.98
C VAL G 169 8.23 21.70 3.83
N GLY G 170 9.11 22.38 4.56
CA GLY G 170 10.48 21.94 4.68
C GLY G 170 11.28 21.98 3.41
N VAL G 171 11.18 23.07 2.65
CA VAL G 171 11.89 23.21 1.38
C VAL G 171 13.03 24.22 1.48
N VAL G 172 12.83 25.31 2.21
CA VAL G 172 13.72 26.46 2.08
C VAL G 172 15.09 26.13 2.64
N ASP G 173 16.13 26.35 1.84
CA ASP G 173 17.50 26.08 2.21
C ASP G 173 18.25 27.35 2.62
N LEU G 174 18.02 28.44 1.90
CA LEU G 174 18.66 29.73 2.11
C LEU G 174 17.59 30.80 2.14
N ILE G 175 17.73 31.74 3.06
CA ILE G 175 16.93 32.96 3.07
C ILE G 175 17.89 34.12 2.89
N ILE G 176 17.61 34.99 1.94
CA ILE G 176 18.52 36.10 1.62
C ILE G 176 17.72 37.38 1.64
N THR G 177 18.00 38.24 2.61
CA THR G 177 17.34 39.53 2.66
C THR G 177 18.36 40.65 2.45
N GLU G 178 17.88 41.90 2.58
CA GLU G 178 18.80 43.03 2.60
C GLU G 178 19.63 43.08 3.88
N LYS G 179 19.14 42.48 4.97
CA LYS G 179 19.79 42.47 6.27
C LYS G 179 20.77 41.31 6.46
N ALA G 180 20.38 40.10 6.02
CA ALA G 180 21.01 38.90 6.53
C ALA G 180 21.07 37.81 5.46
N VAL G 181 21.89 36.79 5.75
CA VAL G 181 21.83 35.50 5.07
C VAL G 181 21.55 34.44 6.14
N PHE G 182 20.35 33.88 6.11
CA PHE G 182 19.98 32.77 6.98
C PHE G 182 20.17 31.44 6.23
N GLU G 183 20.64 30.43 6.95
CA GLU G 183 20.66 29.07 6.44
C GLU G 183 19.68 28.25 7.26
N VAL G 184 18.87 27.43 6.58
CA VAL G 184 17.94 26.54 7.27
C VAL G 184 18.56 25.16 7.37
N THR G 185 18.70 24.68 8.59
CA THR G 185 19.26 23.38 8.94
C THR G 185 18.24 22.63 9.80
N ASP G 186 18.66 21.48 10.33
CA ASP G 186 17.78 20.72 11.21
C ASP G 186 17.67 21.36 12.58
N LYS G 187 18.79 21.89 13.08
CA LYS G 187 18.75 22.66 14.33
C LYS G 187 17.76 23.82 14.21
N GLY G 188 17.78 24.52 13.09
CA GLY G 188 16.87 25.61 12.81
C GLY G 188 17.57 26.66 11.97
N LEU G 189 17.17 27.91 12.19
CA LEU G 189 17.78 29.03 11.48
C LEU G 189 19.18 29.32 12.00
N VAL G 190 20.11 29.53 11.09
CA VAL G 190 21.49 29.87 11.46
C VAL G 190 21.89 31.12 10.67
N LEU G 191 22.02 32.23 11.36
CA LEU G 191 22.60 33.45 10.84
C LEU G 191 24.02 33.20 10.29
N LYS G 192 24.21 33.44 9.00
CA LYS G 192 25.50 33.14 8.37
C LYS G 192 26.22 34.37 7.84
N GLU G 193 25.53 35.48 7.60
CA GLU G 193 26.12 36.71 7.07
C GLU G 193 25.27 37.88 7.55
N ILE G 194 25.93 39.02 7.78
CA ILE G 194 25.24 40.30 7.95
C ILE G 194 25.84 41.31 6.99
N THR G 195 24.96 42.08 6.38
CA THR G 195 25.20 43.12 5.37
C THR G 195 25.44 44.45 6.07
N PRO G 196 26.30 45.28 5.49
CA PRO G 196 26.51 46.63 6.03
C PRO G 196 25.25 47.48 6.16
N TYR G 197 24.08 46.95 5.80
CA TYR G 197 22.83 47.69 5.96
C TYR G 197 22.10 47.26 7.23
N SER G 198 22.71 46.41 8.04
CA SER G 198 22.05 46.04 9.29
C SER G 198 23.08 45.57 10.31
N SER G 199 22.59 45.37 11.54
CA SER G 199 23.37 44.84 12.65
C SER G 199 22.52 43.80 13.37
N LEU G 200 23.19 42.82 14.01
CA LEU G 200 22.49 41.76 14.73
C LEU G 200 21.42 42.30 15.68
N GLU G 201 21.64 43.49 16.24
CA GLU G 201 20.62 44.16 17.03
C GLU G 201 19.37 44.44 16.19
N ASP G 202 19.56 44.84 14.92
CA ASP G 202 18.44 45.11 14.02
C ASP G 202 17.76 43.82 13.58
N ILE G 203 18.55 42.84 13.15
CA ILE G 203 18.02 41.56 12.74
C ILE G 203 17.19 40.94 13.86
N LYS G 204 17.62 41.12 15.12
CA LYS G 204 16.92 40.49 16.24
C LYS G 204 15.47 40.96 16.35
N ALA G 205 15.20 42.24 16.08
CA ALA G 205 13.87 42.79 16.28
C ALA G 205 13.04 42.84 15.01
N THR G 206 13.58 42.34 13.90
CA THR G 206 12.85 42.18 12.65
C THR G 206 12.71 40.71 12.26
N THR G 207 13.26 39.80 13.07
CA THR G 207 13.15 38.36 12.88
C THR G 207 12.42 37.77 14.07
N ALA G 208 11.30 37.07 13.83
CA ALA G 208 10.57 36.43 14.93
C ALA G 208 11.14 35.05 15.27
N ALA G 209 11.74 34.36 14.32
CA ALA G 209 12.27 33.04 14.61
C ALA G 209 13.50 33.15 15.51
N ASP G 210 13.58 32.27 16.51
CA ASP G 210 14.86 32.11 17.18
C ASP G 210 15.87 31.57 16.18
N PHE G 211 17.14 31.91 16.39
CA PHE G 211 18.18 31.43 15.49
C PHE G 211 19.50 31.46 16.25
N ILE G 212 20.51 30.81 15.66
CA ILE G 212 21.87 30.78 16.21
C ILE G 212 22.82 31.47 15.25
N ILE G 213 24.10 31.61 15.65
CA ILE G 213 25.08 32.41 14.94
C ILE G 213 26.31 31.55 14.64
N ALA G 214 26.89 31.72 13.45
CA ALA G 214 28.10 30.98 13.10
C ALA G 214 29.32 31.77 13.57
N ASP G 215 30.49 31.47 13.01
CA ASP G 215 31.73 32.21 13.30
C ASP G 215 32.02 33.30 12.24
N LYS H 10 -5.92 15.11 -45.21
CA LYS H 10 -6.68 15.39 -46.43
C LYS H 10 -8.19 15.58 -46.10
N GLN H 11 -8.81 14.50 -45.60
CA GLN H 11 -10.17 14.53 -45.08
C GLN H 11 -10.32 15.37 -43.80
N LYS H 12 -9.20 15.71 -43.13
CA LYS H 12 -9.28 16.21 -41.78
C LYS H 12 -9.44 17.74 -41.71
N ILE H 13 -8.79 18.48 -42.62
CA ILE H 13 -8.92 19.94 -42.68
C ILE H 13 -10.38 20.27 -42.95
N VAL H 14 -11.00 21.04 -42.03
CA VAL H 14 -12.41 21.35 -42.12
C VAL H 14 -12.65 22.82 -41.79
N SER H 15 -13.91 23.22 -41.93
CA SER H 15 -14.37 24.57 -41.62
C SER H 15 -14.37 24.77 -40.11
N MET H 16 -14.07 25.99 -39.69
CA MET H 16 -14.24 26.34 -38.28
C MET H 16 -15.67 26.08 -37.85
N GLU H 17 -16.62 26.33 -38.75
CA GLU H 17 -18.02 26.13 -38.39
C GLU H 17 -18.31 24.67 -38.09
N GLU H 18 -17.68 23.77 -38.84
CA GLU H 18 -17.84 22.34 -38.57
C GLU H 18 -17.02 21.90 -37.36
N ALA H 19 -15.81 22.45 -37.18
CA ALA H 19 -15.01 22.13 -36.01
C ALA H 19 -15.79 22.38 -34.72
N ILE H 20 -16.17 23.63 -34.47
CA ILE H 20 -16.78 23.98 -33.20
C ILE H 20 -18.14 23.32 -33.04
N SER H 21 -18.59 22.59 -34.07
CA SER H 21 -19.84 21.84 -33.97
C SER H 21 -19.75 20.71 -32.95
N HIS H 22 -18.52 20.33 -32.55
CA HIS H 22 -18.24 19.29 -31.56
C HIS H 22 -18.02 19.83 -30.15
N VAL H 23 -18.00 21.13 -29.97
CA VAL H 23 -17.94 21.74 -28.64
C VAL H 23 -19.36 22.09 -28.25
N LYS H 24 -19.86 21.47 -27.18
CA LYS H 24 -21.27 21.49 -26.82
C LYS H 24 -21.34 21.81 -25.33
N ASP H 25 -22.53 22.20 -24.87
CA ASP H 25 -22.64 22.74 -23.51
C ASP H 25 -22.29 21.69 -22.47
N GLY H 26 -21.67 22.14 -21.38
CA GLY H 26 -21.30 21.27 -20.27
C GLY H 26 -20.09 20.40 -20.51
N MET H 27 -19.52 20.41 -21.73
CA MET H 27 -18.36 19.59 -22.06
C MET H 27 -17.11 20.13 -21.37
N THR H 28 -16.25 19.21 -20.93
CA THR H 28 -14.94 19.55 -20.40
C THR H 28 -13.98 19.72 -21.57
N VAL H 29 -13.26 20.83 -21.59
CA VAL H 29 -12.42 21.14 -22.74
C VAL H 29 -11.01 21.41 -22.27
N HIS H 30 -10.05 20.72 -22.89
CA HIS H 30 -8.66 21.10 -22.79
C HIS H 30 -8.41 22.25 -23.75
N ILE H 31 -7.85 23.36 -23.25
CA ILE H 31 -7.34 24.41 -24.14
C ILE H 31 -5.84 24.60 -23.88
N GLY H 32 -5.06 24.55 -24.95
CA GLY H 32 -3.64 24.81 -24.85
C GLY H 32 -3.34 26.28 -24.65
N GLY H 33 -2.05 26.58 -24.46
CA GLY H 33 -1.65 27.96 -24.24
C GLY H 33 -1.04 28.29 -22.89
N PHE H 34 0.11 28.97 -22.89
CA PHE H 34 0.71 29.50 -21.67
C PHE H 34 0.64 31.02 -21.72
N ILE H 35 -0.25 31.60 -20.91
CA ILE H 35 -0.61 33.01 -21.02
C ILE H 35 -0.87 33.31 -22.50
N ALA H 36 -1.78 32.55 -23.09
CA ALA H 36 -2.19 32.68 -24.49
C ALA H 36 -1.09 32.45 -25.53
N CYS H 37 0.17 32.29 -25.11
CA CYS H 37 1.16 31.86 -26.09
C CYS H 37 0.95 30.39 -26.37
N GLY H 38 0.37 30.06 -27.51
CA GLY H 38 0.00 28.70 -27.82
C GLY H 38 -1.47 28.38 -27.67
N THR H 39 -2.33 29.39 -27.42
CA THR H 39 -3.77 29.23 -27.39
C THR H 39 -4.32 29.27 -28.81
N PRO H 40 -5.29 28.40 -29.15
CA PRO H 40 -5.95 28.52 -30.45
C PRO H 40 -6.92 29.71 -30.45
N GLU H 41 -6.42 30.91 -30.77
CA GLU H 41 -7.24 32.10 -30.54
C GLU H 41 -8.44 32.16 -31.47
N SER H 42 -8.30 31.68 -32.72
CA SER H 42 -9.44 31.71 -33.64
C SER H 42 -10.54 30.77 -33.19
N ILE H 43 -10.17 29.57 -32.74
CA ILE H 43 -11.16 28.72 -32.10
C ILE H 43 -11.81 29.45 -30.90
N ILE H 44 -11.01 30.14 -30.09
CA ILE H 44 -11.57 30.85 -28.95
C ILE H 44 -12.61 31.87 -29.43
N THR H 45 -12.35 32.54 -30.55
CA THR H 45 -13.27 33.57 -31.04
C THR H 45 -14.55 32.94 -31.55
N ALA H 46 -14.42 31.90 -32.40
CA ALA H 46 -15.57 31.16 -32.91
C ALA H 46 -16.48 30.67 -31.79
N LEU H 47 -15.90 30.15 -30.71
CA LEU H 47 -16.72 29.73 -29.58
C LEU H 47 -17.40 30.89 -28.90
N ILE H 48 -16.92 32.12 -29.11
CA ILE H 48 -17.60 33.26 -28.52
C ILE H 48 -18.82 33.67 -29.35
N GLU H 49 -18.74 33.59 -30.69
CA GLU H 49 -19.94 33.73 -31.51
C GLU H 49 -20.96 32.62 -31.19
N LYS H 50 -20.52 31.35 -31.16
CA LYS H 50 -21.48 30.25 -30.96
C LYS H 50 -22.16 30.32 -29.60
N GLY H 51 -21.50 30.88 -28.59
CA GLY H 51 -22.16 31.08 -27.31
C GLY H 51 -22.27 29.87 -26.41
N VAL H 52 -21.47 28.82 -26.67
CA VAL H 52 -21.42 27.59 -25.88
C VAL H 52 -21.31 27.88 -24.38
N LYS H 53 -22.32 27.46 -23.63
CA LYS H 53 -22.40 27.78 -22.21
C LYS H 53 -21.87 26.63 -21.34
N ASP H 54 -21.55 26.95 -20.09
CA ASP H 54 -21.41 25.98 -19.00
C ASP H 54 -20.17 25.12 -19.06
N LEU H 55 -19.16 25.50 -19.85
CA LEU H 55 -17.98 24.68 -20.03
C LEU H 55 -17.22 24.46 -18.72
N THR H 56 -16.42 23.40 -18.71
CA THR H 56 -15.32 23.24 -17.76
C THR H 56 -14.02 23.29 -18.56
N ILE H 57 -13.14 24.25 -18.23
CA ILE H 57 -11.90 24.46 -18.97
C ILE H 57 -10.76 23.93 -18.13
N VAL H 58 -9.93 23.09 -18.75
CA VAL H 58 -8.69 22.63 -18.16
C VAL H 58 -7.59 23.28 -18.96
N ALA H 59 -6.85 24.20 -18.34
CA ALA H 59 -5.78 24.89 -19.04
C ALA H 59 -4.72 25.27 -18.04
N ASN H 60 -3.55 25.68 -18.56
CA ASN H 60 -2.49 26.11 -17.66
C ASN H 60 -2.93 27.33 -16.86
N ASP H 61 -3.61 28.28 -17.52
CA ASP H 61 -4.04 29.53 -16.91
C ASP H 61 -5.37 29.95 -17.53
N THR H 62 -5.90 31.09 -17.09
CA THR H 62 -7.10 31.65 -17.68
C THR H 62 -6.80 32.88 -18.52
N GLY H 63 -5.59 32.96 -19.09
CA GLY H 63 -5.11 34.07 -19.93
C GLY H 63 -5.36 35.43 -19.32
N LEU H 64 -5.63 36.41 -20.18
CA LEU H 64 -5.99 37.76 -19.79
C LEU H 64 -7.47 37.99 -20.11
N ILE H 65 -8.08 38.98 -19.47
CA ILE H 65 -9.52 39.17 -19.69
C ILE H 65 -9.86 39.46 -21.15
N ASP H 66 -8.84 39.72 -21.98
CA ASP H 66 -9.01 40.04 -23.39
C ASP H 66 -8.14 39.18 -24.30
N LYS H 67 -7.43 38.18 -23.75
CA LYS H 67 -6.66 37.24 -24.58
C LYS H 67 -6.94 35.83 -24.09
N GLY H 68 -7.10 34.91 -25.05
CA GLY H 68 -7.09 33.48 -24.73
C GLY H 68 -8.32 33.02 -23.97
N ILE H 69 -8.09 32.09 -23.05
CA ILE H 69 -9.19 31.46 -22.33
C ILE H 69 -10.01 32.50 -21.57
N GLY H 70 -9.37 33.61 -21.18
CA GLY H 70 -10.08 34.59 -20.36
C GLY H 70 -11.28 35.19 -21.08
N ARG H 71 -11.21 35.28 -22.41
CA ARG H 71 -12.33 35.78 -23.18
C ARG H 71 -13.58 34.94 -22.95
N LEU H 72 -13.41 33.63 -22.71
CA LEU H 72 -14.56 32.79 -22.40
C LEU H 72 -15.05 33.04 -20.99
N VAL H 73 -14.13 33.30 -20.06
CA VAL H 73 -14.52 33.54 -18.67
C VAL H 73 -15.34 34.81 -18.57
N VAL H 74 -14.96 35.86 -19.33
CA VAL H 74 -15.67 37.13 -19.26
C VAL H 74 -17.04 37.01 -19.93
N ASN H 75 -17.11 36.28 -21.04
CA ASN H 75 -18.35 36.09 -21.78
C ASN H 75 -19.28 35.09 -21.12
N ASN H 76 -19.14 34.86 -19.81
CA ASN H 76 -20.00 33.96 -19.07
C ASN H 76 -20.24 32.63 -19.77
N GLN H 77 -19.17 32.02 -20.29
CA GLN H 77 -19.26 30.71 -20.94
C GLN H 77 -18.61 29.57 -20.13
N VAL H 78 -18.20 29.80 -18.87
CA VAL H 78 -17.36 28.86 -18.17
C VAL H 78 -17.94 28.62 -16.78
N LYS H 79 -18.28 27.35 -16.47
CA LYS H 79 -18.84 26.95 -15.18
C LYS H 79 -17.75 26.62 -14.16
N LYS H 80 -16.60 26.13 -14.62
CA LYS H 80 -15.54 25.64 -13.75
C LYS H 80 -14.21 25.74 -14.49
N VAL H 81 -13.15 26.01 -13.73
CA VAL H 81 -11.80 26.09 -14.25
C VAL H 81 -10.90 25.15 -13.44
N ILE H 82 -10.04 24.42 -14.14
CA ILE H 82 -8.98 23.65 -13.52
C ILE H 82 -7.71 24.19 -14.16
N ALA H 83 -6.90 24.92 -13.37
CA ALA H 83 -5.73 25.63 -13.88
C ALA H 83 -4.68 25.78 -12.79
N SER H 84 -3.47 26.16 -13.23
CA SER H 84 -2.39 26.41 -12.28
C SER H 84 -2.31 27.87 -11.85
N HIS H 85 -2.87 28.80 -12.64
CA HIS H 85 -2.63 30.21 -12.43
C HIS H 85 -3.81 31.02 -12.93
N ILE H 86 -4.32 31.93 -12.10
CA ILE H 86 -5.47 32.73 -12.50
C ILE H 86 -5.21 34.21 -12.28
N GLY H 87 -3.95 34.55 -12.01
CA GLY H 87 -3.57 35.88 -11.56
C GLY H 87 -3.60 36.97 -12.61
N THR H 88 -3.21 36.67 -13.85
CA THR H 88 -3.27 37.64 -14.92
C THR H 88 -4.68 37.86 -15.47
N ASN H 89 -5.70 37.29 -14.84
CA ASN H 89 -7.10 37.54 -15.19
C ASN H 89 -7.86 37.90 -13.93
N PRO H 90 -8.16 39.19 -13.73
CA PRO H 90 -9.00 39.61 -12.58
C PRO H 90 -10.44 39.14 -12.66
N GLU H 91 -10.92 38.77 -13.85
CA GLU H 91 -12.29 38.31 -13.96
C GLU H 91 -12.43 36.89 -13.41
N THR H 92 -11.41 36.03 -13.61
CA THR H 92 -11.40 34.73 -12.95
C THR H 92 -11.44 34.91 -11.44
N GLY H 93 -10.47 35.66 -10.90
CA GLY H 93 -10.47 35.95 -9.48
C GLY H 93 -11.81 36.45 -8.97
N ARG H 94 -12.47 37.33 -9.73
CA ARG H 94 -13.75 37.85 -9.27
C ARG H 94 -14.78 36.73 -9.17
N ARG H 95 -14.97 35.99 -10.26
CA ARG H 95 -16.00 34.97 -10.26
C ARG H 95 -15.71 33.88 -9.26
N MET H 96 -14.42 33.55 -9.05
CA MET H 96 -14.03 32.60 -8.02
C MET H 96 -14.60 33.00 -6.66
N GLN H 97 -14.35 34.24 -6.23
CA GLN H 97 -14.71 34.67 -4.89
C GLN H 97 -16.20 34.90 -4.72
N SER H 98 -16.90 35.20 -5.81
CA SER H 98 -18.35 35.36 -5.73
C SER H 98 -19.08 34.02 -5.70
N GLY H 99 -18.56 32.97 -6.36
CA GLY H 99 -19.26 31.71 -6.53
C GLY H 99 -19.75 31.46 -7.95
N GLU H 100 -19.86 32.52 -8.78
CA GLU H 100 -20.38 32.37 -10.13
C GLU H 100 -19.50 31.46 -11.00
N MET H 101 -18.25 31.21 -10.59
CA MET H 101 -17.38 30.25 -11.25
C MET H 101 -16.68 29.42 -10.19
N GLU H 102 -16.33 28.18 -10.54
CA GLU H 102 -15.60 27.26 -9.65
C GLU H 102 -14.18 27.12 -10.16
N VAL H 103 -13.22 27.09 -9.24
CA VAL H 103 -11.83 27.07 -9.67
C VAL H 103 -11.07 26.02 -8.85
N GLU H 104 -10.42 25.09 -9.56
CA GLU H 104 -9.49 24.13 -8.95
C GLU H 104 -8.09 24.58 -9.32
N LEU H 105 -7.30 24.95 -8.31
CA LEU H 105 -5.95 25.43 -8.52
C LEU H 105 -5.00 24.26 -8.37
N VAL H 106 -4.31 23.92 -9.46
CA VAL H 106 -3.54 22.70 -9.55
C VAL H 106 -2.08 23.05 -9.78
N PRO H 107 -1.16 22.57 -8.95
CA PRO H 107 0.26 22.79 -9.23
C PRO H 107 0.58 22.41 -10.67
N GLN H 108 1.41 23.22 -11.30
CA GLN H 108 1.54 23.17 -12.75
C GLN H 108 2.16 21.85 -13.21
N GLY H 109 3.23 21.40 -12.55
CA GLY H 109 3.74 20.07 -12.83
C GLY H 109 2.67 19.00 -12.61
N THR H 110 1.88 19.13 -11.54
CA THR H 110 0.84 18.15 -11.30
C THR H 110 -0.16 18.14 -12.45
N LEU H 111 -0.51 19.33 -12.96
CA LEU H 111 -1.51 19.43 -14.02
C LEU H 111 -1.00 18.82 -15.31
N ALA H 112 0.26 19.05 -15.66
CA ALA H 112 0.87 18.32 -16.76
C ALA H 112 0.72 16.82 -16.57
N GLU H 113 0.99 16.33 -15.36
CA GLU H 113 0.94 14.90 -15.11
C GLU H 113 -0.48 14.35 -15.13
N ARG H 114 -1.45 15.10 -14.61
CA ARG H 114 -2.82 14.60 -14.54
C ARG H 114 -3.46 14.57 -15.93
N VAL H 115 -3.16 15.57 -16.76
CA VAL H 115 -3.62 15.53 -18.14
C VAL H 115 -2.95 14.39 -18.87
N ARG H 116 -1.62 14.33 -18.78
CA ARG H 116 -0.88 13.22 -19.38
C ARG H 116 -1.45 11.87 -18.98
N ALA H 117 -1.92 11.74 -17.73
CA ALA H 117 -2.32 10.44 -17.23
C ALA H 117 -3.54 9.92 -17.98
N ALA H 118 -4.55 10.78 -18.15
CA ALA H 118 -5.71 10.39 -18.94
C ALA H 118 -5.33 10.07 -20.39
N GLY H 119 -4.33 10.77 -20.94
CA GLY H 119 -3.91 10.48 -22.31
C GLY H 119 -3.21 9.14 -22.44
N TYR H 120 -2.42 8.75 -21.42
CA TYR H 120 -1.52 7.62 -21.49
C TYR H 120 -2.08 6.37 -20.82
N GLY H 121 -3.34 6.39 -20.41
CA GLY H 121 -3.98 5.23 -19.84
C GLY H 121 -3.66 4.93 -18.39
N LEU H 122 -2.82 5.73 -17.73
CA LEU H 122 -2.57 5.57 -16.29
C LEU H 122 -3.78 5.96 -15.45
N GLY H 123 -3.92 5.31 -14.30
CA GLY H 123 -5.03 5.63 -13.43
C GLY H 123 -4.76 6.71 -12.41
N GLY H 124 -3.57 7.29 -12.43
CA GLY H 124 -3.15 8.30 -11.48
C GLY H 124 -1.64 8.31 -11.36
N ILE H 125 -1.12 9.40 -10.81
CA ILE H 125 0.30 9.50 -10.53
C ILE H 125 0.47 9.97 -9.09
N LEU H 126 1.65 9.69 -8.54
CA LEU H 126 2.05 10.09 -7.20
C LEU H 126 3.09 11.20 -7.27
N THR H 127 2.77 12.36 -6.72
CA THR H 127 3.72 13.46 -6.69
C THR H 127 3.99 13.94 -5.27
N PRO H 128 5.19 14.43 -4.97
CA PRO H 128 5.43 15.00 -3.65
C PRO H 128 4.95 16.43 -3.53
N THR H 129 4.60 17.03 -4.68
CA THR H 129 4.15 18.41 -4.79
C THR H 129 2.74 18.57 -4.21
N GLY H 130 2.63 19.39 -3.17
CA GLY H 130 1.37 19.60 -2.50
C GLY H 130 1.28 19.04 -1.09
N LEU H 131 2.19 18.15 -0.67
CA LEU H 131 2.09 17.60 0.68
C LEU H 131 2.25 18.73 1.69
N GLY H 132 1.25 18.91 2.55
CA GLY H 132 1.33 19.93 3.59
C GLY H 132 0.55 21.19 3.30
N THR H 133 -0.09 21.28 2.16
CA THR H 133 -0.72 22.47 1.66
C THR H 133 -2.18 22.17 1.45
N ILE H 134 -2.90 23.13 0.88
CA ILE H 134 -4.33 22.87 0.74
C ILE H 134 -4.60 21.95 -0.45
N VAL H 135 -3.64 21.78 -1.38
CA VAL H 135 -3.96 20.90 -2.50
C VAL H 135 -4.06 19.46 -2.03
N GLN H 136 -3.50 19.16 -0.85
CA GLN H 136 -3.63 17.83 -0.28
C GLN H 136 -5.06 17.49 0.13
N GLU H 137 -5.88 18.51 0.41
CA GLU H 137 -7.23 18.26 0.91
C GLU H 137 -8.04 17.39 -0.07
N GLY H 138 -8.60 16.29 0.44
CA GLY H 138 -9.43 15.40 -0.35
C GLY H 138 -8.69 14.48 -1.32
N LYS H 139 -7.46 14.06 -0.98
CA LYS H 139 -6.58 13.33 -1.89
C LYS H 139 -5.97 12.15 -1.15
N GLN H 140 -5.87 11.00 -1.82
CA GLN H 140 -5.22 9.86 -1.20
C GLN H 140 -3.74 10.17 -1.01
N ILE H 141 -3.22 9.94 0.19
CA ILE H 141 -1.78 9.98 0.42
C ILE H 141 -1.27 8.54 0.45
N ILE H 142 -0.49 8.18 -0.55
CA ILE H 142 0.12 6.87 -0.66
C ILE H 142 1.54 6.98 -0.15
N ASN H 143 2.00 5.99 0.60
CA ASN H 143 3.35 5.96 1.13
C ASN H 143 4.17 4.97 0.31
N VAL H 144 5.29 5.42 -0.25
CA VAL H 144 6.13 4.54 -1.05
C VAL H 144 7.49 4.57 -0.39
N ASP H 145 7.75 3.52 0.42
CA ASP H 145 9.03 3.26 1.06
C ASP H 145 9.38 4.36 2.06
N GLY H 146 8.38 4.72 2.89
CA GLY H 146 8.53 5.76 3.89
C GLY H 146 8.72 7.17 3.36
N LYS H 147 8.10 7.49 2.23
CA LYS H 147 7.93 8.89 1.82
C LYS H 147 6.51 8.98 1.33
N ASP H 148 5.80 10.02 1.73
CA ASP H 148 4.40 10.14 1.35
C ASP H 148 4.30 10.90 0.04
N TYR H 149 3.24 10.61 -0.70
CA TYR H 149 3.00 11.24 -1.98
C TYR H 149 1.51 11.50 -2.07
N LEU H 150 1.15 12.38 -2.97
CA LEU H 150 -0.23 12.70 -3.29
C LEU H 150 -0.64 11.90 -4.52
N LEU H 151 -1.69 11.11 -4.39
CA LEU H 151 -2.34 10.54 -5.56
C LEU H 151 -3.08 11.64 -6.31
N GLU H 152 -2.62 11.97 -7.50
CA GLU H 152 -3.32 12.89 -8.37
C GLU H 152 -3.91 12.12 -9.55
N LYS H 153 -5.24 12.39 -9.85
CA LYS H 153 -6.10 11.62 -10.71
C LYS H 153 -6.08 12.17 -12.13
N PRO H 154 -6.29 11.30 -13.11
CA PRO H 154 -6.29 11.73 -14.51
C PRO H 154 -7.47 12.62 -14.83
N ILE H 155 -7.27 13.47 -15.85
CA ILE H 155 -8.26 14.47 -16.27
C ILE H 155 -8.51 14.24 -17.76
N LYS H 156 -9.54 13.46 -18.12
CA LYS H 156 -9.89 13.34 -19.53
C LYS H 156 -10.84 14.48 -19.89
N ALA H 157 -10.73 14.96 -21.12
CA ALA H 157 -11.66 15.98 -21.60
C ALA H 157 -12.52 15.44 -22.72
N ASP H 158 -13.67 16.09 -22.91
CA ASP H 158 -14.52 15.79 -24.05
C ASP H 158 -13.88 16.25 -25.35
N VAL H 159 -13.44 17.50 -25.39
CA VAL H 159 -12.71 18.02 -26.54
C VAL H 159 -11.41 18.63 -26.06
N ALA H 160 -10.41 18.63 -26.93
CA ALA H 160 -9.21 19.41 -26.73
C ALA H 160 -9.13 20.41 -27.86
N LEU H 161 -8.86 21.66 -27.53
CA LEU H 161 -8.58 22.68 -28.53
C LEU H 161 -7.10 23.01 -28.40
N ILE H 162 -6.32 22.66 -29.43
CA ILE H 162 -4.88 22.86 -29.36
C ILE H 162 -4.42 23.68 -30.56
N PHE H 163 -3.16 24.16 -30.48
CA PHE H 163 -2.59 25.11 -31.44
C PHE H 163 -1.31 24.54 -32.00
N GLY H 164 -1.14 24.62 -33.31
CA GLY H 164 0.11 24.23 -33.93
C GLY H 164 0.60 25.32 -34.86
N THR H 165 1.90 25.56 -34.84
CA THR H 165 2.45 26.51 -35.80
C THR H 165 2.56 25.89 -37.20
N LYS H 166 2.55 24.57 -37.31
CA LYS H 166 2.60 23.87 -38.58
C LYS H 166 1.87 22.52 -38.41
N VAL H 167 0.75 22.34 -39.09
CA VAL H 167 0.06 21.06 -39.11
C VAL H 167 0.07 20.54 -40.54
N ASP H 168 0.48 19.29 -40.73
CA ASP H 168 0.38 18.73 -42.07
C ASP H 168 -1.02 18.19 -42.29
N GLU H 169 -1.30 17.77 -43.55
CA GLU H 169 -2.66 17.41 -43.93
C GLU H 169 -3.19 16.22 -43.17
N LEU H 170 -2.31 15.30 -42.76
CA LEU H 170 -2.75 14.12 -42.02
C LEU H 170 -3.12 14.44 -40.57
N GLY H 171 -2.60 15.53 -40.01
CA GLY H 171 -2.83 15.90 -38.63
C GLY H 171 -1.55 16.03 -37.80
N ASN H 172 -0.38 15.71 -38.34
CA ASN H 172 0.85 15.85 -37.59
C ASN H 172 1.08 17.30 -37.24
N VAL H 173 1.36 17.57 -35.96
CA VAL H 173 1.46 18.94 -35.46
C VAL H 173 2.87 19.26 -35.02
N ILE H 174 3.31 20.47 -35.33
CA ILE H 174 4.51 21.06 -34.76
C ILE H 174 4.11 22.31 -34.02
N CYS H 175 4.56 22.43 -32.76
CA CYS H 175 4.44 23.63 -31.95
C CYS H 175 5.84 24.18 -31.72
N GLU H 176 6.12 25.36 -32.23
CA GLU H 176 7.48 25.86 -32.20
C GLU H 176 7.76 26.66 -30.92
N LYS H 177 9.02 26.66 -30.50
CA LYS H 177 9.51 27.45 -29.35
C LYS H 177 8.65 27.11 -28.13
N THR H 178 8.08 28.08 -27.42
CA THR H 178 7.32 27.78 -26.22
C THR H 178 5.82 27.67 -26.47
N THR H 179 5.39 27.13 -27.62
CA THR H 179 3.96 26.96 -27.85
C THR H 179 3.48 25.55 -27.61
N LYS H 180 4.38 24.62 -27.32
CA LYS H 180 4.03 23.30 -26.78
C LYS H 180 3.85 23.48 -25.28
N ASN H 181 2.66 23.83 -24.84
CA ASN H 181 2.56 24.11 -23.42
C ASN H 181 2.00 22.89 -22.75
N PHE H 182 0.70 22.73 -22.93
CA PHE H 182 0.01 21.49 -22.64
C PHE H 182 -0.41 20.80 -23.94
N ASN H 183 -0.11 21.42 -25.09
CA ASN H 183 -0.67 20.98 -26.36
C ASN H 183 -0.36 19.52 -26.67
N PRO H 184 0.89 19.05 -26.62
CA PRO H 184 1.11 17.63 -26.89
C PRO H 184 0.47 16.74 -25.86
N LEU H 185 0.30 17.23 -24.63
CA LEU H 185 -0.36 16.46 -23.58
C LEU H 185 -1.88 16.40 -23.79
N MET H 186 -2.52 17.55 -23.92
CA MET H 186 -3.98 17.49 -23.97
C MET H 186 -4.48 16.94 -25.29
N ALA H 187 -3.65 16.95 -26.33
CA ALA H 187 -4.02 16.30 -27.59
C ALA H 187 -4.20 14.80 -27.40
N THR H 188 -3.58 14.23 -26.38
CA THR H 188 -3.73 12.80 -26.11
C THR H 188 -4.84 12.49 -25.12
N ALA H 189 -5.48 13.51 -24.52
CA ALA H 189 -6.31 13.33 -23.31
C ALA H 189 -7.74 13.79 -23.51
N ALA H 190 -8.23 13.80 -24.74
CA ALA H 190 -9.59 14.22 -25.01
C ALA H 190 -10.18 13.33 -26.08
N ASP H 191 -11.50 13.13 -26.02
CA ASP H 191 -12.16 12.28 -27.02
C ASP H 191 -12.03 12.89 -28.43
N VAL H 192 -12.30 14.18 -28.57
CA VAL H 192 -12.14 14.86 -29.86
C VAL H 192 -11.10 15.96 -29.72
N VAL H 193 -10.24 16.06 -30.72
CA VAL H 193 -9.08 16.94 -30.67
C VAL H 193 -9.11 17.81 -31.91
N ILE H 194 -9.18 19.12 -31.70
CA ILE H 194 -9.16 20.12 -32.77
C ILE H 194 -7.87 20.89 -32.65
N VAL H 195 -7.09 20.92 -33.73
CA VAL H 195 -5.88 21.72 -33.81
C VAL H 195 -6.14 22.92 -34.71
N GLU H 196 -5.87 24.13 -34.19
CA GLU H 196 -5.88 25.36 -34.97
C GLU H 196 -4.49 25.54 -35.57
N ALA H 197 -4.40 25.55 -36.89
CA ALA H 197 -3.10 25.56 -37.57
C ALA H 197 -2.77 26.97 -38.06
N LEU H 198 -1.59 27.45 -37.68
CA LEU H 198 -1.05 28.67 -38.23
C LEU H 198 -0.78 28.53 -39.71
N GLU H 199 -0.41 27.33 -40.13
CA GLU H 199 -0.05 27.00 -41.49
C GLU H 199 -0.33 25.50 -41.66
N ILE H 200 -0.68 25.11 -42.88
CA ILE H 200 -1.05 23.73 -43.19
C ILE H 200 -0.12 23.26 -44.29
N VAL H 201 0.85 22.43 -43.95
CA VAL H 201 1.83 21.95 -44.94
C VAL H 201 1.32 20.65 -45.52
N PRO H 202 1.91 20.14 -46.61
CA PRO H 202 1.40 18.89 -47.21
C PRO H 202 1.73 17.64 -46.39
N ALA H 203 0.79 16.69 -46.44
CA ALA H 203 0.96 15.36 -45.85
C ALA H 203 2.34 14.80 -46.14
N GLY H 204 3.12 14.54 -45.09
CA GLY H 204 4.48 14.04 -45.22
C GLY H 204 5.56 15.10 -45.28
N SER H 205 5.18 16.35 -45.62
CA SER H 205 6.13 17.47 -45.65
C SER H 205 7.01 17.51 -44.40
N LEU H 206 6.45 17.15 -43.25
CA LEU H 206 7.13 17.28 -41.96
C LEU H 206 7.84 15.98 -41.63
N SER H 207 9.03 16.13 -41.02
CA SER H 207 9.94 15.03 -40.74
C SER H 207 9.49 14.23 -39.52
N PRO H 208 9.67 12.90 -39.55
CA PRO H 208 9.23 12.08 -38.41
C PRO H 208 9.94 12.43 -37.10
N GLU H 209 11.13 13.01 -37.17
CA GLU H 209 11.87 13.41 -35.97
C GLU H 209 11.36 14.72 -35.37
N HIS H 210 10.85 15.63 -36.20
CA HIS H 210 10.57 17.00 -35.77
C HIS H 210 9.13 17.20 -35.36
N LEU H 211 8.41 16.13 -35.04
CA LEU H 211 7.01 16.32 -34.71
C LEU H 211 6.82 16.49 -33.20
N ASP H 212 5.69 17.09 -32.84
CA ASP H 212 5.32 17.26 -31.44
C ASP H 212 4.03 16.54 -31.07
N ILE H 213 3.07 16.43 -32.00
CA ILE H 213 1.84 15.67 -31.81
C ILE H 213 1.66 14.80 -33.04
N SER H 214 1.28 13.55 -32.85
CA SER H 214 1.09 12.68 -34.01
C SER H 214 -0.31 12.84 -34.57
N ARG H 215 -0.42 12.73 -35.90
CA ARG H 215 -1.68 12.67 -36.62
C ARG H 215 -2.72 11.83 -35.87
N ILE H 216 -2.32 10.68 -35.30
CA ILE H 216 -3.30 9.78 -34.72
C ILE H 216 -4.06 10.37 -33.54
N PHE H 217 -3.62 11.50 -33.00
CA PHE H 217 -4.40 12.17 -31.96
C PHE H 217 -5.37 13.20 -32.52
N ILE H 218 -5.02 13.82 -33.66
CA ILE H 218 -5.77 14.93 -34.24
C ILE H 218 -7.01 14.41 -34.97
N ASP H 219 -8.18 14.94 -34.62
CA ASP H 219 -9.39 14.65 -35.39
C ASP H 219 -9.66 15.69 -36.48
N TYR H 220 -9.52 16.98 -36.17
CA TYR H 220 -9.87 18.03 -37.11
C TYR H 220 -8.81 19.11 -37.14
N ILE H 221 -8.48 19.57 -38.35
CA ILE H 221 -7.59 20.70 -38.57
C ILE H 221 -8.43 21.92 -38.97
N VAL H 222 -8.08 23.09 -38.42
CA VAL H 222 -8.63 24.36 -38.88
C VAL H 222 -7.48 25.31 -39.16
N LYS H 223 -7.65 26.15 -40.18
CA LYS H 223 -6.67 27.21 -40.45
C LYS H 223 -7.06 28.41 -39.59
N SER H 224 -6.05 29.07 -39.01
CA SER H 224 -6.27 30.23 -38.16
C SER H 224 -6.81 31.37 -39.01
N LYS H 225 -7.98 31.86 -38.62
CA LYS H 225 -8.61 32.98 -39.29
C LYS H 225 -8.09 34.27 -38.65
#